data_1GQI
#
_entry.id   1GQI
#
_cell.length_a   69.912
_cell.length_b   74.682
_cell.length_c   87.587
_cell.angle_alpha   115.18
_cell.angle_beta   93.14
_cell.angle_gamma   109.33
#
_symmetry.space_group_name_H-M   'P 1'
#
loop_
_entity.id
_entity.type
_entity.pdbx_description
1 polymer ALPHA-GLUCURONIDASE
2 non-polymer 1,2-ETHANEDIOL
3 non-polymer 'COBALT (II) ION'
4 non-polymer 'MAGNESIUM ION'
5 water water
#
_entity_poly.entity_id   1
_entity_poly.type   'polypeptide(L)'
_entity_poly.pdbx_seq_one_letter_code
;EDGYDMWLRYQPIADQTLLKTYQKQIRHLHVAGDSPTINAAAAELQRGLSGLLNKPIVARDEKLKDYSLVIGTPDNSPLI
ASLNLGERLQALGAEGYLLEQTRINKRHVVIVAANSDVGVLYGSFHLLRLIQTQHALEKLSLSSAPRLQHRVVNHWDNLN
RVVERGYAGLSLWDWGSLPNYLAPRYTDYARINASLGINGTVINNVNADPRVLSDQFLQKIAALADAFRPYGIKMYLSIN
FNSPRAFGDVDTADPLDPRVQQWWKTRAQKIYSYIPDFGGFLVKADSEGQPGPQGYGRDHAEGANMLAAALKPFGGVVFW
RAFVYHPDIEDRFRGAYDEFMPLDGKFADNVILQIKNGPIDFQPREPFSALFAGMSRTNMMMEFQITQEYFGFATHLAYQ
GPLFEESLKTETHARGEGSTIGNILEGKVFKTRHTGMAGVINPGTDRNWTGHPFVQSSWYAFGRMAWDHQISAATAADEW
LRMTFSNQPAFIEPVKQMMLVSREAGVNYRSPLGLTHLYSQGDHYGPAPWTDDLPRADWTAVYYHRASKTGIGFNRTKTG
SNALAQYPEPIAKAWGDLNSVPEDLILWFHHLSWDHRMQSGRNLWQELVHKYYQGVEQVRAMQRTWDQQEAYVDAARFAQ
VKALLQVQEREAVRWRNSCVLYFQSVAGRPIPANYEQPEHDLEYYKMLARTTYVPEPWHPASSSRVLK
;
_entity_poly.pdbx_strand_id   A,B
#
# COMPACT_ATOMS: atom_id res chain seq x y z
N GLU A 1 12.16 -1.56 15.75
CA GLU A 1 12.13 -0.32 14.96
C GLU A 1 11.66 -0.61 13.55
N ASP A 2 10.41 -0.31 13.31
CA ASP A 2 9.87 -0.41 11.97
C ASP A 2 9.59 0.92 11.31
N GLY A 3 10.09 2.01 11.90
CA GLY A 3 9.98 3.30 11.27
C GLY A 3 8.67 4.03 11.37
N TYR A 4 7.66 3.42 11.95
CA TYR A 4 6.35 4.06 12.01
C TYR A 4 6.41 5.37 12.80
N ASP A 5 7.25 5.42 13.81
CA ASP A 5 7.33 6.64 14.61
C ASP A 5 8.18 7.75 13.98
N MET A 6 8.89 7.40 12.91
CA MET A 6 9.80 8.34 12.25
C MET A 6 10.78 8.90 13.28
N TRP A 7 10.89 10.22 13.41
CA TRP A 7 11.82 10.87 14.34
C TRP A 7 11.24 11.14 15.69
N LEU A 8 10.00 10.73 15.93
CA LEU A 8 9.36 10.95 17.23
C LEU A 8 9.43 9.66 18.04
N ARG A 9 10.66 9.22 18.28
CA ARG A 9 10.94 8.02 19.02
C ARG A 9 11.25 8.40 20.48
N TYR A 10 10.32 8.10 21.33
CA TYR A 10 10.45 8.51 22.72
C TYR A 10 10.91 7.35 23.58
N GLN A 11 12.16 6.99 23.38
CA GLN A 11 12.81 5.92 24.10
C GLN A 11 13.70 6.53 25.16
N PRO A 12 13.92 5.79 26.26
CA PRO A 12 14.70 6.36 27.35
C PRO A 12 16.09 6.80 26.92
N ILE A 13 16.46 7.97 27.40
CA ILE A 13 17.76 8.55 27.10
C ILE A 13 18.82 7.55 27.54
N ALA A 14 19.73 7.21 26.61
CA ALA A 14 20.72 6.15 26.84
C ALA A 14 21.89 6.56 27.72
N ASP A 15 22.25 7.83 27.69
CA ASP A 15 23.31 8.32 28.56
C ASP A 15 22.71 8.43 29.94
N GLN A 16 23.10 7.56 30.86
CA GLN A 16 22.51 7.53 32.20
C GLN A 16 22.77 8.82 33.02
N THR A 17 23.93 9.45 32.84
CA THR A 17 24.18 10.69 33.55
C THR A 17 23.25 11.80 33.06
N LEU A 18 23.06 11.88 31.74
CA LEU A 18 22.20 12.93 31.19
C LEU A 18 20.76 12.64 31.57
N LEU A 19 20.36 11.37 31.55
CA LEU A 19 19.00 10.98 31.93
C LEU A 19 18.65 11.44 33.33
N LYS A 20 19.58 11.23 34.25
CA LYS A 20 19.36 11.64 35.62
C LYS A 20 19.19 13.14 35.70
N THR A 21 19.93 13.88 34.93
CA THR A 21 19.79 15.31 34.95
C THR A 21 18.39 15.74 34.46
N TYR A 22 17.92 15.16 33.34
CA TYR A 22 16.60 15.49 32.85
C TYR A 22 15.53 15.11 33.86
N GLN A 23 15.71 13.95 34.50
CA GLN A 23 14.76 13.49 35.53
C GLN A 23 14.66 14.44 36.73
N LYS A 24 15.77 15.05 37.10
CA LYS A 24 15.80 16.03 38.19
C LYS A 24 15.17 17.32 37.75
N GLN A 25 15.28 17.68 36.47
CA GLN A 25 14.76 18.98 36.02
C GLN A 25 13.27 18.96 35.72
N ILE A 26 12.78 17.88 35.15
CA ILE A 26 11.38 17.78 34.79
C ILE A 26 10.68 16.66 35.53
N ARG A 27 10.12 17.00 36.69
CA ARG A 27 9.44 16.04 37.52
C ARG A 27 7.93 16.06 37.39
N HIS A 28 7.41 17.17 36.85
CA HIS A 28 5.97 17.39 36.68
C HIS A 28 5.74 18.20 35.39
N LEU A 29 4.51 18.07 34.89
CA LEU A 29 4.08 18.72 33.66
C LEU A 29 2.81 19.48 34.00
N HIS A 30 2.90 20.80 33.94
CA HIS A 30 1.82 21.71 34.30
C HIS A 30 1.18 22.34 33.06
N VAL A 31 -0.10 22.08 32.86
CA VAL A 31 -0.82 22.61 31.71
C VAL A 31 -2.17 23.16 32.19
N ALA A 32 -2.33 24.48 32.17
CA ALA A 32 -3.57 25.10 32.62
C ALA A 32 -4.64 25.12 31.53
N GLY A 33 -4.19 25.23 30.27
CA GLY A 33 -5.13 25.35 29.15
C GLY A 33 -5.82 24.05 28.77
N ASP A 34 -6.88 24.13 27.98
CA ASP A 34 -7.64 22.95 27.61
C ASP A 34 -8.27 23.00 26.21
N SER A 35 -7.78 23.88 25.37
CA SER A 35 -8.20 23.90 23.96
C SER A 35 -7.71 22.65 23.28
N PRO A 36 -8.29 22.29 22.13
CA PRO A 36 -7.80 21.11 21.42
C PRO A 36 -6.29 21.19 21.12
N THR A 37 -5.77 22.36 20.76
CA THR A 37 -4.34 22.43 20.44
C THR A 37 -3.48 22.28 21.70
N ILE A 38 -3.88 22.91 22.80
CA ILE A 38 -3.13 22.73 24.05
C ILE A 38 -3.21 21.27 24.49
N ASN A 39 -4.38 20.65 24.36
CA ASN A 39 -4.53 19.27 24.72
C ASN A 39 -3.60 18.37 23.88
N ALA A 40 -3.43 18.72 22.60
CA ALA A 40 -2.52 17.95 21.73
C ALA A 40 -1.06 18.11 22.19
N ALA A 41 -0.71 19.34 22.59
CA ALA A 41 0.63 19.61 23.11
C ALA A 41 0.86 18.82 24.40
N ALA A 42 -0.12 18.85 25.28
CA ALA A 42 -0.02 18.14 26.54
C ALA A 42 0.12 16.67 26.33
N ALA A 43 -0.65 16.11 25.40
CA ALA A 43 -0.61 14.68 25.09
C ALA A 43 0.79 14.29 24.55
N GLU A 44 1.35 15.18 23.73
CA GLU A 44 2.67 14.92 23.12
C GLU A 44 3.73 14.94 24.19
N LEU A 45 3.64 15.93 25.08
CA LEU A 45 4.60 16.02 26.18
C LEU A 45 4.45 14.87 27.16
N GLN A 46 3.24 14.44 27.41
CA GLN A 46 3.05 13.32 28.34
C GLN A 46 3.71 12.04 27.78
N ARG A 47 3.42 11.74 26.54
CA ARG A 47 3.98 10.54 25.96
C ARG A 47 5.50 10.68 25.74
N GLY A 48 5.93 11.87 25.34
CA GLY A 48 7.33 12.07 25.00
C GLY A 48 8.20 12.09 26.24
N LEU A 49 7.83 12.92 27.23
CA LEU A 49 8.59 12.97 28.47
C LEU A 49 8.57 11.63 29.19
N SER A 50 7.44 10.96 29.19
CA SER A 50 7.33 9.68 29.90
C SER A 50 8.27 8.68 29.29
N GLY A 51 8.35 8.67 27.97
CA GLY A 51 9.19 7.75 27.25
C GLY A 51 10.66 8.09 27.38
N LEU A 52 11.02 9.32 27.13
CA LEU A 52 12.41 9.73 27.17
C LEU A 52 13.00 9.70 28.57
N LEU A 53 12.17 9.99 29.57
CA LEU A 53 12.67 10.04 30.94
C LEU A 53 12.42 8.73 31.70
N ASN A 54 11.76 7.80 31.07
CA ASN A 54 11.47 6.50 31.67
C ASN A 54 10.76 6.59 32.99
N LYS A 55 9.77 7.48 33.05
CA LYS A 55 8.89 7.55 34.22
C LYS A 55 7.59 8.21 33.88
N PRO A 56 6.55 7.95 34.65
CA PRO A 56 5.23 8.46 34.29
C PRO A 56 5.11 9.95 34.56
N ILE A 57 4.97 10.72 33.49
CA ILE A 57 4.77 12.14 33.61
C ILE A 57 3.39 12.40 33.05
N VAL A 58 2.50 12.98 33.84
CA VAL A 58 1.12 13.19 33.46
C VAL A 58 0.83 14.66 33.51
N ALA A 59 0.24 15.19 32.44
CA ALA A 59 -0.15 16.57 32.39
C ALA A 59 -1.24 16.83 33.42
N ARG A 60 -1.04 17.84 34.24
CA ARG A 60 -2.00 18.24 35.29
C ARG A 60 -2.17 19.71 35.38
N ASP A 61 -3.36 20.13 35.82
CA ASP A 61 -3.67 21.52 36.13
C ASP A 61 -3.86 21.50 37.63
N GLU A 62 -2.78 21.76 38.35
CA GLU A 62 -2.77 21.71 39.80
C GLU A 62 -1.82 22.78 40.29
N LYS A 63 -1.83 22.97 41.61
CA LYS A 63 -0.94 23.94 42.19
C LYS A 63 0.50 23.60 41.79
N LEU A 64 1.22 24.62 41.33
CA LEU A 64 2.56 24.43 40.78
C LEU A 64 3.50 23.75 41.75
N LYS A 65 4.16 22.72 41.25
CA LYS A 65 5.18 21.98 42.03
C LYS A 65 6.60 22.33 41.57
N ASP A 66 7.55 22.18 42.47
CA ASP A 66 8.96 22.42 42.14
C ASP A 66 9.43 21.44 41.04
N TYR A 67 10.19 21.98 40.10
CA TYR A 67 10.74 21.20 39.00
C TYR A 67 9.70 20.72 38.01
N SER A 68 8.99 21.70 37.47
CA SER A 68 7.93 21.45 36.51
C SER A 68 8.28 22.03 35.15
N LEU A 69 7.69 21.39 34.15
CA LEU A 69 7.63 21.97 32.81
C LEU A 69 6.26 22.67 32.77
N VAL A 70 6.22 23.97 32.50
CA VAL A 70 4.98 24.72 32.52
C VAL A 70 4.74 25.26 31.12
N ILE A 71 3.57 24.95 30.52
CA ILE A 71 3.32 25.39 29.17
C ILE A 71 2.08 26.23 29.04
N GLY A 72 2.09 27.15 28.09
CA GLY A 72 0.92 27.96 27.87
C GLY A 72 1.20 29.33 27.26
N THR A 73 0.13 30.10 27.09
CA THR A 73 0.20 31.49 26.67
C THR A 73 -0.24 32.36 27.86
N PRO A 74 0.07 33.65 27.84
CA PRO A 74 -0.45 34.51 28.91
C PRO A 74 -1.98 34.45 29.03
N ASP A 75 -2.67 34.17 27.94
CA ASP A 75 -4.13 34.10 27.93
C ASP A 75 -4.69 32.84 28.56
N ASN A 76 -3.95 31.73 28.55
CA ASN A 76 -4.48 30.50 29.13
C ASN A 76 -3.72 29.93 30.33
N SER A 77 -2.62 30.56 30.71
CA SER A 77 -1.85 30.08 31.86
C SER A 77 -1.46 31.24 32.77
N PRO A 78 -2.19 31.41 33.87
CA PRO A 78 -1.87 32.47 34.83
C PRO A 78 -0.42 32.45 35.28
N LEU A 79 0.18 31.26 35.37
CA LEU A 79 1.60 31.15 35.74
C LEU A 79 2.49 31.84 34.71
N ILE A 80 2.25 31.55 33.43
CA ILE A 80 3.02 32.19 32.38
C ILE A 80 2.78 33.71 32.36
N ALA A 81 1.52 34.13 32.51
CA ALA A 81 1.21 35.56 32.53
C ALA A 81 1.92 36.29 33.68
N SER A 82 2.09 35.60 34.79
CA SER A 82 2.73 36.21 35.95
C SER A 82 4.19 36.56 35.74
N LEU A 83 4.82 35.96 34.74
CA LEU A 83 6.20 36.28 34.45
C LEU A 83 6.36 37.60 33.74
N ASN A 84 5.27 38.19 33.25
CA ASN A 84 5.32 39.47 32.54
C ASN A 84 6.41 39.50 31.49
N LEU A 85 6.37 38.53 30.58
CA LEU A 85 7.44 38.38 29.62
C LEU A 85 7.46 39.52 28.61
N GLY A 86 6.30 40.16 28.47
CA GLY A 86 6.18 41.36 27.66
C GLY A 86 6.64 41.29 26.23
N GLU A 87 7.34 42.33 25.83
CA GLU A 87 7.81 42.51 24.47
C GLU A 87 8.61 41.33 23.92
N ARG A 88 9.41 40.71 24.78
CA ARG A 88 10.29 39.61 24.41
C ARG A 88 9.45 38.48 23.86
N LEU A 89 8.34 38.21 24.51
CA LEU A 89 7.45 37.13 24.07
C LEU A 89 6.64 37.59 22.88
N GLN A 90 6.09 38.79 22.97
CA GLN A 90 5.24 39.32 21.93
C GLN A 90 5.89 39.39 20.57
N ALA A 91 7.18 39.69 20.53
CA ALA A 91 7.93 39.80 19.30
C ALA A 91 8.00 38.50 18.51
N LEU A 92 7.68 37.39 19.15
CA LEU A 92 7.75 36.07 18.52
C LEU A 92 6.52 35.76 17.69
N GLY A 93 5.55 36.64 17.69
CA GLY A 93 4.44 36.50 16.79
C GLY A 93 3.47 35.39 17.03
N ALA A 94 2.68 35.10 16.00
CA ALA A 94 1.59 34.17 16.12
C ALA A 94 1.94 32.69 16.12
N GLU A 95 3.18 32.33 15.79
CA GLU A 95 3.58 30.92 15.78
C GLU A 95 4.87 30.66 16.55
N GLY A 96 5.50 31.70 17.08
CA GLY A 96 6.74 31.55 17.82
C GLY A 96 6.59 31.20 19.29
N TYR A 97 7.73 30.95 19.94
CA TYR A 97 7.72 30.48 21.33
C TYR A 97 9.05 30.76 21.99
N LEU A 98 9.01 30.72 23.32
CA LEU A 98 10.15 30.85 24.19
C LEU A 98 10.25 29.63 25.08
N LEU A 99 11.44 29.04 25.13
CA LEU A 99 11.76 27.96 26.01
C LEU A 99 12.76 28.49 27.00
N GLU A 100 12.44 28.43 28.29
CA GLU A 100 13.34 29.06 29.27
C GLU A 100 13.27 28.44 30.67
N GLN A 101 14.45 28.13 31.20
CA GLN A 101 14.57 27.74 32.60
C GLN A 101 14.47 29.02 33.46
N THR A 102 13.56 29.02 34.43
CA THR A 102 13.31 30.22 35.23
C THR A 102 12.69 29.82 36.55
N ARG A 103 12.09 30.78 37.24
CA ARG A 103 11.43 30.50 38.50
C ARG A 103 10.06 31.14 38.49
N ILE A 104 9.09 30.47 39.09
CA ILE A 104 7.76 31.05 39.28
C ILE A 104 7.36 30.75 40.71
N ASN A 105 7.13 31.81 41.47
CA ASN A 105 6.77 31.67 42.88
C ASN A 105 7.76 30.76 43.62
N LYS A 106 9.05 30.97 43.36
CA LYS A 106 10.16 30.24 43.99
C LYS A 106 10.31 28.78 43.53
N ARG A 107 9.40 28.31 42.69
CA ARG A 107 9.51 26.99 42.11
C ARG A 107 10.43 27.02 40.90
N HIS A 108 11.25 25.99 40.78
CA HIS A 108 12.10 25.80 39.61
C HIS A 108 11.22 25.30 38.49
N VAL A 109 11.29 25.98 37.36
CA VAL A 109 10.50 25.55 36.17
C VAL A 109 11.26 25.72 34.88
N VAL A 110 10.75 25.05 33.84
CA VAL A 110 11.17 25.31 32.48
C VAL A 110 9.85 25.63 31.81
N ILE A 111 9.78 26.77 31.13
CA ILE A 111 8.55 27.17 30.46
C ILE A 111 8.61 26.95 28.97
N VAL A 112 7.42 26.63 28.43
CA VAL A 112 7.18 26.68 27.00
C VAL A 112 6.08 27.73 26.88
N ALA A 113 6.48 28.93 26.50
CA ALA A 113 5.58 30.07 26.42
C ALA A 113 5.41 30.56 25.01
N ALA A 114 4.21 31.00 24.67
CA ALA A 114 3.96 31.49 23.33
C ALA A 114 2.81 32.49 23.39
N ASN A 115 2.52 33.10 22.26
CA ASN A 115 1.41 34.00 22.13
C ASN A 115 0.14 33.26 21.77
N SER A 116 0.27 32.17 21.00
CA SER A 116 -0.87 31.39 20.57
C SER A 116 -0.75 29.93 20.98
N ASP A 117 -1.85 29.20 20.96
CA ASP A 117 -1.81 27.80 21.31
C ASP A 117 -0.92 26.98 20.35
N VAL A 118 -0.96 27.30 19.05
CA VAL A 118 -0.11 26.55 18.14
C VAL A 118 1.38 26.83 18.43
N GLY A 119 1.71 28.06 18.85
CA GLY A 119 3.07 28.34 19.25
C GLY A 119 3.47 27.47 20.43
N VAL A 120 2.55 27.24 21.39
CA VAL A 120 2.84 26.29 22.48
C VAL A 120 3.11 24.88 21.91
N LEU A 121 2.31 24.46 20.95
CA LEU A 121 2.51 23.16 20.35
C LEU A 121 3.92 23.07 19.70
N TYR A 122 4.26 24.05 18.87
CA TYR A 122 5.57 24.05 18.22
C TYR A 122 6.70 24.04 19.25
N GLY A 123 6.56 24.86 20.28
CA GLY A 123 7.56 24.94 21.32
C GLY A 123 7.70 23.63 22.07
N SER A 124 6.57 22.96 22.29
CA SER A 124 6.55 21.68 23.00
C SER A 124 7.35 20.64 22.21
N PHE A 125 7.14 20.60 20.89
CA PHE A 125 7.93 19.71 20.04
C PHE A 125 9.41 20.08 20.08
N HIS A 126 9.74 21.37 20.11
CA HIS A 126 11.16 21.75 20.21
C HIS A 126 11.73 21.30 21.55
N LEU A 127 10.97 21.48 22.62
CA LEU A 127 11.46 21.06 23.92
C LEU A 127 11.78 19.57 23.90
N LEU A 128 10.85 18.77 23.34
CA LEU A 128 11.12 17.34 23.22
C LEU A 128 12.38 17.08 22.36
N ARG A 129 12.50 17.78 21.24
CA ARG A 129 13.66 17.65 20.38
C ARG A 129 14.96 17.93 21.13
N LEU A 130 14.96 18.89 22.05
CA LEU A 130 16.18 19.15 22.80
C LEU A 130 16.57 17.93 23.61
N ILE A 131 15.59 17.29 24.22
CA ILE A 131 15.85 16.06 25.01
C ILE A 131 16.27 14.92 24.11
N GLN A 132 15.53 14.73 23.02
CA GLN A 132 15.85 13.66 22.09
C GLN A 132 17.26 13.76 21.51
N THR A 133 17.76 14.97 21.36
CA THR A 133 19.09 15.22 20.80
C THR A 133 20.15 15.48 21.87
N GLN A 134 19.78 15.21 23.14
CA GLN A 134 20.71 15.24 24.25
C GLN A 134 21.32 16.64 24.50
N HIS A 135 20.51 17.67 24.35
CA HIS A 135 20.91 19.04 24.69
C HIS A 135 20.52 19.33 26.15
N ALA A 136 21.38 20.08 26.82
CA ALA A 136 21.15 20.43 28.21
C ALA A 136 20.07 21.47 28.36
N LEU A 137 19.30 21.32 29.45
CA LEU A 137 18.30 22.30 29.78
C LEU A 137 18.80 23.35 30.78
N GLU A 138 19.92 23.10 31.45
CA GLU A 138 20.35 24.08 32.44
C GLU A 138 20.67 25.41 31.75
N LYS A 139 20.11 26.49 32.28
CA LYS A 139 20.29 27.83 31.73
C LYS A 139 19.63 28.01 30.36
N LEU A 140 18.72 27.11 30.02
CA LEU A 140 18.03 27.25 28.73
C LEU A 140 17.32 28.59 28.60
N SER A 141 17.55 29.27 27.48
CA SER A 141 16.81 30.47 27.11
C SER A 141 16.90 30.61 25.62
N LEU A 142 15.88 30.14 24.93
CA LEU A 142 15.91 30.17 23.49
C LEU A 142 14.55 30.44 22.95
N SER A 143 14.48 31.27 21.93
CA SER A 143 13.21 31.61 21.32
C SER A 143 13.32 31.32 19.84
N SER A 144 12.18 31.08 19.22
CA SER A 144 12.18 30.88 17.79
C SER A 144 10.84 31.25 17.21
N ALA A 145 10.84 31.68 15.95
CA ALA A 145 9.62 31.98 15.19
C ALA A 145 9.90 31.57 13.75
N PRO A 146 8.89 31.11 13.04
CA PRO A 146 9.11 30.69 11.65
C PRO A 146 9.37 31.87 10.77
N ARG A 147 10.17 31.66 9.76
CA ARG A 147 10.58 32.70 8.81
C ARG A 147 9.73 32.75 7.54
N LEU A 148 8.85 31.77 7.36
CA LEU A 148 7.91 31.69 6.25
C LEU A 148 6.51 31.44 6.78
N GLN A 149 5.53 32.02 6.14
CA GLN A 149 4.16 31.94 6.62
C GLN A 149 3.46 30.60 6.31
N HIS A 150 3.60 30.14 5.07
CA HIS A 150 2.92 28.92 4.59
C HIS A 150 3.97 27.87 4.44
N ARG A 151 3.94 26.89 5.33
CA ARG A 151 4.96 25.83 5.37
C ARG A 151 4.20 24.55 5.12
N VAL A 152 4.17 24.16 3.85
CA VAL A 152 3.20 23.20 3.40
C VAL A 152 3.81 21.98 2.74
N VAL A 153 3.09 20.87 2.87
CA VAL A 153 3.45 19.68 2.16
C VAL A 153 2.44 19.45 1.01
N ASN A 154 2.89 18.79 -0.07
CA ASN A 154 2.05 18.45 -1.20
C ASN A 154 2.10 16.92 -1.40
N HIS A 155 0.93 16.34 -1.68
CA HIS A 155 0.76 14.92 -1.97
C HIS A 155 0.19 14.78 -3.37
N TRP A 156 0.91 14.09 -4.26
CA TRP A 156 0.38 13.89 -5.61
C TRP A 156 -0.48 12.63 -5.65
N ASP A 157 -1.50 12.61 -4.82
CA ASP A 157 -2.32 11.41 -4.62
C ASP A 157 -3.56 11.43 -5.51
N ASN A 158 -3.77 10.33 -6.22
CA ASN A 158 -4.98 10.15 -6.97
C ASN A 158 -6.06 9.58 -6.05
N LEU A 159 -7.33 9.77 -6.39
CA LEU A 159 -8.40 9.32 -5.53
C LEU A 159 -8.55 7.81 -5.51
N ASN A 160 -8.04 7.14 -6.54
CA ASN A 160 -7.96 5.69 -6.50
C ASN A 160 -6.93 5.18 -5.48
N ARG A 161 -6.19 6.11 -4.90
CA ARG A 161 -5.16 5.89 -3.86
C ARG A 161 -3.78 5.53 -4.38
N VAL A 162 -3.60 5.52 -5.70
CA VAL A 162 -2.26 5.39 -6.27
C VAL A 162 -1.65 6.81 -6.28
N VAL A 163 -0.38 6.88 -5.91
CA VAL A 163 0.36 8.13 -5.76
C VAL A 163 1.25 8.31 -6.98
N GLU A 164 1.15 9.44 -7.65
CA GLU A 164 1.99 9.80 -8.79
C GLU A 164 3.37 10.21 -8.28
N ARG A 165 4.41 9.52 -8.74
CA ARG A 165 5.75 9.65 -8.20
C ARG A 165 5.70 9.32 -6.71
N GLY A 166 5.09 8.17 -6.41
CA GLY A 166 4.89 7.65 -5.07
C GLY A 166 5.55 6.31 -4.89
N TYR A 167 6.56 6.30 -4.04
CA TYR A 167 7.41 5.14 -3.87
C TYR A 167 7.31 4.57 -2.46
N ALA A 168 6.25 4.93 -1.77
CA ALA A 168 6.08 4.58 -0.37
C ALA A 168 4.72 4.01 -0.05
N GLY A 169 4.06 3.46 -1.05
CA GLY A 169 2.77 2.83 -0.85
C GLY A 169 1.60 3.62 -1.38
N LEU A 170 0.42 3.15 -1.06
CA LEU A 170 -0.82 3.82 -1.47
C LEU A 170 -1.02 5.07 -0.66
N SER A 171 -1.89 5.91 -1.16
CA SER A 171 -2.28 7.12 -0.48
C SER A 171 -2.79 6.81 0.92
N LEU A 172 -2.40 7.64 1.89
CA LEU A 172 -2.83 7.53 3.27
C LEU A 172 -4.32 7.67 3.45
N TRP A 173 -5.00 8.35 2.52
CA TRP A 173 -6.41 8.70 2.72
C TRP A 173 -7.30 7.57 2.28
N ASP A 174 -7.99 6.93 3.22
CA ASP A 174 -8.80 5.76 2.93
C ASP A 174 -10.23 6.21 2.65
N TRP A 175 -10.43 6.67 1.42
CA TRP A 175 -11.71 7.26 1.04
C TRP A 175 -12.88 6.32 1.27
N GLY A 176 -12.69 5.02 1.06
CA GLY A 176 -13.82 4.13 1.22
C GLY A 176 -14.35 4.04 2.62
N SER A 177 -13.53 4.35 3.63
CA SER A 177 -14.00 4.30 5.02
C SER A 177 -14.21 5.69 5.63
N LEU A 178 -13.91 6.74 4.88
CA LEU A 178 -14.17 8.10 5.33
C LEU A 178 -15.60 8.51 4.97
N PRO A 179 -16.22 9.39 5.76
CA PRO A 179 -15.71 10.01 6.97
C PRO A 179 -15.82 9.19 8.23
N ASN A 180 -16.46 8.04 8.14
CA ASN A 180 -16.81 7.27 9.32
C ASN A 180 -15.63 6.87 10.18
N TYR A 181 -14.56 6.39 9.53
CA TYR A 181 -13.39 5.87 10.26
C TYR A 181 -12.27 6.89 10.40
N LEU A 182 -12.12 7.38 11.63
CA LEU A 182 -11.08 8.36 11.97
C LEU A 182 -9.85 7.57 12.39
N ALA A 183 -9.08 7.13 11.42
CA ALA A 183 -7.92 6.30 11.67
C ALA A 183 -6.87 7.01 12.50
N PRO A 184 -6.30 6.30 13.46
CA PRO A 184 -5.21 6.88 14.22
C PRO A 184 -4.10 7.41 13.32
N ARG A 185 -3.86 6.79 12.16
CA ARG A 185 -2.75 7.24 11.34
C ARG A 185 -2.92 8.69 10.88
N TYR A 186 -4.16 9.16 10.76
CA TYR A 186 -4.39 10.55 10.36
C TYR A 186 -3.84 11.52 11.42
N THR A 187 -4.01 11.14 12.67
CA THR A 187 -3.46 11.91 13.76
C THR A 187 -1.94 11.80 13.82
N ASP A 188 -1.40 10.62 13.58
CA ASP A 188 0.03 10.48 13.56
C ASP A 188 0.66 11.30 12.42
N TYR A 189 0.01 11.35 11.26
CA TYR A 189 0.46 12.21 10.17
C TYR A 189 0.51 13.68 10.62
N ALA A 190 -0.52 14.09 11.32
CA ALA A 190 -0.59 15.46 11.83
C ALA A 190 0.55 15.73 12.83
N ARG A 191 0.80 14.78 13.72
CA ARG A 191 1.91 14.92 14.69
C ARG A 191 3.26 15.05 13.97
N ILE A 192 3.50 14.23 12.96
CA ILE A 192 4.76 14.27 12.22
C ILE A 192 4.97 15.64 11.63
N ASN A 193 3.97 16.15 10.95
CA ASN A 193 4.20 17.44 10.31
C ASN A 193 4.23 18.58 11.33
N ALA A 194 3.36 18.56 12.34
CA ALA A 194 3.39 19.61 13.34
C ALA A 194 4.72 19.63 14.09
N SER A 195 5.36 18.47 14.23
CA SER A 195 6.66 18.43 14.93
C SER A 195 7.71 19.27 14.22
N LEU A 196 7.52 19.56 12.93
CA LEU A 196 8.41 20.38 12.13
C LEU A 196 7.89 21.80 11.94
N GLY A 197 6.69 22.06 12.46
CA GLY A 197 6.04 23.32 12.23
C GLY A 197 5.32 23.46 10.93
N ILE A 198 5.15 22.35 10.21
CA ILE A 198 4.40 22.38 8.95
C ILE A 198 2.95 22.67 9.24
N ASN A 199 2.36 23.67 8.59
CA ASN A 199 1.03 24.18 8.91
C ASN A 199 0.03 24.11 7.77
N GLY A 200 0.33 23.30 6.76
CA GLY A 200 -0.65 23.09 5.70
C GLY A 200 -0.32 21.86 4.91
N THR A 201 -1.34 21.28 4.31
CA THR A 201 -1.20 20.12 3.48
C THR A 201 -2.15 20.21 2.30
N VAL A 202 -1.62 19.93 1.13
CA VAL A 202 -2.43 19.77 -0.10
C VAL A 202 -2.47 18.24 -0.33
N ILE A 203 -3.64 17.64 -0.14
CA ILE A 203 -3.70 16.18 -0.01
C ILE A 203 -3.89 15.41 -1.29
N ASN A 204 -4.15 16.13 -2.38
CA ASN A 204 -4.55 15.52 -3.63
C ASN A 204 -3.71 16.02 -4.81
N ASN A 205 -3.60 15.17 -5.84
CA ASN A 205 -2.72 15.40 -6.98
C ASN A 205 -3.04 16.68 -7.72
N VAL A 206 -1.98 17.36 -8.13
CA VAL A 206 -2.04 18.54 -8.99
C VAL A 206 -2.63 18.24 -10.34
N ASN A 207 -2.49 17.01 -10.82
CA ASN A 207 -3.26 16.54 -11.97
C ASN A 207 -4.63 16.23 -11.39
N ALA A 208 -5.45 17.28 -11.32
CA ALA A 208 -6.52 17.32 -10.35
C ALA A 208 -7.83 16.65 -10.75
N ASP A 209 -8.40 15.94 -9.79
CA ASP A 209 -9.68 15.23 -9.98
C ASP A 209 -10.81 16.13 -9.46
N PRO A 210 -11.78 16.47 -10.32
CA PRO A 210 -12.87 17.35 -9.89
C PRO A 210 -13.73 16.81 -8.79
N ARG A 211 -13.69 15.49 -8.56
CA ARG A 211 -14.50 14.93 -7.51
C ARG A 211 -14.22 15.49 -6.11
N VAL A 212 -13.01 16.00 -5.87
CA VAL A 212 -12.71 16.49 -4.53
C VAL A 212 -13.62 17.65 -4.12
N LEU A 213 -14.25 18.31 -5.08
CA LEU A 213 -15.14 19.43 -4.75
C LEU A 213 -16.61 19.02 -4.64
N SER A 214 -16.90 17.74 -4.78
CA SER A 214 -18.25 17.22 -4.64
C SER A 214 -18.55 17.00 -3.17
N ASP A 215 -19.82 17.05 -2.80
CA ASP A 215 -20.21 16.79 -1.43
C ASP A 215 -19.73 15.44 -0.91
N GLN A 216 -19.77 14.41 -1.75
CA GLN A 216 -19.34 13.08 -1.37
C GLN A 216 -17.93 13.15 -0.80
N PHE A 217 -17.04 13.83 -1.52
CA PHE A 217 -15.65 13.95 -1.08
C PHE A 217 -15.39 15.01 -0.03
N LEU A 218 -16.12 16.12 -0.09
CA LEU A 218 -15.92 17.13 0.92
C LEU A 218 -16.24 16.60 2.31
N GLN A 219 -17.24 15.72 2.44
CA GLN A 219 -17.54 15.14 3.72
C GLN A 219 -16.33 14.32 4.23
N LYS A 220 -15.66 13.63 3.34
CA LYS A 220 -14.48 12.87 3.71
C LYS A 220 -13.32 13.76 4.05
N ILE A 221 -13.08 14.76 3.21
CA ILE A 221 -11.98 15.68 3.40
C ILE A 221 -12.14 16.46 4.70
N ALA A 222 -13.37 16.80 5.06
CA ALA A 222 -13.65 17.52 6.29
C ALA A 222 -13.26 16.70 7.52
N ALA A 223 -13.42 15.36 7.44
CA ALA A 223 -12.98 14.49 8.54
C ALA A 223 -11.47 14.56 8.70
N LEU A 224 -10.75 14.54 7.57
CA LEU A 224 -9.29 14.69 7.63
C LEU A 224 -8.94 16.05 8.22
N ALA A 225 -9.61 17.10 7.75
CA ALA A 225 -9.32 18.45 8.22
C ALA A 225 -9.55 18.53 9.72
N ASP A 226 -10.58 17.87 10.22
CA ASP A 226 -10.88 17.87 11.64
C ASP A 226 -9.73 17.18 12.41
N ALA A 227 -9.18 16.10 11.88
CA ALA A 227 -8.06 15.45 12.53
C ALA A 227 -6.80 16.32 12.56
N PHE A 228 -6.61 17.12 11.53
CA PHE A 228 -5.41 17.92 11.39
C PHE A 228 -5.44 19.22 12.18
N ARG A 229 -6.66 19.73 12.35
CA ARG A 229 -6.87 21.05 12.95
C ARG A 229 -6.21 21.27 14.32
N PRO A 230 -6.31 20.36 15.27
CA PRO A 230 -5.69 20.65 16.57
C PRO A 230 -4.18 20.76 16.47
N TYR A 231 -3.59 20.22 15.39
CA TYR A 231 -2.15 20.27 15.20
C TYR A 231 -1.72 21.45 14.35
N GLY A 232 -2.66 22.37 14.11
CA GLY A 232 -2.34 23.58 13.38
C GLY A 232 -2.20 23.47 11.86
N ILE A 233 -2.66 22.39 11.29
CA ILE A 233 -2.46 22.14 9.89
C ILE A 233 -3.75 22.42 9.13
N LYS A 234 -3.71 23.37 8.24
CA LYS A 234 -4.85 23.72 7.39
C LYS A 234 -4.88 22.82 6.19
N MET A 235 -6.11 22.57 5.76
CA MET A 235 -6.37 21.76 4.57
C MET A 235 -6.37 22.61 3.31
N TYR A 236 -5.72 22.12 2.27
CA TYR A 236 -5.75 22.69 0.93
C TYR A 236 -6.07 21.60 -0.07
N LEU A 237 -6.62 21.98 -1.23
CA LEU A 237 -6.89 21.03 -2.31
C LEU A 237 -6.33 21.53 -3.63
N SER A 238 -5.83 20.60 -4.42
CA SER A 238 -5.56 20.87 -5.80
C SER A 238 -6.87 20.89 -6.55
N ILE A 239 -7.02 21.87 -7.42
CA ILE A 239 -8.26 21.98 -8.18
C ILE A 239 -8.06 21.86 -9.66
N ASN A 240 -9.11 21.37 -10.32
CA ASN A 240 -9.23 21.26 -11.75
C ASN A 240 -9.93 22.52 -12.28
N PHE A 241 -9.22 23.26 -13.11
CA PHE A 241 -9.75 24.52 -13.63
C PHE A 241 -11.06 24.37 -14.40
N ASN A 242 -11.26 23.19 -15.00
CA ASN A 242 -12.47 22.91 -15.77
C ASN A 242 -13.62 22.40 -14.91
N SER A 243 -13.52 22.50 -13.58
CA SER A 243 -14.59 21.95 -12.72
C SER A 243 -16.01 22.39 -13.04
N PRO A 244 -16.28 23.65 -13.39
CA PRO A 244 -17.64 24.05 -13.72
C PRO A 244 -18.21 23.18 -14.84
N ARG A 245 -17.39 22.84 -15.80
CA ARG A 245 -17.80 21.92 -16.88
C ARG A 245 -17.90 20.46 -16.45
N ALA A 246 -16.97 20.02 -15.62
CA ALA A 246 -16.96 18.64 -15.16
C ALA A 246 -18.23 18.36 -14.34
N PHE A 247 -18.72 19.33 -13.58
CA PHE A 247 -19.94 19.17 -12.80
C PHE A 247 -21.20 19.35 -13.63
N GLY A 248 -21.01 19.62 -14.91
CA GLY A 248 -22.12 19.82 -15.84
C GLY A 248 -22.97 21.04 -15.56
N ASP A 249 -22.40 22.04 -14.87
CA ASP A 249 -23.13 23.22 -14.44
C ASP A 249 -22.98 24.43 -15.36
N VAL A 250 -21.85 24.52 -16.07
CA VAL A 250 -21.62 25.61 -17.00
C VAL A 250 -20.94 25.02 -18.21
N ASP A 251 -21.22 25.56 -19.41
CA ASP A 251 -20.62 25.05 -20.64
C ASP A 251 -19.26 25.64 -21.01
N THR A 252 -18.64 26.31 -20.06
CA THR A 252 -17.33 26.89 -20.26
C THR A 252 -16.69 27.02 -18.88
N ALA A 253 -15.39 27.24 -18.87
CA ALA A 253 -14.67 27.52 -17.63
C ALA A 253 -13.93 28.85 -17.73
N ASP A 254 -14.26 29.63 -18.76
CA ASP A 254 -13.63 30.93 -18.99
C ASP A 254 -13.76 31.79 -17.73
N PRO A 255 -12.65 32.20 -17.13
CA PRO A 255 -12.73 32.96 -15.89
C PRO A 255 -13.38 34.33 -16.00
N LEU A 256 -13.53 34.84 -17.21
CA LEU A 256 -14.19 36.14 -17.37
C LEU A 256 -15.69 35.97 -17.52
N ASP A 257 -16.20 34.75 -17.61
CA ASP A 257 -17.63 34.54 -17.72
C ASP A 257 -18.28 34.65 -16.33
N PRO A 258 -19.27 35.51 -16.13
CA PRO A 258 -19.90 35.66 -14.82
C PRO A 258 -20.47 34.37 -14.23
N ARG A 259 -20.91 33.43 -15.06
CA ARG A 259 -21.44 32.16 -14.56
C ARG A 259 -20.30 31.32 -13.94
N VAL A 260 -19.11 31.47 -14.48
CA VAL A 260 -17.95 30.75 -13.95
C VAL A 260 -17.53 31.37 -12.64
N GLN A 261 -17.45 32.68 -12.60
CA GLN A 261 -17.14 33.39 -11.37
C GLN A 261 -18.13 32.97 -10.27
N GLN A 262 -19.41 32.93 -10.60
CA GLN A 262 -20.42 32.57 -9.62
C GLN A 262 -20.28 31.09 -9.19
N TRP A 263 -19.96 30.22 -10.12
CA TRP A 263 -19.79 28.79 -9.82
C TRP A 263 -18.72 28.62 -8.73
N TRP A 264 -17.61 29.31 -8.91
CA TRP A 264 -16.51 29.19 -7.94
C TRP A 264 -16.86 29.86 -6.60
N LYS A 265 -17.59 30.95 -6.63
CA LYS A 265 -18.04 31.59 -5.41
C LYS A 265 -18.93 30.65 -4.62
N THR A 266 -19.93 30.06 -5.29
CA THR A 266 -20.81 29.11 -4.67
C THR A 266 -20.06 27.87 -4.15
N ARG A 267 -19.07 27.40 -4.90
CA ARG A 267 -18.35 26.20 -4.48
C ARG A 267 -17.51 26.53 -3.24
N ALA A 268 -16.87 27.71 -3.23
CA ALA A 268 -16.12 28.14 -2.04
C ALA A 268 -17.02 28.16 -0.82
N GLN A 269 -18.23 28.69 -0.96
CA GLN A 269 -19.17 28.72 0.16
C GLN A 269 -19.44 27.29 0.66
N LYS A 270 -19.55 26.37 -0.28
CA LYS A 270 -19.78 24.99 0.10
C LYS A 270 -18.60 24.44 0.86
N ILE A 271 -17.41 24.66 0.32
CA ILE A 271 -16.24 24.16 0.99
C ILE A 271 -16.13 24.68 2.42
N TYR A 272 -16.28 25.99 2.58
CA TYR A 272 -16.12 26.61 3.89
C TYR A 272 -17.23 26.19 4.87
N SER A 273 -18.35 25.72 4.35
CA SER A 273 -19.39 25.20 5.23
C SER A 273 -18.92 23.89 5.87
N TYR A 274 -18.13 23.13 5.13
CA TYR A 274 -17.57 21.88 5.67
C TYR A 274 -16.27 22.07 6.47
N ILE A 275 -15.45 23.02 6.03
CA ILE A 275 -14.11 23.27 6.57
C ILE A 275 -13.94 24.78 6.76
N PRO A 276 -14.35 25.29 7.91
CA PRO A 276 -14.42 26.74 8.08
C PRO A 276 -13.12 27.49 8.02
N ASP A 277 -12.00 26.79 8.21
CA ASP A 277 -10.68 27.38 8.15
C ASP A 277 -9.87 26.79 6.97
N PHE A 278 -10.58 26.39 5.94
CA PHE A 278 -9.95 25.84 4.73
C PHE A 278 -8.88 26.79 4.24
N GLY A 279 -7.73 26.24 3.88
CA GLY A 279 -6.61 27.05 3.45
C GLY A 279 -6.74 27.68 2.09
N GLY A 280 -7.25 26.93 1.14
CA GLY A 280 -7.28 27.37 -0.24
C GLY A 280 -6.89 26.28 -1.23
N PHE A 281 -6.48 26.74 -2.41
CA PHE A 281 -6.27 25.86 -3.56
C PHE A 281 -4.87 25.89 -4.06
N LEU A 282 -4.42 24.74 -4.56
CA LEU A 282 -3.20 24.60 -5.34
C LEU A 282 -3.69 24.37 -6.78
N VAL A 283 -3.04 25.00 -7.75
CA VAL A 283 -3.46 24.94 -9.15
C VAL A 283 -2.33 24.65 -10.11
N LYS A 284 -2.48 23.55 -10.83
CA LYS A 284 -1.65 23.27 -11.99
C LYS A 284 -2.56 23.45 -13.20
N ALA A 285 -2.25 24.48 -14.00
CA ALA A 285 -3.07 24.89 -15.12
C ALA A 285 -2.23 25.09 -16.39
N ASP A 286 -2.79 24.67 -17.52
CA ASP A 286 -2.17 24.86 -18.83
C ASP A 286 -0.77 24.26 -18.87
N SER A 287 -0.62 23.08 -18.27
CA SER A 287 0.67 22.45 -18.22
C SER A 287 0.42 21.01 -18.41
N GLU A 288 1.15 20.42 -19.35
CA GLU A 288 1.06 18.98 -19.57
C GLU A 288 -0.36 18.47 -19.82
N GLY A 289 -1.15 19.27 -20.50
CA GLY A 289 -2.52 18.87 -20.81
C GLY A 289 -3.56 19.17 -19.76
N GLN A 290 -3.16 19.74 -18.61
CA GLN A 290 -4.13 20.09 -17.60
C GLN A 290 -4.81 21.36 -18.04
N PRO A 291 -6.11 21.47 -17.77
CA PRO A 291 -6.88 22.64 -18.20
C PRO A 291 -6.44 23.91 -17.55
N GLY A 292 -6.82 25.03 -18.15
CA GLY A 292 -6.45 26.31 -17.60
C GLY A 292 -7.05 27.46 -18.38
N PRO A 293 -6.75 28.64 -17.91
CA PRO A 293 -7.27 29.85 -18.55
C PRO A 293 -6.83 30.03 -20.00
N GLN A 294 -5.66 29.52 -20.35
CA GLN A 294 -5.19 29.72 -21.73
C GLN A 294 -6.09 28.94 -22.69
N GLY A 295 -6.75 27.90 -22.18
CA GLY A 295 -7.71 27.14 -22.95
C GLY A 295 -8.91 27.95 -23.40
N TYR A 296 -9.09 29.14 -22.84
CA TYR A 296 -10.16 30.06 -23.13
C TYR A 296 -9.62 31.41 -23.58
N GLY A 297 -8.36 31.40 -23.98
CA GLY A 297 -7.68 32.60 -24.44
C GLY A 297 -7.44 33.63 -23.35
N ARG A 298 -7.40 33.20 -22.08
CA ARG A 298 -7.15 34.14 -20.98
C ARG A 298 -5.78 33.87 -20.37
N ASP A 299 -5.27 34.83 -19.60
CA ASP A 299 -3.95 34.69 -19.01
C ASP A 299 -4.00 34.14 -17.57
N HIS A 300 -2.83 33.77 -17.07
CA HIS A 300 -2.78 33.18 -15.75
C HIS A 300 -3.25 34.07 -14.63
N ALA A 301 -3.09 35.38 -14.78
CA ALA A 301 -3.62 36.26 -13.74
C ALA A 301 -5.15 36.28 -13.76
N GLU A 302 -5.74 36.29 -14.95
CA GLU A 302 -7.20 36.29 -15.04
C GLU A 302 -7.72 35.01 -14.39
N GLY A 303 -7.05 33.90 -14.62
CA GLY A 303 -7.51 32.64 -14.03
C GLY A 303 -7.32 32.60 -12.51
N ALA A 304 -6.13 32.98 -12.06
CA ALA A 304 -5.82 32.93 -10.66
C ALA A 304 -6.71 33.89 -9.88
N ASN A 305 -6.88 35.08 -10.43
CA ASN A 305 -7.61 36.08 -9.72
C ASN A 305 -9.11 35.76 -9.57
N MET A 306 -9.62 35.01 -10.54
CA MET A 306 -11.00 34.56 -10.46
C MET A 306 -11.18 33.61 -9.28
N LEU A 307 -10.27 32.66 -9.14
CA LEU A 307 -10.34 31.74 -8.03
C LEU A 307 -10.10 32.47 -6.73
N ALA A 308 -9.16 33.40 -6.75
CA ALA A 308 -8.82 34.16 -5.56
C ALA A 308 -9.94 34.99 -5.05
N ALA A 309 -10.72 35.51 -5.99
CA ALA A 309 -11.89 36.31 -5.61
C ALA A 309 -12.95 35.47 -4.87
N ALA A 310 -13.11 34.23 -5.30
CA ALA A 310 -14.01 33.30 -4.63
C ALA A 310 -13.55 33.00 -3.21
N LEU A 311 -12.25 32.91 -3.02
CA LEU A 311 -11.75 32.52 -1.70
C LEU A 311 -11.54 33.70 -0.74
N LYS A 312 -11.38 34.90 -1.26
CA LYS A 312 -11.03 36.05 -0.42
C LYS A 312 -11.96 36.30 0.72
N PRO A 313 -13.27 36.21 0.57
CA PRO A 313 -14.12 36.50 1.71
C PRO A 313 -13.97 35.54 2.87
N PHE A 314 -13.38 34.38 2.59
CA PHE A 314 -13.21 33.36 3.59
C PHE A 314 -11.77 33.26 4.06
N GLY A 315 -10.89 34.12 3.55
CA GLY A 315 -9.50 34.11 3.95
C GLY A 315 -8.61 33.03 3.29
N GLY A 316 -9.06 32.47 2.19
CA GLY A 316 -8.28 31.46 1.48
C GLY A 316 -7.32 32.10 0.53
N VAL A 317 -6.33 31.32 0.13
CA VAL A 317 -5.31 31.76 -0.81
C VAL A 317 -5.25 30.75 -1.97
N VAL A 318 -4.69 31.22 -3.06
CA VAL A 318 -4.46 30.41 -4.23
C VAL A 318 -2.97 30.26 -4.44
N PHE A 319 -2.47 29.02 -4.38
CA PHE A 319 -1.10 28.69 -4.75
C PHE A 319 -1.13 28.33 -6.25
N TRP A 320 -0.69 29.23 -7.12
CA TRP A 320 -0.81 29.01 -8.57
C TRP A 320 0.57 28.55 -9.07
N ARG A 321 0.70 27.33 -9.57
CA ARG A 321 2.02 26.86 -9.99
C ARG A 321 2.46 27.48 -11.29
N ALA A 322 3.71 27.95 -11.30
CA ALA A 322 4.32 28.59 -12.48
C ALA A 322 5.13 27.60 -13.27
N PHE A 323 4.93 26.31 -12.98
CA PHE A 323 5.54 25.25 -13.78
C PHE A 323 4.78 25.09 -15.10
N VAL A 324 5.10 25.93 -16.05
CA VAL A 324 4.50 25.88 -17.38
C VAL A 324 5.57 25.99 -18.49
N TYR A 325 5.50 25.18 -19.56
CA TYR A 325 6.43 25.25 -20.75
C TYR A 325 5.67 24.73 -22.01
N HIS A 326 5.49 25.59 -23.03
CA HIS A 326 4.75 25.22 -24.25
C HIS A 326 5.65 24.48 -25.24
N PRO A 327 5.13 23.46 -25.92
CA PRO A 327 5.93 22.73 -26.93
C PRO A 327 6.70 23.66 -27.89
N ASP A 328 6.06 24.80 -28.17
CA ASP A 328 6.46 25.72 -29.23
C ASP A 328 7.74 26.58 -29.06
N ILE A 329 8.26 26.70 -27.84
CA ILE A 329 9.39 27.60 -27.60
C ILE A 329 10.72 26.99 -27.90
N GLU A 330 11.70 27.85 -28.14
CA GLU A 330 13.00 27.33 -28.55
C GLU A 330 13.86 26.78 -27.43
N ASP A 331 13.71 27.26 -26.22
CA ASP A 331 14.53 26.72 -25.14
C ASP A 331 13.62 26.62 -23.93
N ARG A 332 13.29 25.39 -23.54
CA ARG A 332 12.41 25.15 -22.40
C ARG A 332 12.87 25.90 -21.15
N PHE A 333 14.18 26.04 -20.97
CA PHE A 333 14.75 26.69 -19.81
C PHE A 333 14.12 28.07 -19.61
N ARG A 334 13.81 28.75 -20.71
CA ARG A 334 13.36 30.14 -20.65
C ARG A 334 11.87 30.32 -20.34
N GLY A 335 11.12 29.24 -20.39
CA GLY A 335 9.68 29.30 -20.41
C GLY A 335 8.93 30.02 -19.33
N ALA A 336 9.15 29.60 -18.11
CA ALA A 336 8.38 30.15 -17.01
C ALA A 336 8.60 31.66 -16.87
N TYR A 337 9.89 32.05 -16.92
CA TYR A 337 10.27 33.45 -16.85
C TYR A 337 9.52 34.29 -17.88
N ASP A 338 9.57 33.80 -19.13
CA ASP A 338 8.97 34.58 -20.21
C ASP A 338 7.44 34.65 -20.09
N GLU A 339 6.85 33.64 -19.48
CA GLU A 339 5.39 33.55 -19.33
C GLU A 339 4.90 34.43 -18.22
N PHE A 340 5.64 34.48 -17.10
CA PHE A 340 5.13 35.18 -15.93
C PHE A 340 5.65 36.57 -15.67
N MET A 341 6.84 36.89 -16.15
CA MET A 341 7.32 38.26 -15.96
C MET A 341 6.33 39.33 -16.48
N PRO A 342 5.70 39.15 -17.64
CA PRO A 342 4.74 40.16 -18.09
C PRO A 342 3.56 40.32 -17.15
N LEU A 343 3.31 39.34 -16.29
CA LEU A 343 2.17 39.41 -15.37
C LEU A 343 2.52 39.86 -13.96
N ASP A 344 3.76 40.19 -13.72
CA ASP A 344 4.17 40.64 -12.38
C ASP A 344 3.36 41.86 -12.01
N GLY A 345 2.72 41.78 -10.87
CA GLY A 345 1.85 42.87 -10.41
C GLY A 345 0.38 42.72 -10.73
N LYS A 346 0.06 41.78 -11.63
CA LYS A 346 -1.30 41.58 -12.09
C LYS A 346 -2.07 40.55 -11.27
N PHE A 347 -1.38 39.90 -10.35
CA PHE A 347 -2.04 38.92 -9.47
C PHE A 347 -2.59 39.57 -8.21
N ALA A 348 -3.70 39.04 -7.75
CA ALA A 348 -4.33 39.50 -6.52
C ALA A 348 -3.48 39.22 -5.28
N ASP A 349 -3.78 39.90 -4.17
CA ASP A 349 -2.88 39.80 -3.02
C ASP A 349 -3.00 38.44 -2.33
N ASN A 350 -4.02 37.65 -2.60
CA ASN A 350 -4.16 36.29 -2.04
C ASN A 350 -3.80 35.21 -3.05
N VAL A 351 -3.07 35.61 -4.08
CA VAL A 351 -2.49 34.65 -5.03
C VAL A 351 -1.01 34.62 -4.73
N ILE A 352 -0.45 33.41 -4.68
CA ILE A 352 0.98 33.17 -4.48
C ILE A 352 1.45 32.28 -5.62
N LEU A 353 2.47 32.70 -6.35
CA LEU A 353 3.01 31.87 -7.41
C LEU A 353 3.96 30.85 -6.81
N GLN A 354 3.69 29.57 -7.07
CA GLN A 354 4.47 28.48 -6.52
C GLN A 354 5.42 27.99 -7.63
N ILE A 355 6.70 28.16 -7.37
CA ILE A 355 7.77 28.02 -8.37
C ILE A 355 8.75 26.98 -7.90
N LYS A 356 9.08 26.03 -8.77
CA LYS A 356 10.06 25.01 -8.45
C LYS A 356 11.45 25.63 -8.28
N ASN A 357 12.33 24.94 -7.58
CA ASN A 357 13.65 25.50 -7.31
C ASN A 357 14.40 25.90 -8.59
N GLY A 358 14.21 25.15 -9.66
CA GLY A 358 14.84 25.41 -10.95
C GLY A 358 13.85 25.44 -12.07
N PRO A 359 14.32 25.88 -13.24
CA PRO A 359 13.43 26.10 -14.38
C PRO A 359 13.05 24.88 -15.19
N ILE A 360 13.62 23.71 -14.91
CA ILE A 360 13.24 22.51 -15.66
C ILE A 360 12.29 21.63 -14.84
N ASP A 361 12.78 20.73 -14.00
CA ASP A 361 11.89 19.80 -13.30
C ASP A 361 12.66 18.95 -12.28
N PHE A 362 13.02 19.58 -11.18
CA PHE A 362 13.56 18.88 -10.01
C PHE A 362 14.79 18.00 -10.36
N GLN A 363 15.59 18.43 -11.33
CA GLN A 363 16.75 17.62 -11.73
C GLN A 363 17.83 17.64 -10.65
N PRO A 364 18.73 16.65 -10.60
CA PRO A 364 19.64 16.59 -9.44
C PRO A 364 20.41 17.86 -9.10
N ARG A 365 20.75 18.64 -10.11
CA ARG A 365 21.15 20.02 -9.88
C ARG A 365 20.61 20.87 -11.00
N GLU A 366 19.98 21.98 -10.63
CA GLU A 366 19.54 22.98 -11.58
C GLU A 366 19.97 24.34 -11.06
N PRO A 367 20.22 25.30 -11.95
CA PRO A 367 20.38 26.68 -11.49
C PRO A 367 19.06 27.19 -10.94
N PHE A 368 19.11 28.23 -10.15
CA PHE A 368 17.92 28.78 -9.55
C PHE A 368 16.94 29.30 -10.59
N SER A 369 15.66 29.17 -10.29
CA SER A 369 14.64 29.69 -11.17
C SER A 369 14.75 31.22 -11.24
N ALA A 370 14.91 31.71 -12.46
CA ALA A 370 15.06 33.17 -12.66
C ALA A 370 13.88 33.98 -12.17
N LEU A 371 12.69 33.39 -12.17
CA LEU A 371 11.54 34.11 -11.64
C LEU A 371 11.77 34.62 -10.23
N PHE A 372 12.49 33.89 -9.38
CA PHE A 372 12.65 34.34 -8.00
C PHE A 372 13.36 35.70 -7.90
N ALA A 373 14.25 35.97 -8.84
CA ALA A 373 15.01 37.22 -8.85
C ALA A 373 14.35 38.29 -9.68
N GLY A 374 13.31 37.94 -10.44
CA GLY A 374 12.67 38.86 -11.34
C GLY A 374 11.34 39.41 -10.91
N MET A 375 10.51 38.57 -10.28
CA MET A 375 9.16 39.02 -9.86
C MET A 375 9.19 39.85 -8.59
N SER A 376 9.01 41.14 -8.75
CA SER A 376 9.13 42.04 -7.61
C SER A 376 7.83 42.59 -7.07
N ARG A 377 6.70 42.19 -7.68
CA ARG A 377 5.39 42.69 -7.32
C ARG A 377 4.35 41.60 -7.18
N THR A 378 4.81 40.38 -6.96
CA THR A 378 3.96 39.18 -6.85
C THR A 378 4.44 38.33 -5.69
N ASN A 379 3.51 37.78 -4.94
CA ASN A 379 3.87 36.83 -3.89
C ASN A 379 4.42 35.53 -4.54
N MET A 380 5.45 34.99 -3.93
CA MET A 380 6.10 33.78 -4.44
C MET A 380 6.30 32.80 -3.31
N MET A 381 6.37 31.52 -3.67
CA MET A 381 6.73 30.48 -2.72
C MET A 381 7.50 29.43 -3.50
N MET A 382 8.38 28.74 -2.80
CA MET A 382 9.21 27.73 -3.38
C MET A 382 8.52 26.38 -3.35
N GLU A 383 8.78 25.55 -4.37
CA GLU A 383 8.36 24.15 -4.41
C GLU A 383 9.62 23.28 -4.54
N PHE A 384 9.83 22.43 -3.55
CA PHE A 384 10.92 21.45 -3.53
C PHE A 384 10.34 20.04 -3.64
N GLN A 385 11.14 19.13 -4.17
CA GLN A 385 10.70 17.74 -4.23
C GLN A 385 11.46 16.88 -3.21
N ILE A 386 10.71 16.14 -2.37
CA ILE A 386 11.26 15.22 -1.39
C ILE A 386 11.23 13.80 -1.97
N THR A 387 10.06 13.40 -2.45
CA THR A 387 9.90 12.09 -3.09
C THR A 387 10.96 11.98 -4.21
N GLN A 388 11.56 10.82 -4.37
CA GLN A 388 12.73 10.71 -5.20
C GLN A 388 12.43 10.33 -6.63
N GLU A 389 11.65 11.17 -7.28
CA GLU A 389 11.33 10.95 -8.68
C GLU A 389 12.61 10.86 -9.50
N TYR A 390 13.60 11.69 -9.15
CA TYR A 390 14.80 11.82 -9.93
C TYR A 390 16.05 11.31 -9.17
N PHE A 391 15.83 10.83 -7.95
CA PHE A 391 16.89 10.39 -7.08
C PHE A 391 16.78 8.91 -6.70
N GLY A 392 16.01 8.13 -7.46
CA GLY A 392 16.05 6.69 -7.29
C GLY A 392 14.93 6.06 -6.50
N PHE A 393 13.76 6.66 -6.52
CA PHE A 393 12.54 6.06 -6.01
C PHE A 393 12.73 5.70 -4.53
N ALA A 394 12.46 4.46 -4.14
CA ALA A 394 12.69 4.04 -2.77
C ALA A 394 13.87 3.11 -2.60
N THR A 395 14.72 3.04 -3.61
CA THR A 395 15.87 2.18 -3.53
C THR A 395 17.22 2.86 -3.39
N HIS A 396 17.32 4.15 -3.66
CA HIS A 396 18.58 4.86 -3.50
C HIS A 396 18.50 5.76 -2.26
N LEU A 397 19.62 5.91 -1.55
CA LEU A 397 19.79 6.77 -0.38
C LEU A 397 20.25 8.15 -0.91
N ALA A 398 19.41 9.17 -0.71
CA ALA A 398 19.68 10.52 -1.26
C ALA A 398 19.05 11.56 -0.35
N TYR A 399 19.77 11.89 0.73
CA TYR A 399 19.34 12.95 1.61
C TYR A 399 19.28 14.25 0.82
N GLN A 400 18.13 14.93 0.82
CA GLN A 400 17.95 16.11 -0.01
C GLN A 400 18.30 17.44 0.67
N GLY A 401 18.63 17.39 1.96
CA GLY A 401 18.98 18.59 2.68
C GLY A 401 19.99 19.45 1.94
N PRO A 402 21.07 18.88 1.40
CA PRO A 402 22.04 19.70 0.68
C PRO A 402 21.51 20.36 -0.56
N LEU A 403 20.51 19.76 -1.23
CA LEU A 403 19.92 20.39 -2.37
C LEU A 403 19.09 21.60 -1.94
N PHE A 404 18.30 21.45 -0.88
CA PHE A 404 17.46 22.53 -0.38
C PHE A 404 18.38 23.66 0.13
N GLU A 405 19.40 23.33 0.91
CA GLU A 405 20.33 24.35 1.44
C GLU A 405 21.00 25.11 0.28
N GLU A 406 21.49 24.36 -0.69
CA GLU A 406 22.17 24.97 -1.81
C GLU A 406 21.26 26.01 -2.44
N SER A 407 20.03 25.60 -2.71
CA SER A 407 19.05 26.53 -3.25
C SER A 407 18.82 27.76 -2.38
N LEU A 408 18.51 27.54 -1.11
CA LEU A 408 18.13 28.62 -0.22
C LEU A 408 19.27 29.60 0.01
N LYS A 409 20.51 29.12 -0.04
CA LYS A 409 21.65 30.00 0.22
C LYS A 409 22.23 30.58 -1.07
N THR A 410 21.60 30.29 -2.20
CA THR A 410 22.09 30.84 -3.46
C THR A 410 21.88 32.37 -3.54
N GLU A 411 22.98 33.09 -3.76
CA GLU A 411 22.92 34.53 -4.01
C GLU A 411 22.41 34.79 -5.45
N THR A 412 21.34 35.58 -5.57
CA THR A 412 20.81 35.89 -6.87
C THR A 412 21.20 37.28 -7.39
N HIS A 413 21.65 38.16 -6.51
CA HIS A 413 21.94 39.56 -6.84
C HIS A 413 20.69 40.32 -7.30
N ALA A 414 19.47 39.86 -6.99
CA ALA A 414 18.25 40.51 -7.44
C ALA A 414 18.24 42.00 -7.11
N ARG A 415 18.60 42.34 -5.88
CA ARG A 415 18.73 43.76 -5.48
C ARG A 415 20.06 43.88 -4.80
N GLY A 416 21.09 43.41 -5.50
CA GLY A 416 22.43 43.43 -4.98
C GLY A 416 22.73 42.28 -4.06
N GLU A 417 23.87 42.36 -3.40
CA GLU A 417 24.31 41.32 -2.48
C GLU A 417 23.30 41.19 -1.33
N GLY A 418 23.17 39.95 -0.86
CA GLY A 418 22.25 39.61 0.19
C GLY A 418 20.90 39.12 -0.33
N SER A 419 20.80 39.05 -1.65
CA SER A 419 19.57 38.64 -2.28
C SER A 419 19.54 37.11 -2.45
N THR A 420 19.68 36.39 -1.36
CA THR A 420 19.63 34.95 -1.44
C THR A 420 18.20 34.52 -1.69
N ILE A 421 18.07 33.28 -2.21
CA ILE A 421 16.75 32.75 -2.47
C ILE A 421 15.95 32.75 -1.16
N GLY A 422 16.59 32.36 -0.04
CA GLY A 422 15.86 32.36 1.20
C GLY A 422 15.43 33.72 1.65
N ASN A 423 16.29 34.72 1.46
CA ASN A 423 15.89 36.08 1.78
C ASN A 423 14.77 36.60 0.90
N ILE A 424 14.77 36.19 -0.37
CA ILE A 424 13.69 36.53 -1.23
C ILE A 424 12.38 35.90 -0.75
N LEU A 425 12.42 34.61 -0.42
CA LEU A 425 11.24 33.92 0.03
C LEU A 425 10.71 34.55 1.31
N GLU A 426 11.63 34.96 2.19
CA GLU A 426 11.19 35.56 3.47
C GLU A 426 10.52 36.92 3.34
N GLY A 427 10.74 37.59 2.21
CA GLY A 427 10.18 38.93 2.01
C GLY A 427 11.16 40.06 2.32
N LYS A 428 12.44 39.74 2.47
CA LYS A 428 13.46 40.76 2.83
C LYS A 428 14.05 41.46 1.62
N VAL A 429 13.68 41.04 0.42
CA VAL A 429 14.25 41.61 -0.78
C VAL A 429 13.21 42.49 -1.48
N PHE A 430 12.08 41.89 -1.83
CA PHE A 430 10.98 42.58 -2.45
C PHE A 430 9.91 42.61 -1.40
N LYS A 431 9.23 43.73 -1.22
CA LYS A 431 8.17 43.76 -0.22
C LYS A 431 7.02 42.90 -0.69
N THR A 432 6.58 42.00 0.17
CA THR A 432 5.59 41.05 -0.26
C THR A 432 4.54 40.73 0.78
N ARG A 433 3.50 40.00 0.43
CA ARG A 433 2.41 39.81 1.35
C ARG A 433 2.33 38.43 1.98
N HIS A 434 2.60 37.43 1.19
CA HIS A 434 2.51 36.01 1.42
C HIS A 434 3.83 35.30 1.12
N THR A 435 4.33 34.58 2.15
CA THR A 435 5.56 33.83 1.98
C THR A 435 5.39 32.33 2.29
N GLY A 436 6.23 31.50 1.72
CA GLY A 436 6.10 30.07 2.01
C GLY A 436 7.00 29.16 1.20
N MET A 437 6.91 27.87 1.52
CA MET A 437 7.57 26.86 0.74
C MET A 437 6.71 25.60 0.87
N ALA A 438 6.66 24.87 -0.23
CA ALA A 438 5.92 23.63 -0.39
C ALA A 438 6.89 22.50 -0.70
N GLY A 439 6.64 21.33 -0.11
CA GLY A 439 7.47 20.17 -0.31
C GLY A 439 6.67 18.95 -0.75
N VAL A 440 7.06 18.43 -1.91
CA VAL A 440 6.34 17.27 -2.51
C VAL A 440 6.88 16.02 -1.84
N ILE A 441 6.16 15.52 -0.83
CA ILE A 441 6.63 14.43 -0.02
C ILE A 441 6.18 13.05 -0.45
N ASN A 442 4.97 12.94 -0.99
CA ASN A 442 4.39 11.67 -1.47
C ASN A 442 4.62 10.42 -0.60
N PRO A 443 4.38 10.50 0.70
CA PRO A 443 4.46 9.31 1.53
C PRO A 443 3.27 8.40 1.21
N GLY A 444 3.26 7.23 1.83
CA GLY A 444 2.19 6.30 1.60
C GLY A 444 2.04 5.33 2.76
N THR A 445 1.26 4.27 2.51
CA THR A 445 0.87 3.35 3.57
C THR A 445 1.95 2.41 4.02
N ASP A 446 3.12 2.45 3.40
CA ASP A 446 4.24 1.61 3.91
C ASP A 446 4.42 1.92 5.40
N ARG A 447 4.83 0.93 6.18
CA ARG A 447 4.94 1.06 7.62
C ARG A 447 5.81 2.25 8.04
N ASN A 448 6.88 2.52 7.29
CA ASN A 448 7.79 3.61 7.61
C ASN A 448 7.52 4.90 6.85
N TRP A 449 6.33 5.00 6.23
CA TRP A 449 5.82 6.18 5.56
C TRP A 449 6.49 6.59 4.27
N THR A 450 7.78 6.32 4.16
CA THR A 450 8.57 6.83 3.05
C THR A 450 9.23 5.79 2.16
N GLY A 451 9.10 4.50 2.52
CA GLY A 451 9.71 3.42 1.75
C GLY A 451 11.13 3.24 2.14
N HIS A 452 11.99 4.10 1.61
CA HIS A 452 13.39 4.11 1.99
C HIS A 452 13.50 4.85 3.30
N PRO A 453 14.09 4.28 4.34
CA PRO A 453 14.20 5.01 5.60
C PRO A 453 14.80 6.41 5.48
N PHE A 454 15.75 6.61 4.57
CA PHE A 454 16.42 7.90 4.54
C PHE A 454 15.59 8.98 3.86
N VAL A 455 14.50 8.62 3.17
CA VAL A 455 13.63 9.65 2.65
C VAL A 455 13.01 10.46 3.84
N GLN A 456 12.87 9.82 4.99
CA GLN A 456 12.44 10.53 6.19
C GLN A 456 13.31 11.73 6.48
N SER A 457 14.60 11.57 6.26
CA SER A 457 15.54 12.68 6.53
C SER A 457 15.31 13.89 5.64
N SER A 458 14.87 13.65 4.40
CA SER A 458 14.58 14.70 3.45
C SER A 458 13.30 15.45 3.89
N TRP A 459 12.27 14.70 4.29
CA TRP A 459 11.04 15.33 4.81
C TRP A 459 11.40 16.18 6.03
N TYR A 460 12.23 15.63 6.91
CA TYR A 460 12.67 16.32 8.11
C TYR A 460 13.35 17.66 7.74
N ALA A 461 14.36 17.58 6.88
CA ALA A 461 15.10 18.77 6.51
C ALA A 461 14.17 19.81 5.87
N PHE A 462 13.26 19.38 5.00
CA PHE A 462 12.33 20.29 4.39
C PHE A 462 11.58 21.10 5.44
N GLY A 463 11.01 20.43 6.42
CA GLY A 463 10.23 21.12 7.41
C GLY A 463 11.06 22.05 8.27
N ARG A 464 12.25 21.58 8.64
CA ARG A 464 13.14 22.44 9.42
C ARG A 464 13.51 23.71 8.64
N MET A 465 13.78 23.55 7.35
CA MET A 465 14.19 24.69 6.54
C MET A 465 13.02 25.60 6.16
N ALA A 466 11.80 25.05 6.12
CA ALA A 466 10.61 25.86 5.94
C ALA A 466 10.45 26.78 7.17
N TRP A 467 10.82 26.27 8.35
CA TRP A 467 10.79 27.07 9.58
C TRP A 467 11.93 28.09 9.62
N ASP A 468 13.14 27.68 9.25
CA ASP A 468 14.28 28.59 9.23
C ASP A 468 15.14 28.22 8.03
N HIS A 469 15.07 29.05 6.99
CA HIS A 469 15.75 28.72 5.74
C HIS A 469 17.25 28.80 5.80
N GLN A 470 17.82 29.27 6.91
CA GLN A 470 19.25 29.29 7.07
C GLN A 470 19.77 28.04 7.82
N ILE A 471 18.90 27.13 8.25
CA ILE A 471 19.37 25.92 8.87
C ILE A 471 20.12 25.11 7.83
N SER A 472 21.27 24.58 8.20
CA SER A 472 22.08 23.82 7.27
C SER A 472 21.63 22.40 7.16
N ALA A 473 21.98 21.79 6.05
CA ALA A 473 21.74 20.35 5.88
C ALA A 473 22.42 19.53 6.97
N ALA A 474 23.62 19.93 7.37
CA ALA A 474 24.33 19.22 8.41
C ALA A 474 23.61 19.31 9.74
N THR A 475 23.12 20.49 10.11
CA THR A 475 22.38 20.64 11.37
C THR A 475 21.14 19.77 11.37
N ALA A 476 20.37 19.79 10.28
CA ALA A 476 19.18 18.99 10.22
C ALA A 476 19.49 17.51 10.27
N ALA A 477 20.59 17.11 9.62
CA ALA A 477 20.98 15.70 9.62
C ALA A 477 21.39 15.25 11.01
N ASP A 478 22.13 16.09 11.72
CA ASP A 478 22.56 15.76 13.08
C ASP A 478 21.32 15.51 13.96
N GLU A 479 20.36 16.42 13.91
CA GLU A 479 19.14 16.27 14.67
C GLU A 479 18.42 14.97 14.30
N TRP A 480 18.23 14.76 12.99
CA TRP A 480 17.43 13.63 12.53
C TRP A 480 18.10 12.34 12.94
N LEU A 481 19.40 12.26 12.84
CA LEU A 481 20.12 11.01 13.18
C LEU A 481 19.98 10.68 14.67
N ARG A 482 20.10 11.72 15.50
CA ARG A 482 19.96 11.53 16.92
C ARG A 482 18.55 11.06 17.28
N MET A 483 17.55 11.66 16.61
CA MET A 483 16.15 11.36 16.92
C MET A 483 15.72 10.01 16.37
N THR A 484 16.31 9.63 15.24
CA THR A 484 15.88 8.43 14.52
C THR A 484 16.66 7.17 14.85
N PHE A 485 17.96 7.34 15.08
CA PHE A 485 18.85 6.20 15.27
C PHE A 485 19.63 6.16 16.57
N SER A 486 20.44 7.18 16.86
CA SER A 486 21.40 7.05 17.95
C SER A 486 22.04 8.36 18.26
N ASN A 487 22.38 8.59 19.53
CA ASN A 487 23.16 9.75 19.94
C ASN A 487 24.65 9.45 20.09
N GLN A 488 25.08 8.26 19.72
CA GLN A 488 26.50 7.92 19.83
C GLN A 488 27.35 8.73 18.89
N PRO A 489 28.33 9.47 19.40
CA PRO A 489 29.14 10.29 18.50
C PRO A 489 29.86 9.53 17.41
N ALA A 490 30.28 8.31 17.65
CA ALA A 490 31.04 7.56 16.65
C ALA A 490 30.13 7.18 15.49
N PHE A 491 28.82 7.12 15.74
CA PHE A 491 27.84 6.85 14.69
C PHE A 491 27.46 8.12 13.93
N ILE A 492 27.16 9.17 14.67
CA ILE A 492 26.66 10.39 14.06
C ILE A 492 27.59 10.95 13.00
N GLU A 493 28.88 11.09 13.33
CA GLU A 493 29.75 11.77 12.41
C GLU A 493 29.84 11.06 11.07
N PRO A 494 30.20 9.78 10.99
CA PRO A 494 30.31 9.16 9.66
C PRO A 494 28.97 9.06 8.92
N VAL A 495 27.90 8.79 9.62
CA VAL A 495 26.61 8.67 8.92
C VAL A 495 26.14 10.04 8.46
N LYS A 496 26.43 11.08 9.22
CA LYS A 496 26.08 12.44 8.77
C LYS A 496 26.84 12.74 7.47
N GLN A 497 28.13 12.46 7.43
CA GLN A 497 28.89 12.74 6.22
C GLN A 497 28.39 11.90 5.04
N MET A 498 27.98 10.67 5.30
CA MET A 498 27.42 9.77 4.30
C MET A 498 26.16 10.42 3.71
N MET A 499 25.30 10.95 4.59
CA MET A 499 24.09 11.62 4.15
C MET A 499 24.42 12.84 3.34
N LEU A 500 25.41 13.61 3.78
CA LEU A 500 25.74 14.84 3.12
C LEU A 500 26.34 14.64 1.74
N VAL A 501 27.00 13.52 1.49
CA VAL A 501 27.53 13.27 0.15
C VAL A 501 26.51 12.61 -0.78
N SER A 502 25.48 12.02 -0.20
CA SER A 502 24.57 11.19 -1.02
C SER A 502 23.89 11.96 -2.16
N ARG A 503 23.52 13.23 -1.96
CA ARG A 503 22.95 14.04 -3.03
C ARG A 503 23.96 14.15 -4.18
N GLU A 504 25.19 14.51 -3.85
CA GLU A 504 26.19 14.68 -4.90
C GLU A 504 26.50 13.39 -5.62
N ALA A 505 26.51 12.29 -4.90
CA ALA A 505 26.72 11.01 -5.56
C ALA A 505 25.66 10.82 -6.62
N GLY A 506 24.40 11.12 -6.30
CA GLY A 506 23.29 11.00 -7.21
C GLY A 506 23.38 11.90 -8.41
N VAL A 507 23.99 13.07 -8.24
CA VAL A 507 24.29 13.92 -9.36
C VAL A 507 25.36 13.25 -10.22
N ASN A 508 26.43 12.79 -9.59
CA ASN A 508 27.65 12.38 -10.24
C ASN A 508 27.46 11.19 -11.20
N TYR A 509 26.69 10.17 -10.76
CA TYR A 509 26.59 9.06 -11.72
C TYR A 509 25.29 9.07 -12.54
N ARG A 510 24.55 10.23 -12.44
CA ARG A 510 23.44 10.47 -13.37
C ARG A 510 23.78 11.50 -14.47
N SER A 511 24.26 12.65 -14.05
CA SER A 511 24.34 13.81 -14.93
C SER A 511 25.13 14.93 -14.26
N PRO A 512 26.43 14.76 -14.21
CA PRO A 512 27.30 15.81 -13.65
C PRO A 512 27.57 16.96 -14.63
N LEU A 513 28.24 17.98 -14.12
CA LEU A 513 28.75 19.09 -14.92
C LEU A 513 27.73 19.96 -15.60
N GLY A 514 26.50 19.91 -15.14
CA GLY A 514 25.45 20.67 -15.78
C GLY A 514 24.64 19.89 -16.79
N LEU A 515 24.98 18.62 -16.98
CA LEU A 515 24.09 17.73 -17.70
C LEU A 515 22.80 17.61 -16.91
N THR A 516 21.77 17.19 -17.62
CA THR A 516 20.44 17.08 -17.04
C THR A 516 19.50 16.30 -17.96
N HIS A 517 18.44 15.82 -17.37
CA HIS A 517 17.32 15.23 -18.10
C HIS A 517 17.78 14.03 -18.93
N LEU A 518 18.54 13.12 -18.33
CA LEU A 518 19.07 11.94 -19.04
C LEU A 518 18.32 10.67 -18.67
N TYR A 519 17.18 10.83 -18.00
CA TYR A 519 16.35 9.71 -17.52
C TYR A 519 15.54 9.02 -18.60
N SER A 520 15.25 7.74 -18.34
CA SER A 520 14.21 7.00 -19.06
C SER A 520 12.90 7.75 -18.94
N GLN A 521 12.22 7.92 -20.04
CA GLN A 521 10.96 8.67 -20.06
C GLN A 521 9.80 7.73 -20.20
N GLY A 522 8.69 7.94 -19.50
CA GLY A 522 8.49 8.97 -18.49
C GLY A 522 8.64 8.45 -17.07
N ASP A 523 9.12 7.21 -16.93
CA ASP A 523 9.17 6.59 -15.61
C ASP A 523 10.23 7.17 -14.68
N HIS A 524 11.35 7.60 -15.24
CA HIS A 524 12.44 8.23 -14.55
C HIS A 524 13.28 7.39 -13.60
N TYR A 525 13.23 6.06 -13.71
CA TYR A 525 14.05 5.28 -12.79
C TYR A 525 15.50 5.17 -13.23
N GLY A 526 15.70 4.76 -14.47
CA GLY A 526 17.03 4.44 -14.96
C GLY A 526 17.50 5.40 -16.05
N PRO A 527 18.72 5.14 -16.52
CA PRO A 527 19.31 5.99 -17.56
C PRO A 527 18.73 5.79 -18.94
N ALA A 528 18.63 6.89 -19.68
CA ALA A 528 18.33 6.83 -21.10
C ALA A 528 18.83 8.08 -21.82
N PRO A 529 20.15 8.31 -21.81
CA PRO A 529 20.66 9.57 -22.40
C PRO A 529 20.55 9.65 -23.90
N TRP A 530 20.29 8.50 -24.53
CA TRP A 530 20.04 8.48 -25.96
C TRP A 530 18.62 8.88 -26.35
N THR A 531 17.72 9.11 -25.39
CA THR A 531 16.28 9.39 -25.67
C THR A 531 16.13 10.52 -26.65
N ASP A 532 15.36 10.20 -27.69
CA ASP A 532 15.10 11.10 -28.78
C ASP A 532 13.71 10.77 -29.37
N ASP A 533 13.33 11.46 -30.41
CA ASP A 533 12.06 11.19 -31.11
C ASP A 533 10.86 10.94 -30.20
N LEU A 534 10.56 11.91 -29.34
CA LEU A 534 9.36 11.88 -28.51
C LEU A 534 8.40 12.90 -29.17
N PRO A 535 7.10 12.90 -28.86
CA PRO A 535 6.20 13.88 -29.50
C PRO A 535 6.63 15.31 -29.22
N ARG A 536 7.37 15.53 -28.15
CA ARG A 536 7.94 16.85 -27.98
C ARG A 536 9.42 16.73 -27.65
N ALA A 537 10.21 17.55 -28.34
CA ALA A 537 11.67 17.52 -28.23
C ALA A 537 12.13 17.79 -26.82
N ASP A 538 11.39 18.63 -26.10
CA ASP A 538 11.78 19.00 -24.74
C ASP A 538 11.51 17.93 -23.70
N TRP A 539 10.98 16.79 -24.14
CA TRP A 539 10.81 15.64 -23.25
C TRP A 539 11.99 14.67 -23.42
N THR A 540 12.83 14.90 -24.43
CA THR A 540 13.96 14.02 -24.71
C THR A 540 15.23 14.35 -23.92
N ALA A 541 16.25 13.51 -24.07
CA ALA A 541 17.54 13.75 -23.47
C ALA A 541 18.45 14.55 -24.41
N VAL A 542 18.45 14.17 -25.69
CA VAL A 542 19.35 14.82 -26.63
C VAL A 542 19.12 16.31 -26.74
N TYR A 543 17.89 16.74 -26.54
CA TYR A 543 17.53 18.16 -26.55
C TYR A 543 18.40 18.94 -25.58
N TYR A 544 18.68 18.33 -24.44
CA TYR A 544 19.38 19.05 -23.38
C TYR A 544 20.91 18.95 -23.47
N HIS A 545 21.45 17.80 -23.87
CA HIS A 545 22.92 17.64 -23.87
C HIS A 545 23.57 18.02 -25.17
N ARG A 546 22.86 17.84 -26.29
CA ARG A 546 23.37 18.26 -27.58
C ARG A 546 24.77 17.71 -27.85
N ALA A 547 25.04 16.51 -27.37
CA ALA A 547 26.35 15.86 -27.57
C ALA A 547 26.59 15.54 -29.04
N SER A 548 27.83 15.78 -29.45
CA SER A 548 28.28 15.46 -30.81
C SER A 548 29.73 15.02 -30.77
N LYS A 549 30.25 14.71 -31.94
CA LYS A 549 31.61 14.33 -32.04
C LYS A 549 32.55 15.45 -31.59
N THR A 550 32.11 16.70 -31.64
CA THR A 550 32.98 17.79 -31.29
C THR A 550 32.80 18.34 -29.88
N GLY A 551 31.61 18.18 -29.29
CA GLY A 551 31.41 18.76 -27.97
C GLY A 551 30.08 18.42 -27.35
N ILE A 552 29.75 19.13 -26.28
CA ILE A 552 28.55 18.83 -25.51
C ILE A 552 28.16 20.10 -24.75
N GLY A 553 26.87 20.19 -24.45
CA GLY A 553 26.35 21.29 -23.67
C GLY A 553 25.35 22.13 -24.43
N PHE A 554 24.70 23.05 -23.75
CA PHE A 554 23.62 23.84 -24.34
C PHE A 554 23.97 25.31 -24.17
N ASN A 555 24.10 26.02 -25.29
CA ASN A 555 24.48 27.43 -25.27
C ASN A 555 23.31 28.33 -24.90
N ARG A 556 23.36 28.86 -23.68
CA ARG A 556 22.35 29.78 -23.19
C ARG A 556 22.93 31.16 -22.92
N THR A 557 24.11 31.39 -23.48
CA THR A 557 24.72 32.71 -23.45
C THR A 557 24.09 33.62 -24.53
N LYS A 558 24.60 34.84 -24.62
CA LYS A 558 24.16 35.80 -25.63
C LYS A 558 24.26 35.28 -27.07
N THR A 559 25.17 34.33 -27.33
CA THR A 559 25.34 33.75 -28.68
C THR A 559 24.46 32.53 -28.92
N GLY A 560 23.70 32.13 -27.89
CA GLY A 560 22.79 31.01 -28.00
C GLY A 560 21.39 31.47 -27.66
N SER A 561 20.72 30.80 -26.72
CA SER A 561 19.33 31.16 -26.38
C SER A 561 19.20 32.41 -25.51
N ASN A 562 20.32 32.86 -24.97
CA ASN A 562 20.39 34.00 -24.08
C ASN A 562 19.48 33.93 -22.88
N ALA A 563 19.28 32.72 -22.38
CA ALA A 563 18.55 32.59 -21.12
C ALA A 563 19.29 33.32 -20.00
N LEU A 564 20.61 33.48 -20.12
CA LEU A 564 21.34 34.17 -19.07
C LEU A 564 20.85 35.61 -18.86
N ALA A 565 20.31 36.22 -19.92
CA ALA A 565 19.73 37.58 -19.82
C ALA A 565 18.48 37.66 -18.95
N GLN A 566 17.95 36.50 -18.58
CA GLN A 566 16.83 36.46 -17.69
C GLN A 566 17.25 36.59 -16.24
N TYR A 567 18.54 36.50 -15.98
CA TYR A 567 19.08 36.64 -14.63
C TYR A 567 19.61 38.06 -14.36
N PRO A 568 19.79 38.43 -13.11
CA PRO A 568 20.42 39.72 -12.82
C PRO A 568 21.83 39.74 -13.41
N GLU A 569 22.28 40.95 -13.76
CA GLU A 569 23.51 41.11 -14.47
C GLU A 569 24.72 40.41 -13.83
N PRO A 570 24.93 40.48 -12.51
CA PRO A 570 26.11 39.82 -11.94
C PRO A 570 26.07 38.31 -12.14
N ILE A 571 24.88 37.72 -12.16
CA ILE A 571 24.76 36.28 -12.43
C ILE A 571 25.02 36.00 -13.91
N ALA A 572 24.40 36.77 -14.80
CA ALA A 572 24.66 36.62 -16.22
C ALA A 572 26.14 36.75 -16.53
N LYS A 573 26.81 37.67 -15.86
CA LYS A 573 28.23 37.90 -16.13
C LYS A 573 29.05 36.72 -15.65
N ALA A 574 28.78 36.26 -14.44
CA ALA A 574 29.54 35.19 -13.85
C ALA A 574 29.37 33.88 -14.60
N TRP A 575 28.14 33.59 -15.00
CA TRP A 575 27.86 32.33 -15.64
C TRP A 575 28.19 32.34 -17.11
N GLY A 576 28.28 33.54 -17.71
CA GLY A 576 28.54 33.61 -19.13
C GLY A 576 30.01 33.58 -19.47
N ASP A 577 30.89 33.81 -18.50
CA ASP A 577 32.32 33.82 -18.71
C ASP A 577 32.88 32.46 -18.31
N LEU A 578 33.61 31.80 -19.20
CA LEU A 578 34.15 30.48 -18.92
C LEU A 578 35.07 30.49 -17.71
N ASN A 579 35.61 31.69 -17.42
CA ASN A 579 36.60 31.81 -16.34
C ASN A 579 35.95 31.78 -14.95
N SER A 580 34.65 32.10 -14.90
CA SER A 580 33.99 32.22 -13.60
C SER A 580 32.81 31.25 -13.45
N VAL A 581 32.30 30.69 -14.53
CA VAL A 581 31.12 29.81 -14.40
C VAL A 581 31.47 28.60 -13.58
N PRO A 582 30.65 28.25 -12.61
CA PRO A 582 30.92 27.04 -11.83
C PRO A 582 30.85 25.79 -12.70
N GLU A 583 31.83 24.91 -12.53
CA GLU A 583 31.86 23.67 -13.28
C GLU A 583 30.65 22.81 -13.02
N ASP A 584 30.07 22.91 -11.83
CA ASP A 584 28.88 22.14 -11.55
C ASP A 584 27.63 22.58 -12.27
N LEU A 585 27.71 23.69 -13.00
CA LEU A 585 26.62 24.18 -13.84
C LEU A 585 26.99 24.35 -15.30
N ILE A 586 28.23 24.03 -15.67
CA ILE A 586 28.74 24.63 -16.89
C ILE A 586 27.98 24.28 -18.15
N LEU A 587 27.57 23.02 -18.27
CA LEU A 587 26.90 22.58 -19.47
C LEU A 587 25.44 23.02 -19.56
N TRP A 588 24.93 23.69 -18.52
CA TRP A 588 23.65 24.33 -18.66
C TRP A 588 23.70 25.55 -19.58
N PHE A 589 24.88 26.13 -19.70
CA PHE A 589 24.99 27.44 -20.34
C PHE A 589 25.95 27.50 -21.51
N HIS A 590 26.85 26.53 -21.59
CA HIS A 590 27.89 26.48 -22.62
C HIS A 590 27.93 25.16 -23.35
N HIS A 591 28.06 25.24 -24.68
CA HIS A 591 28.36 24.09 -25.51
C HIS A 591 29.86 24.19 -25.69
N LEU A 592 30.59 23.18 -25.23
CA LEU A 592 32.03 23.18 -25.13
C LEU A 592 32.63 22.00 -25.90
N SER A 593 33.78 22.22 -26.51
CA SER A 593 34.47 21.15 -27.17
C SER A 593 34.99 20.15 -26.14
N TRP A 594 35.10 18.91 -26.54
CA TRP A 594 35.58 17.91 -25.63
C TRP A 594 37.01 18.14 -25.12
N ASP A 595 37.77 18.94 -25.86
CA ASP A 595 39.15 19.27 -25.44
C ASP A 595 39.29 20.44 -24.49
N HIS A 596 38.18 21.08 -24.15
CA HIS A 596 38.21 22.10 -23.12
C HIS A 596 38.81 21.54 -21.84
N ARG A 597 39.81 22.21 -21.26
CA ARG A 597 40.41 21.75 -20.01
C ARG A 597 39.73 22.32 -18.80
N MET A 598 39.37 21.42 -17.87
CA MET A 598 38.72 21.78 -16.62
C MET A 598 39.73 22.12 -15.55
N GLN A 599 39.24 22.58 -14.41
CA GLN A 599 40.12 23.02 -13.34
C GLN A 599 41.06 21.91 -12.87
N SER A 600 40.60 20.67 -12.95
CA SER A 600 41.38 19.50 -12.55
C SER A 600 42.55 19.19 -13.49
N GLY A 601 42.54 19.79 -14.68
CA GLY A 601 43.53 19.50 -15.69
C GLY A 601 43.07 18.48 -16.71
N ARG A 602 41.98 17.77 -16.41
CA ARG A 602 41.41 16.85 -17.38
C ARG A 602 40.69 17.63 -18.46
N ASN A 603 40.65 17.08 -19.66
CA ASN A 603 39.75 17.65 -20.67
C ASN A 603 38.27 17.29 -20.29
N LEU A 604 37.32 17.88 -20.98
CA LEU A 604 35.92 17.74 -20.63
C LEU A 604 35.45 16.28 -20.77
N TRP A 605 35.90 15.56 -21.78
CA TRP A 605 35.55 14.13 -21.88
C TRP A 605 36.04 13.35 -20.65
N GLN A 606 37.30 13.59 -20.30
CA GLN A 606 37.92 12.90 -19.19
C GLN A 606 37.22 13.27 -17.88
N GLU A 607 36.83 14.54 -17.76
CA GLU A 607 36.15 14.98 -16.55
C GLU A 607 34.79 14.34 -16.42
N LEU A 608 34.06 14.29 -17.53
CA LEU A 608 32.77 13.62 -17.58
C LEU A 608 32.92 12.17 -17.12
N VAL A 609 33.88 11.44 -17.68
CA VAL A 609 34.11 10.07 -17.24
C VAL A 609 34.44 10.02 -15.73
N HIS A 610 35.35 10.91 -15.30
CA HIS A 610 35.77 10.94 -13.90
C HIS A 610 34.57 11.12 -12.97
N LYS A 611 33.67 12.03 -13.31
CA LYS A 611 32.53 12.30 -12.40
C LYS A 611 31.57 11.09 -12.33
N TYR A 612 31.30 10.47 -13.47
CA TYR A 612 30.39 9.32 -13.48
C TYR A 612 30.97 8.22 -12.63
N TYR A 613 32.26 7.93 -12.80
CA TYR A 613 32.87 6.91 -12.01
C TYR A 613 32.95 7.32 -10.53
N GLN A 614 33.13 8.61 -10.25
CA GLN A 614 33.20 9.09 -8.86
C GLN A 614 31.86 8.80 -8.15
N GLY A 615 30.74 9.00 -8.83
CA GLY A 615 29.44 8.76 -8.21
C GLY A 615 29.29 7.32 -7.74
N VAL A 616 29.74 6.37 -8.55
CA VAL A 616 29.72 4.96 -8.15
C VAL A 616 30.66 4.70 -6.96
N GLU A 617 31.84 5.28 -7.00
CA GLU A 617 32.75 5.14 -5.88
C GLU A 617 32.13 5.70 -4.61
N GLN A 618 31.40 6.80 -4.75
CA GLN A 618 30.78 7.39 -3.59
C GLN A 618 29.72 6.44 -2.98
N VAL A 619 28.95 5.78 -3.81
CA VAL A 619 27.98 4.79 -3.33
C VAL A 619 28.68 3.65 -2.63
N ARG A 620 29.77 3.17 -3.22
CA ARG A 620 30.51 2.08 -2.61
C ARG A 620 31.04 2.50 -1.24
N ALA A 621 31.52 3.73 -1.14
CA ALA A 621 32.01 4.24 0.12
C ALA A 621 30.87 4.34 1.15
N MET A 622 29.66 4.73 0.70
CA MET A 622 28.51 4.76 1.57
C MET A 622 28.22 3.38 2.09
N GLN A 623 28.35 2.34 1.25
CA GLN A 623 28.12 0.98 1.68
C GLN A 623 29.09 0.62 2.81
N ARG A 624 30.38 0.97 2.61
CA ARG A 624 31.39 0.65 3.63
C ARG A 624 31.10 1.38 4.95
N THR A 625 30.74 2.65 4.85
CA THR A 625 30.37 3.42 6.02
C THR A 625 29.22 2.77 6.77
N TRP A 626 28.15 2.42 6.06
CA TRP A 626 26.98 1.85 6.71
C TRP A 626 27.32 0.55 7.44
N ASP A 627 28.13 -0.31 6.78
CA ASP A 627 28.53 -1.58 7.40
C ASP A 627 29.22 -1.36 8.71
N GLN A 628 29.93 -0.25 8.86
CA GLN A 628 30.65 0.05 10.10
C GLN A 628 29.74 0.49 11.24
N GLN A 629 28.44 0.62 10.98
CA GLN A 629 27.53 1.13 12.01
C GLN A 629 26.67 0.05 12.65
N GLU A 630 26.95 -1.22 12.34
CA GLU A 630 26.14 -2.31 12.82
C GLU A 630 25.85 -2.31 14.32
N ALA A 631 26.82 -1.90 15.13
CA ALA A 631 26.68 -1.93 16.56
C ALA A 631 25.73 -0.90 17.09
N TYR A 632 25.43 0.10 16.29
CA TYR A 632 24.66 1.23 16.74
C TYR A 632 23.21 1.31 16.32
N VAL A 633 22.84 0.46 15.37
CA VAL A 633 21.52 0.48 14.75
C VAL A 633 20.81 -0.84 15.05
N ASP A 634 19.49 -0.81 15.20
CA ASP A 634 18.73 -2.05 15.37
C ASP A 634 18.97 -2.92 14.14
N ALA A 635 18.90 -4.21 14.35
CA ALA A 635 19.18 -5.18 13.29
C ALA A 635 18.29 -5.01 12.08
N ALA A 636 17.01 -4.72 12.29
CA ALA A 636 16.07 -4.67 11.16
C ALA A 636 16.35 -3.51 10.22
N ARG A 637 16.43 -2.30 10.75
CA ARG A 637 16.71 -1.16 9.88
C ARG A 637 18.13 -1.30 9.33
N PHE A 638 19.05 -1.86 10.10
CA PHE A 638 20.42 -2.05 9.61
C PHE A 638 20.41 -2.87 8.34
N ALA A 639 19.74 -4.02 8.41
CA ALA A 639 19.64 -4.93 7.30
C ALA A 639 18.92 -4.33 6.10
N GLN A 640 17.87 -3.55 6.36
CA GLN A 640 17.13 -2.96 5.30
C GLN A 640 17.99 -1.97 4.52
N VAL A 641 18.62 -1.04 5.23
CA VAL A 641 19.47 -0.02 4.59
C VAL A 641 20.65 -0.70 3.86
N LYS A 642 21.26 -1.68 4.48
CA LYS A 642 22.34 -2.43 3.82
C LYS A 642 21.92 -3.02 2.48
N ALA A 643 20.75 -3.66 2.46
CA ALA A 643 20.22 -4.22 1.25
C ALA A 643 19.92 -3.17 0.20
N LEU A 644 19.25 -2.12 0.61
CA LEU A 644 18.93 -1.01 -0.31
C LEU A 644 20.19 -0.40 -0.92
N LEU A 645 21.25 -0.30 -0.13
CA LEU A 645 22.50 0.25 -0.64
C LEU A 645 23.11 -0.68 -1.69
N GLN A 646 22.89 -1.99 -1.56
CA GLN A 646 23.36 -2.91 -2.60
C GLN A 646 22.61 -2.67 -3.92
N VAL A 647 21.29 -2.47 -3.83
CA VAL A 647 20.49 -2.18 -5.02
C VAL A 647 20.95 -0.88 -5.66
N GLN A 648 21.16 0.12 -4.81
CA GLN A 648 21.64 1.41 -5.28
C GLN A 648 22.97 1.27 -6.00
N GLU A 649 23.88 0.49 -5.45
CA GLU A 649 25.20 0.33 -6.08
C GLU A 649 25.07 -0.31 -7.45
N ARG A 650 24.19 -1.30 -7.56
CA ARG A 650 23.97 -1.97 -8.84
C ARG A 650 23.37 -1.00 -9.84
N GLU A 651 22.40 -0.22 -9.42
CA GLU A 651 21.79 0.76 -10.29
C GLU A 651 22.74 1.92 -10.64
N ALA A 652 23.58 2.32 -9.70
CA ALA A 652 24.58 3.36 -9.99
C ALA A 652 25.56 2.88 -11.07
N VAL A 653 25.98 1.63 -10.97
CA VAL A 653 26.83 1.06 -12.00
C VAL A 653 26.11 1.05 -13.34
N ARG A 654 24.82 0.72 -13.34
CA ARG A 654 24.06 0.68 -14.57
C ARG A 654 23.99 2.08 -15.16
N TRP A 655 23.73 3.06 -14.32
CA TRP A 655 23.71 4.48 -14.74
C TRP A 655 25.06 4.89 -15.34
N ARG A 656 26.12 4.67 -14.60
CA ARG A 656 27.48 5.02 -15.03
C ARG A 656 27.82 4.36 -16.36
N ASN A 657 27.63 3.06 -16.47
CA ASN A 657 28.01 2.36 -17.69
C ASN A 657 27.15 2.82 -18.87
N SER A 658 25.86 3.00 -18.64
CA SER A 658 24.98 3.42 -19.72
C SER A 658 25.31 4.79 -20.26
N CYS A 659 25.57 5.74 -19.37
CA CYS A 659 25.86 7.08 -19.78
C CYS A 659 27.24 7.24 -20.38
N VAL A 660 28.23 6.63 -19.73
CA VAL A 660 29.60 6.74 -20.27
C VAL A 660 29.69 6.07 -21.63
N LEU A 661 29.09 4.90 -21.79
CA LEU A 661 29.18 4.21 -23.08
C LEU A 661 28.38 4.97 -24.12
N TYR A 662 27.27 5.59 -23.72
CA TYR A 662 26.50 6.36 -24.66
C TYR A 662 27.30 7.59 -25.11
N PHE A 663 27.83 8.38 -24.18
CA PHE A 663 28.55 9.56 -24.60
C PHE A 663 29.81 9.14 -25.37
N GLN A 664 30.41 8.00 -25.04
CA GLN A 664 31.54 7.49 -25.82
C GLN A 664 31.13 7.25 -27.26
N SER A 665 29.95 6.68 -27.47
CA SER A 665 29.50 6.36 -28.81
C SER A 665 29.36 7.62 -29.65
N VAL A 666 29.10 8.74 -29.01
CA VAL A 666 28.93 9.99 -29.72
C VAL A 666 30.29 10.69 -29.88
N ALA A 667 31.10 10.71 -28.83
CA ALA A 667 32.37 11.43 -28.84
C ALA A 667 33.47 10.65 -29.56
N GLY A 668 33.42 9.34 -29.47
CA GLY A 668 34.45 8.50 -30.07
C GLY A 668 35.80 8.61 -29.39
N ARG A 669 35.80 8.72 -28.07
CA ARG A 669 37.02 8.78 -27.27
C ARG A 669 37.06 7.63 -26.28
N PRO A 670 38.25 7.18 -25.94
CA PRO A 670 38.38 6.06 -25.00
C PRO A 670 38.15 6.44 -23.55
N ILE A 671 37.64 5.48 -22.79
CA ILE A 671 37.60 5.58 -21.34
C ILE A 671 39.02 5.31 -20.88
N PRO A 672 39.64 6.22 -20.13
CA PRO A 672 41.01 5.98 -19.67
C PRO A 672 41.16 4.65 -18.94
N ALA A 673 42.35 4.03 -19.09
CA ALA A 673 42.60 2.66 -18.61
C ALA A 673 42.55 2.49 -17.10
N ASN A 674 42.66 3.59 -16.34
CA ASN A 674 42.56 3.51 -14.89
C ASN A 674 41.09 3.49 -14.38
N TYR A 675 40.14 3.46 -15.30
CA TYR A 675 38.73 3.29 -14.93
C TYR A 675 38.32 1.90 -15.38
N GLU A 676 37.55 1.21 -14.57
CA GLU A 676 37.13 -0.13 -14.92
C GLU A 676 36.19 -0.11 -16.11
N GLN A 677 36.53 -0.87 -17.15
CA GLN A 677 35.70 -0.93 -18.34
C GLN A 677 34.38 -1.58 -17.95
N PRO A 678 33.30 -1.01 -18.45
CA PRO A 678 31.97 -1.58 -18.22
C PRO A 678 31.91 -3.04 -18.61
N GLU A 679 31.12 -3.79 -17.85
CA GLU A 679 30.96 -5.23 -18.01
C GLU A 679 30.42 -5.60 -19.39
N HIS A 680 29.57 -4.74 -19.97
CA HIS A 680 28.92 -5.00 -21.26
C HIS A 680 28.98 -3.78 -22.18
N ASP A 681 28.45 -3.89 -23.40
CA ASP A 681 28.42 -2.84 -24.42
C ASP A 681 27.15 -1.96 -24.42
N LEU A 682 27.15 -0.92 -25.25
CA LEU A 682 26.02 0.05 -25.26
C LEU A 682 24.69 -0.60 -25.54
N GLU A 683 24.62 -1.45 -26.55
CA GLU A 683 23.35 -2.11 -26.84
C GLU A 683 22.82 -2.93 -25.67
N TYR A 684 23.72 -3.55 -24.91
CA TYR A 684 23.30 -4.32 -23.75
C TYR A 684 22.59 -3.38 -22.77
N TYR A 685 23.15 -2.17 -22.58
CA TYR A 685 22.48 -1.33 -21.60
C TYR A 685 21.23 -0.69 -22.18
N LYS A 686 21.10 -0.52 -23.50
CA LYS A 686 19.82 -0.16 -24.06
C LYS A 686 18.78 -1.30 -23.79
N MET A 687 19.22 -2.55 -23.89
CA MET A 687 18.36 -3.67 -23.55
C MET A 687 17.99 -3.62 -22.06
N LEU A 688 18.94 -3.31 -21.20
CA LEU A 688 18.61 -3.25 -19.78
C LEU A 688 17.63 -2.13 -19.51
N ALA A 689 17.75 -1.03 -20.26
CA ALA A 689 16.79 0.06 -20.02
C ALA A 689 15.37 -0.34 -20.39
N ARG A 690 15.24 -1.22 -21.38
CA ARG A 690 13.91 -1.68 -21.77
C ARG A 690 13.38 -2.75 -20.85
N THR A 691 14.26 -3.46 -20.15
CA THR A 691 13.83 -4.65 -19.39
C THR A 691 13.95 -4.59 -17.88
N THR A 692 14.65 -3.59 -17.33
CA THR A 692 14.88 -3.55 -15.90
C THR A 692 13.64 -3.05 -15.20
N TYR A 693 13.17 -3.82 -14.24
CA TYR A 693 11.93 -3.49 -13.52
C TYR A 693 11.95 -2.09 -12.95
N VAL A 694 10.85 -1.39 -13.16
CA VAL A 694 10.70 -0.03 -12.67
C VAL A 694 9.84 -0.09 -11.41
N PRO A 695 10.40 0.20 -10.24
CA PRO A 695 9.67 -0.09 -8.99
C PRO A 695 8.76 1.02 -8.53
N GLU A 696 7.68 1.22 -9.27
CA GLU A 696 6.66 2.20 -8.87
C GLU A 696 5.30 1.74 -9.36
N PRO A 697 4.30 1.64 -8.49
CA PRO A 697 2.97 1.22 -8.97
C PRO A 697 2.36 2.14 -10.00
N TRP A 698 2.51 3.45 -9.85
CA TRP A 698 1.83 4.38 -10.73
C TRP A 698 2.25 4.36 -12.18
N HIS A 699 3.54 4.43 -12.46
CA HIS A 699 3.92 4.63 -13.85
C HIS A 699 3.69 3.37 -14.66
N PRO A 700 3.13 3.49 -15.86
CA PRO A 700 2.85 2.30 -16.68
C PRO A 700 4.07 1.43 -16.99
N ALA A 701 5.27 1.99 -16.91
CA ALA A 701 6.46 1.19 -17.17
C ALA A 701 6.57 -0.02 -16.22
N SER A 702 6.04 0.06 -14.99
CA SER A 702 6.18 -1.05 -14.09
C SER A 702 5.37 -2.24 -14.59
N SER A 703 4.44 -2.00 -15.52
CA SER A 703 3.65 -3.07 -16.12
C SER A 703 4.17 -3.54 -17.48
N SER A 704 5.28 -2.95 -17.93
CA SER A 704 5.78 -3.29 -19.25
C SER A 704 6.27 -4.73 -19.31
N ARG A 705 5.78 -5.47 -20.30
CA ARG A 705 6.19 -6.87 -20.49
C ARG A 705 7.33 -7.06 -21.48
N VAL A 706 7.97 -5.97 -21.88
CA VAL A 706 9.11 -6.05 -22.78
C VAL A 706 10.21 -6.89 -22.17
N LEU A 707 10.74 -7.82 -22.99
CA LEU A 707 11.73 -8.79 -22.56
C LEU A 707 13.00 -8.80 -23.42
N LYS A 708 13.12 -7.88 -24.37
CA LYS A 708 14.33 -7.79 -25.23
C LYS A 708 14.70 -6.36 -25.52
N GLU B 1 -3.34 -3.06 19.44
CA GLU B 1 -3.65 -4.12 18.47
C GLU B 1 -3.88 -3.50 17.10
N ASP B 2 -2.92 -3.69 16.23
CA ASP B 2 -3.07 -3.23 14.87
C ASP B 2 -3.22 -4.34 13.83
N GLY B 3 -3.44 -5.55 14.30
CA GLY B 3 -3.73 -6.65 13.42
C GLY B 3 -2.56 -7.28 12.69
N TYR B 4 -1.35 -6.78 12.87
CA TYR B 4 -0.22 -7.33 12.14
C TYR B 4 0.03 -8.80 12.51
N ASP B 5 -0.22 -9.15 13.77
CA ASP B 5 -0.02 -10.53 14.19
C ASP B 5 -1.15 -11.49 13.77
N MET B 6 -2.25 -10.92 13.29
CA MET B 6 -3.41 -11.74 12.91
C MET B 6 -3.80 -12.62 14.11
N TRP B 7 -3.92 -13.92 13.93
CA TRP B 7 -4.37 -14.81 15.01
C TRP B 7 -3.23 -15.41 15.80
N LEU B 8 -2.00 -15.01 15.53
CA LEU B 8 -0.84 -15.46 16.29
C LEU B 8 -0.47 -14.43 17.32
N ARG B 9 -1.43 -14.20 18.22
CA ARG B 9 -1.25 -13.21 19.29
C ARG B 9 -0.85 -13.94 20.57
N TYR B 10 0.38 -13.76 20.95
CA TYR B 10 0.90 -14.51 22.08
C TYR B 10 0.98 -13.66 23.32
N GLN B 11 -0.20 -13.28 23.77
CA GLN B 11 -0.38 -12.49 24.97
C GLN B 11 -0.68 -13.41 26.11
N PRO B 12 -0.32 -13.00 27.33
CA PRO B 12 -0.56 -13.86 28.48
C PRO B 12 -2.00 -14.29 28.65
N ILE B 13 -2.18 -15.56 28.95
CA ILE B 13 -3.51 -16.11 29.14
C ILE B 13 -4.18 -15.34 30.26
N ALA B 14 -5.39 -14.88 30.01
CA ALA B 14 -6.05 -13.95 30.94
C ALA B 14 -6.64 -14.65 32.16
N ASP B 15 -7.08 -15.87 31.98
CA ASP B 15 -7.64 -16.65 33.07
C ASP B 15 -6.47 -17.08 33.96
N GLN B 16 -6.35 -16.50 35.15
CA GLN B 16 -5.22 -16.79 36.03
C GLN B 16 -5.14 -18.24 36.51
N THR B 17 -6.27 -18.91 36.75
CA THR B 17 -6.25 -20.32 37.16
C THR B 17 -5.75 -21.20 36.01
N LEU B 18 -6.24 -20.94 34.79
CA LEU B 18 -5.81 -21.71 33.63
C LEU B 18 -4.32 -21.42 33.35
N LEU B 19 -3.92 -20.16 33.45
CA LEU B 19 -2.54 -19.79 33.22
C LEU B 19 -1.60 -20.57 34.15
N LYS B 20 -1.96 -20.66 35.43
CA LYS B 20 -1.14 -21.39 36.38
C LYS B 20 -1.02 -22.83 36.00
N THR B 21 -2.11 -23.41 35.52
CA THR B 21 -2.06 -24.79 35.09
C THR B 21 -1.09 -24.97 33.93
N TYR B 22 -1.17 -24.13 32.91
CA TYR B 22 -0.24 -24.24 31.81
C TYR B 22 1.20 -24.04 32.24
N GLN B 23 1.40 -23.10 33.18
CA GLN B 23 2.74 -22.84 33.70
C GLN B 23 3.33 -24.07 34.40
N LYS B 24 2.49 -24.86 35.03
CA LYS B 24 2.94 -26.06 35.75
C LYS B 24 3.28 -27.15 34.78
N GLN B 25 2.52 -27.23 33.68
CA GLN B 25 2.67 -28.28 32.72
C GLN B 25 3.86 -28.09 31.77
N ILE B 26 4.11 -26.85 31.36
CA ILE B 26 5.19 -26.60 30.42
C ILE B 26 6.18 -25.67 31.04
N ARG B 27 7.20 -26.26 31.64
CA ARG B 27 8.23 -25.47 32.27
C ARG B 27 9.48 -25.35 31.43
N HIS B 28 9.62 -26.24 30.46
CA HIS B 28 10.79 -26.33 29.60
C HIS B 28 10.37 -26.77 28.20
N LEU B 29 11.23 -26.45 27.24
CA LEU B 29 11.05 -26.74 25.83
C LEU B 29 12.28 -27.50 25.34
N HIS B 30 12.07 -28.77 24.99
CA HIS B 30 13.13 -29.68 24.55
C HIS B 30 13.03 -29.93 23.07
N VAL B 31 14.10 -29.56 22.36
CA VAL B 31 14.17 -29.71 20.92
C VAL B 31 15.56 -30.25 20.53
N ALA B 32 15.62 -31.51 20.13
CA ALA B 32 16.88 -32.13 19.76
C ALA B 32 17.30 -31.81 18.35
N GLY B 33 16.33 -31.58 17.47
CA GLY B 33 16.65 -31.39 16.07
C GLY B 33 17.16 -29.99 15.76
N ASP B 34 17.72 -29.83 14.57
CA ASP B 34 18.26 -28.53 14.20
C ASP B 34 18.16 -28.23 12.69
N SER B 35 17.25 -28.90 12.00
CA SER B 35 17.01 -28.56 10.60
C SER B 35 16.32 -27.19 10.55
N PRO B 36 16.31 -26.53 9.40
CA PRO B 36 15.61 -25.25 9.29
C PRO B 36 14.14 -25.29 9.75
N THR B 37 13.43 -26.37 9.39
CA THR B 37 12.04 -26.48 9.78
C THR B 37 11.88 -26.68 11.27
N ILE B 38 12.69 -27.57 11.86
CA ILE B 38 12.61 -27.75 13.31
C ILE B 38 12.97 -26.44 14.02
N ASN B 39 14.00 -25.75 13.49
CA ASN B 39 14.38 -24.47 14.07
C ASN B 39 13.21 -23.48 14.04
N ALA B 40 12.43 -23.52 12.97
CA ALA B 40 11.31 -22.61 12.83
C ALA B 40 10.23 -22.97 13.84
N ALA B 41 10.02 -24.26 14.06
CA ALA B 41 9.08 -24.72 15.05
C ALA B 41 9.53 -24.30 16.45
N ALA B 42 10.81 -24.52 16.72
CA ALA B 42 11.34 -24.15 18.00
C ALA B 42 11.20 -22.66 18.26
N ALA B 43 11.49 -21.84 17.24
CA ALA B 43 11.36 -20.39 17.35
C ALA B 43 9.91 -20.00 17.64
N GLU B 44 8.98 -20.65 16.97
CA GLU B 44 7.57 -20.33 17.18
C GLU B 44 7.12 -20.67 18.58
N LEU B 45 7.55 -21.85 19.04
CA LEU B 45 7.19 -22.28 20.38
C LEU B 45 7.86 -21.41 21.43
N GLN B 46 9.09 -20.98 21.20
CA GLN B 46 9.76 -20.12 22.17
C GLN B 46 8.98 -18.82 22.30
N ARG B 47 8.68 -18.19 21.18
CA ARG B 47 7.97 -16.91 21.26
C ARG B 47 6.53 -17.09 21.76
N GLY B 48 5.89 -18.15 21.31
CA GLY B 48 4.52 -18.40 21.63
C GLY B 48 4.31 -18.75 23.10
N LEU B 49 5.06 -19.74 23.56
CA LEU B 49 4.95 -20.14 24.97
C LEU B 49 5.39 -19.03 25.89
N SER B 50 6.46 -18.32 25.53
CA SER B 50 6.92 -17.24 26.39
C SER B 50 5.86 -16.17 26.54
N GLY B 51 5.17 -15.86 25.46
CA GLY B 51 4.16 -14.83 25.48
C GLY B 51 2.92 -15.28 26.24
N LEU B 52 2.40 -16.45 25.87
CA LEU B 52 1.19 -16.99 26.46
C LEU B 52 1.33 -17.31 27.95
N LEU B 53 2.48 -17.82 28.36
CA LEU B 53 2.69 -18.24 29.75
C LEU B 53 3.36 -17.19 30.57
N ASN B 54 3.71 -16.07 29.95
CA ASN B 54 4.31 -14.93 30.64
C ASN B 54 5.54 -15.30 31.41
N LYS B 55 6.42 -16.06 30.77
CA LYS B 55 7.72 -16.39 31.32
C LYS B 55 8.65 -16.89 30.26
N PRO B 56 9.94 -16.74 30.48
CA PRO B 56 10.91 -17.06 29.43
C PRO B 56 11.04 -18.54 29.22
N ILE B 57 10.62 -19.02 28.05
CA ILE B 57 10.74 -20.41 27.74
C ILE B 57 11.70 -20.46 26.54
N VAL B 58 12.82 -21.14 26.67
CA VAL B 58 13.86 -21.19 25.65
C VAL B 58 14.06 -22.62 25.17
N ALA B 59 14.09 -22.83 23.87
CA ALA B 59 14.31 -24.13 23.32
C ALA B 59 15.72 -24.56 23.64
N ARG B 60 15.85 -25.78 24.14
CA ARG B 60 17.15 -26.33 24.49
C ARG B 60 17.25 -27.79 24.14
N ASP B 61 18.48 -28.21 23.88
CA ASP B 61 18.82 -29.57 23.63
C ASP B 61 19.68 -29.98 24.81
N GLU B 62 19.04 -30.53 25.82
CA GLU B 62 19.72 -30.85 27.08
C GLU B 62 19.04 -32.04 27.68
N LYS B 63 19.62 -32.58 28.75
CA LYS B 63 19.01 -33.69 29.46
C LYS B 63 17.56 -33.32 29.82
N LEU B 64 16.65 -34.22 29.54
CA LEU B 64 15.22 -33.99 29.77
C LEU B 64 14.90 -33.58 31.22
N LYS B 65 14.14 -32.51 31.36
CA LYS B 65 13.67 -32.04 32.66
C LYS B 65 12.20 -32.41 32.82
N ASP B 66 11.77 -32.55 34.06
CA ASP B 66 10.36 -32.82 34.36
C ASP B 66 9.53 -31.62 33.89
N TYR B 67 8.36 -31.91 33.33
CA TYR B 67 7.40 -30.90 32.84
C TYR B 67 7.94 -30.10 31.65
N SER B 68 8.26 -30.87 30.61
CA SER B 68 8.74 -30.34 29.36
C SER B 68 7.77 -30.60 28.23
N LEU B 69 7.84 -29.70 27.25
CA LEU B 69 7.27 -29.94 25.94
C LEU B 69 8.42 -30.48 25.12
N VAL B 70 8.25 -31.64 24.50
CA VAL B 70 9.31 -32.29 23.76
C VAL B 70 8.80 -32.46 22.31
N ILE B 71 9.58 -31.96 21.36
CA ILE B 71 9.16 -32.01 19.97
C ILE B 71 10.17 -32.73 19.12
N GLY B 72 9.69 -33.47 18.11
CA GLY B 72 10.56 -34.09 17.14
C GLY B 72 9.96 -35.25 16.40
N THR B 73 10.80 -35.86 15.58
CA THR B 73 10.47 -37.10 14.90
C THR B 73 11.35 -38.19 15.53
N PRO B 74 11.00 -39.45 15.33
CA PRO B 74 11.91 -40.52 15.82
C PRO B 74 13.29 -40.38 15.21
N ASP B 75 13.41 -39.78 14.04
CA ASP B 75 14.72 -39.63 13.43
C ASP B 75 15.57 -38.54 14.05
N ASN B 76 14.96 -37.51 14.62
CA ASN B 76 15.78 -36.43 15.12
C ASN B 76 15.71 -36.23 16.62
N SER B 77 14.88 -37.02 17.29
CA SER B 77 14.75 -36.90 18.74
C SER B 77 14.70 -38.30 19.38
N PRO B 78 15.81 -38.75 19.95
CA PRO B 78 15.83 -40.05 20.65
C PRO B 78 14.76 -40.20 21.71
N LEU B 79 14.37 -39.10 22.35
CA LEU B 79 13.29 -39.16 23.33
C LEU B 79 11.99 -39.56 22.69
N ILE B 80 11.69 -38.99 21.53
CA ILE B 80 10.47 -39.34 20.84
C ILE B 80 10.57 -40.78 20.38
N ALA B 81 11.73 -41.16 19.87
CA ALA B 81 11.94 -42.53 19.41
C ALA B 81 11.69 -43.56 20.54
N SER B 82 12.11 -43.18 21.74
CA SER B 82 12.00 -44.09 22.89
C SER B 82 10.58 -44.46 23.24
N LEU B 83 9.63 -43.65 22.79
CA LEU B 83 8.25 -43.94 23.09
C LEU B 83 7.67 -45.06 22.22
N ASN B 84 8.42 -45.49 21.21
CA ASN B 84 7.96 -46.56 20.33
C ASN B 84 6.54 -46.39 19.86
N LEU B 85 6.28 -45.27 19.20
CA LEU B 85 4.90 -44.98 18.82
C LEU B 85 4.31 -45.91 17.74
N GLY B 86 5.14 -46.47 16.88
CA GLY B 86 4.72 -47.46 15.87
C GLY B 86 3.59 -47.06 14.94
N GLU B 87 2.56 -47.90 14.90
CA GLU B 87 1.36 -47.68 14.06
C GLU B 87 0.74 -46.34 14.34
N ARG B 88 0.97 -45.84 15.56
CA ARG B 88 0.41 -44.59 15.95
C ARG B 88 0.97 -43.51 15.04
N LEU B 89 2.27 -43.59 14.74
CA LEU B 89 2.86 -42.61 13.85
C LEU B 89 2.61 -42.93 12.40
N GLN B 90 2.48 -44.20 12.06
CA GLN B 90 2.27 -44.57 10.66
C GLN B 90 1.05 -43.91 10.03
N ALA B 91 -0.02 -43.82 10.80
CA ALA B 91 -1.26 -43.22 10.31
C ALA B 91 -1.14 -41.73 10.03
N LEU B 92 -0.08 -41.11 10.50
CA LEU B 92 0.06 -39.64 10.38
C LEU B 92 0.63 -39.24 9.03
N GLY B 93 1.26 -40.17 8.34
CA GLY B 93 1.85 -39.88 7.06
C GLY B 93 2.89 -38.80 7.08
N ALA B 94 3.00 -38.10 5.95
CA ALA B 94 4.07 -37.15 5.72
C ALA B 94 3.92 -35.79 6.37
N GLU B 95 2.70 -35.45 6.75
CA GLU B 95 2.43 -34.12 7.28
C GLU B 95 1.68 -34.09 8.61
N GLY B 96 1.22 -35.25 9.11
CA GLY B 96 0.48 -35.33 10.34
C GLY B 96 1.35 -35.34 11.59
N TYR B 97 0.67 -35.26 12.73
CA TYR B 97 1.35 -35.21 14.00
C TYR B 97 0.48 -35.78 15.11
N LEU B 98 1.12 -36.07 16.25
CA LEU B 98 0.51 -36.55 17.47
C LEU B 98 0.89 -35.59 18.59
N LEU B 99 -0.10 -35.16 19.35
CA LEU B 99 0.08 -34.32 20.55
C LEU B 99 -0.37 -35.15 21.73
N GLU B 100 0.51 -35.35 22.70
CA GLU B 100 0.14 -36.24 23.79
C GLU B 100 0.84 -35.92 25.09
N GLN B 101 0.06 -35.89 26.18
CA GLN B 101 0.64 -35.86 27.52
C GLN B 101 1.02 -37.27 27.92
N THR B 102 2.28 -37.44 28.31
CA THR B 102 2.76 -38.77 28.62
C THR B 102 3.96 -38.67 29.53
N ARG B 103 4.74 -39.75 29.57
CA ARG B 103 5.92 -39.80 30.42
C ARG B 103 7.10 -40.38 29.67
N ILE B 104 8.29 -39.85 29.94
CA ILE B 104 9.55 -40.36 29.38
C ILE B 104 10.52 -40.49 30.57
N ASN B 105 10.98 -41.72 30.83
CA ASN B 105 11.79 -42.04 32.02
C ASN B 105 11.34 -41.26 33.25
N LYS B 106 10.05 -41.37 33.52
CA LYS B 106 9.46 -40.85 34.73
C LYS B 106 9.24 -39.33 34.71
N ARG B 107 9.76 -38.66 33.68
CA ARG B 107 9.53 -37.23 33.56
C ARG B 107 8.16 -36.99 32.92
N HIS B 108 7.44 -35.98 33.41
CA HIS B 108 6.16 -35.58 32.83
C HIS B 108 6.47 -34.76 31.56
N VAL B 109 5.84 -35.13 30.45
CA VAL B 109 6.07 -34.39 29.21
C VAL B 109 4.77 -34.26 28.44
N VAL B 110 4.78 -33.31 27.51
CA VAL B 110 3.80 -33.25 26.44
C VAL B 110 4.66 -33.31 25.20
N ILE B 111 4.29 -34.19 24.29
CA ILE B 111 5.04 -34.42 23.06
C ILE B 111 4.30 -33.86 21.85
N VAL B 112 5.10 -33.35 20.92
CA VAL B 112 4.66 -33.02 19.56
C VAL B 112 5.51 -33.95 18.68
N ALA B 113 4.90 -35.03 18.17
CA ALA B 113 5.63 -36.03 17.45
C ALA B 113 5.09 -36.15 16.03
N ALA B 114 5.96 -36.44 15.09
CA ALA B 114 5.56 -36.58 13.71
C ALA B 114 6.58 -37.45 12.97
N ASN B 115 6.27 -37.84 11.73
CA ASN B 115 7.25 -38.55 10.92
C ASN B 115 8.20 -37.59 10.24
N SER B 116 7.71 -36.38 9.93
CA SER B 116 8.48 -35.36 9.22
C SER B 116 8.67 -34.08 10.04
N ASP B 117 9.68 -33.30 9.68
CA ASP B 117 9.88 -32.03 10.35
C ASP B 117 8.67 -31.09 10.14
N VAL B 118 8.08 -31.10 8.95
CA VAL B 118 6.92 -30.21 8.74
C VAL B 118 5.73 -30.61 9.59
N GLY B 119 5.58 -31.92 9.83
CA GLY B 119 4.57 -32.41 10.72
C GLY B 119 4.78 -31.88 12.13
N VAL B 120 6.04 -31.81 12.57
CA VAL B 120 6.36 -31.22 13.87
C VAL B 120 5.97 -29.72 13.88
N LEU B 121 6.24 -29.02 12.78
CA LEU B 121 5.88 -27.62 12.67
C LEU B 121 4.36 -27.44 12.82
N TYR B 122 3.61 -28.23 12.04
CA TYR B 122 2.16 -28.14 12.11
C TYR B 122 1.64 -28.46 13.49
N GLY B 123 2.18 -29.50 14.09
CA GLY B 123 1.79 -29.91 15.44
C GLY B 123 2.09 -28.83 16.46
N SER B 124 3.21 -28.13 16.26
CA SER B 124 3.64 -27.08 17.17
C SER B 124 2.64 -25.93 17.10
N PHE B 125 2.18 -25.58 15.89
CA PHE B 125 1.17 -24.58 15.80
C PHE B 125 -0.15 -25.03 16.44
N HIS B 126 -0.53 -26.31 16.29
CA HIS B 126 -1.75 -26.78 16.96
C HIS B 126 -1.58 -26.71 18.49
N LEU B 127 -0.41 -27.11 19.00
CA LEU B 127 -0.19 -27.02 20.43
C LEU B 127 -0.41 -25.60 20.93
N LEU B 128 0.18 -24.63 20.21
CA LEU B 128 0.00 -23.25 20.59
C LEU B 128 -1.49 -22.86 20.52
N ARG B 129 -2.17 -23.29 19.47
CA ARG B 129 -3.57 -23.01 19.31
C ARG B 129 -4.41 -23.55 20.47
N LEU B 130 -4.06 -24.71 21.00
CA LEU B 130 -4.79 -25.24 22.14
C LEU B 130 -4.67 -24.30 23.30
N ILE B 131 -3.46 -23.78 23.53
CA ILE B 131 -3.29 -22.80 24.64
C ILE B 131 -4.00 -21.49 24.34
N GLN B 132 -3.84 -20.98 23.11
CA GLN B 132 -4.46 -19.71 22.75
C GLN B 132 -5.99 -19.73 22.89
N THR B 133 -6.59 -20.90 22.70
CA THR B 133 -8.05 -21.08 22.79
C THR B 133 -8.50 -21.63 24.14
N GLN B 134 -7.57 -21.64 25.08
CA GLN B 134 -7.84 -22.05 26.45
C GLN B 134 -8.36 -23.49 26.58
N HIS B 135 -7.77 -24.43 25.83
CA HIS B 135 -8.08 -25.85 25.96
C HIS B 135 -7.11 -26.48 26.96
N ALA B 136 -7.60 -27.46 27.71
CA ALA B 136 -6.80 -28.11 28.72
C ALA B 136 -5.80 -29.05 28.10
N LEU B 137 -4.61 -29.14 28.70
CA LEU B 137 -3.60 -30.07 28.24
C LEU B 137 -3.62 -31.38 29.05
N GLU B 138 -4.32 -31.37 30.18
CA GLU B 138 -4.34 -32.58 31.00
C GLU B 138 -5.00 -33.71 30.17
N LYS B 139 -4.32 -34.84 30.07
CA LYS B 139 -4.81 -36.02 29.38
C LYS B 139 -4.85 -35.83 27.86
N LEU B 140 -4.15 -34.82 27.39
CA LEU B 140 -4.15 -34.60 25.95
C LEU B 140 -3.69 -35.84 25.19
N SER B 141 -4.43 -36.20 24.15
CA SER B 141 -4.03 -37.26 23.24
C SER B 141 -4.79 -37.06 21.96
N LEU B 142 -4.14 -36.48 20.96
CA LEU B 142 -4.82 -36.28 19.70
C LEU B 142 -3.87 -36.35 18.54
N SER B 143 -4.36 -36.78 17.42
CA SER B 143 -3.54 -36.77 16.23
C SER B 143 -4.35 -36.17 15.13
N SER B 144 -3.63 -35.70 14.13
CA SER B 144 -4.29 -35.13 12.96
C SER B 144 -3.36 -35.19 11.78
N ALA B 145 -3.96 -35.39 10.61
CA ALA B 145 -3.25 -35.39 9.35
C ALA B 145 -4.16 -34.67 8.34
N PRO B 146 -3.56 -33.92 7.41
CA PRO B 146 -4.38 -33.14 6.45
C PRO B 146 -5.11 -34.10 5.51
N ARG B 147 -6.30 -33.70 5.12
CA ARG B 147 -7.14 -34.50 4.23
C ARG B 147 -6.96 -34.19 2.75
N LEU B 148 -6.25 -33.11 2.43
CA LEU B 148 -5.98 -32.72 1.05
C LEU B 148 -4.47 -32.50 0.89
N GLN B 149 -3.95 -32.83 -0.28
CA GLN B 149 -2.49 -32.77 -0.50
C GLN B 149 -1.96 -31.37 -0.71
N HIS B 150 -2.63 -30.60 -1.56
CA HIS B 150 -2.18 -29.28 -1.92
C HIS B 150 -3.11 -28.26 -1.28
N ARG B 151 -2.63 -27.54 -0.29
CA ARG B 151 -3.42 -26.62 0.48
C ARG B 151 -2.81 -25.25 0.22
N VAL B 152 -3.36 -24.54 -0.76
CA VAL B 152 -2.64 -23.44 -1.34
C VAL B 152 -3.42 -22.16 -1.31
N VAL B 153 -2.68 -21.06 -1.29
CA VAL B 153 -3.27 -19.74 -1.44
C VAL B 153 -2.90 -19.19 -2.83
N ASN B 154 -3.76 -18.31 -3.36
CA ASN B 154 -3.52 -17.63 -4.62
C ASN B 154 -3.60 -16.13 -4.35
N HIS B 155 -2.69 -15.44 -5.05
CA HIS B 155 -2.55 -13.98 -5.00
C HIS B 155 -2.67 -13.44 -6.42
N TRP B 156 -3.70 -12.64 -6.68
CA TRP B 156 -3.85 -12.06 -8.01
C TRP B 156 -3.03 -10.79 -8.15
N ASP B 157 -1.73 -10.90 -7.92
CA ASP B 157 -0.87 -9.74 -7.82
C ASP B 157 -0.18 -9.46 -9.15
N ASN B 158 -0.26 -8.22 -9.59
CA ASN B 158 0.47 -7.80 -10.79
C ASN B 158 1.88 -7.37 -10.36
N LEU B 159 2.81 -7.40 -11.29
CA LEU B 159 4.18 -7.09 -10.95
C LEU B 159 4.42 -5.63 -10.59
N ASN B 160 3.53 -4.75 -11.06
CA ASN B 160 3.58 -3.36 -10.63
C ASN B 160 3.19 -3.22 -9.17
N ARG B 161 2.72 -4.32 -8.58
CA ARG B 161 2.33 -4.43 -7.17
C ARG B 161 0.89 -4.03 -6.87
N VAL B 162 0.12 -3.71 -7.91
CA VAL B 162 -1.32 -3.53 -7.78
C VAL B 162 -1.95 -4.91 -7.80
N VAL B 163 -2.85 -5.16 -6.88
CA VAL B 163 -3.54 -6.45 -6.74
C VAL B 163 -4.94 -6.40 -7.39
N GLU B 164 -5.22 -7.33 -8.31
CA GLU B 164 -6.52 -7.39 -8.96
C GLU B 164 -7.51 -8.02 -7.98
N ARG B 165 -8.60 -7.28 -7.68
CA ARG B 165 -9.53 -7.66 -6.63
C ARG B 165 -8.76 -7.71 -5.31
N GLY B 166 -8.05 -6.61 -5.06
CA GLY B 166 -7.20 -6.43 -3.90
C GLY B 166 -7.59 -5.22 -3.11
N TYR B 167 -8.08 -5.49 -1.93
CA TYR B 167 -8.68 -4.46 -1.08
C TYR B 167 -7.87 -4.24 0.19
N ALA B 168 -6.64 -4.72 0.22
CA ALA B 168 -5.81 -4.76 1.40
C ALA B 168 -4.44 -4.19 1.19
N GLY B 169 -4.27 -3.37 0.17
CA GLY B 169 -3.02 -2.70 -0.10
C GLY B 169 -2.29 -3.24 -1.31
N LEU B 170 -1.05 -2.81 -1.47
CA LEU B 170 -0.20 -3.25 -2.55
C LEU B 170 0.28 -4.66 -2.28
N SER B 171 0.74 -5.32 -3.34
CA SER B 171 1.33 -6.61 -3.24
C SER B 171 2.45 -6.65 -2.20
N LEU B 172 2.51 -7.73 -1.43
CA LEU B 172 3.53 -7.90 -0.43
C LEU B 172 4.93 -7.97 -1.02
N TRP B 173 5.04 -8.38 -2.28
CA TRP B 173 6.35 -8.73 -2.87
C TRP B 173 7.02 -7.44 -3.38
N ASP B 174 8.10 -7.04 -2.73
CA ASP B 174 8.75 -5.74 -3.04
C ASP B 174 9.84 -5.97 -4.09
N TRP B 175 9.44 -6.13 -5.35
CA TRP B 175 10.36 -6.52 -6.40
C TRP B 175 11.55 -5.59 -6.53
N GLY B 176 11.34 -4.30 -6.31
CA GLY B 176 12.45 -3.38 -6.44
C GLY B 176 13.61 -3.64 -5.51
N SER B 177 13.37 -4.24 -4.35
CA SER B 177 14.43 -4.51 -3.38
C SER B 177 14.78 -5.99 -3.30
N LEU B 178 14.11 -6.85 -4.06
CA LEU B 178 14.48 -8.25 -4.11
C LEU B 178 15.54 -8.45 -5.18
N PRO B 179 16.39 -9.47 -5.05
CA PRO B 179 16.45 -10.41 -3.95
C PRO B 179 17.20 -9.94 -2.72
N ASN B 180 17.81 -8.76 -2.80
CA ASN B 180 18.73 -8.28 -1.77
C ASN B 180 18.13 -8.15 -0.38
N TYR B 181 16.90 -7.66 -0.31
CA TYR B 181 16.24 -7.40 0.97
C TYR B 181 15.28 -8.51 1.35
N LEU B 182 15.66 -9.27 2.35
CA LEU B 182 14.85 -10.38 2.87
C LEU B 182 13.99 -9.80 3.99
N ALA B 183 12.90 -9.17 3.62
CA ALA B 183 12.05 -8.47 4.59
C ALA B 183 11.48 -9.42 5.62
N PRO B 184 11.44 -8.99 6.89
CA PRO B 184 10.83 -9.84 7.93
C PRO B 184 9.39 -10.24 7.55
N ARG B 185 8.66 -9.39 6.86
CA ARG B 185 7.28 -9.70 6.56
C ARG B 185 7.13 -10.94 5.71
N TYR B 186 8.15 -11.31 4.89
CA TYR B 186 8.06 -12.53 4.10
C TYR B 186 8.03 -13.71 5.03
N THR B 187 8.80 -13.67 6.11
CA THR B 187 8.76 -14.71 7.10
C THR B 187 7.44 -14.72 7.89
N ASP B 188 6.92 -13.56 8.20
CA ASP B 188 5.65 -13.51 8.91
C ASP B 188 4.51 -14.06 8.06
N TYR B 189 4.55 -13.79 6.76
CA TYR B 189 3.61 -14.36 5.81
C TYR B 189 3.67 -15.88 5.85
N ALA B 190 4.88 -16.41 5.87
CA ALA B 190 5.07 -17.86 5.95
C ALA B 190 4.54 -18.43 7.25
N ARG B 191 4.77 -17.74 8.37
CA ARG B 191 4.27 -18.16 9.67
C ARG B 191 2.74 -18.21 9.65
N ILE B 192 2.11 -17.18 9.12
CA ILE B 192 0.66 -17.12 9.05
C ILE B 192 0.09 -18.32 8.35
N ASN B 193 0.61 -18.58 7.16
CA ASN B 193 0.05 -19.69 6.39
C ASN B 193 0.44 -21.04 6.98
N ALA B 194 1.67 -21.24 7.44
CA ALA B 194 2.03 -22.51 8.02
C ALA B 194 1.21 -22.79 9.28
N SER B 195 0.78 -21.73 9.98
CA SER B 195 -0.02 -21.93 11.21
C SER B 195 -1.34 -22.65 10.91
N LEU B 196 -1.79 -22.61 9.64
CA LEU B 196 -3.00 -23.27 9.20
C LEU B 196 -2.70 -24.54 8.43
N GLY B 197 -1.43 -24.86 8.22
CA GLY B 197 -1.03 -25.98 7.40
C GLY B 197 -1.02 -25.74 5.91
N ILE B 198 -1.14 -24.48 5.50
CA ILE B 198 -1.08 -24.14 4.08
C ILE B 198 0.34 -24.45 3.60
N ASN B 199 0.47 -25.17 2.49
CA ASN B 199 1.76 -25.67 2.02
C ASN B 199 2.14 -25.24 0.63
N GLY B 200 1.43 -24.24 0.11
CA GLY B 200 1.83 -23.69 -1.18
C GLY B 200 1.24 -22.34 -1.42
N THR B 201 1.91 -21.54 -2.26
CA THR B 201 1.43 -20.21 -2.59
C THR B 201 1.68 -19.96 -4.06
N VAL B 202 0.68 -19.42 -4.75
CA VAL B 202 0.84 -18.92 -6.12
C VAL B 202 0.87 -17.39 -5.92
N ILE B 203 2.02 -16.77 -6.18
CA ILE B 203 2.22 -15.39 -5.75
C ILE B 203 1.83 -14.32 -6.76
N ASN B 204 1.51 -14.74 -7.98
CA ASN B 204 1.28 -13.80 -9.07
C ASN B 204 -0.01 -14.04 -9.82
N ASN B 205 -0.52 -12.99 -10.43
CA ASN B 205 -1.82 -12.97 -11.06
C ASN B 205 -1.98 -14.03 -12.12
N VAL B 206 -3.17 -14.64 -12.11
CA VAL B 206 -3.61 -15.56 -13.16
C VAL B 206 -3.71 -14.92 -14.54
N ASN B 207 -3.94 -13.61 -14.58
CA ASN B 207 -3.79 -12.82 -15.81
C ASN B 207 -2.29 -12.59 -15.86
N ALA B 208 -1.61 -13.58 -16.42
CA ALA B 208 -0.21 -13.78 -16.14
C ALA B 208 0.80 -12.95 -16.92
N ASP B 209 1.81 -12.50 -16.22
CA ASP B 209 2.88 -11.66 -16.77
C ASP B 209 4.07 -12.58 -17.07
N PRO B 210 4.50 -12.62 -18.31
CA PRO B 210 5.59 -13.55 -18.67
C PRO B 210 6.90 -13.21 -18.00
N ARG B 211 7.07 -11.99 -17.46
CA ARG B 211 8.32 -11.65 -16.83
C ARG B 211 8.71 -12.54 -15.67
N VAL B 212 7.74 -13.19 -15.05
CA VAL B 212 8.06 -14.03 -13.88
C VAL B 212 8.99 -15.18 -14.24
N LEU B 213 9.02 -15.56 -15.51
CA LEU B 213 9.87 -16.66 -15.96
C LEU B 213 11.24 -16.19 -16.43
N SER B 214 11.52 -14.89 -16.37
CA SER B 214 12.83 -14.37 -16.75
C SER B 214 13.81 -14.47 -15.59
N ASP B 215 15.09 -14.51 -15.88
CA ASP B 215 16.10 -14.58 -14.85
C ASP B 215 15.98 -13.45 -13.85
N GLN B 216 15.73 -12.24 -14.36
CA GLN B 216 15.56 -11.06 -13.48
C GLN B 216 14.61 -11.35 -12.34
N PHE B 217 13.45 -11.89 -12.70
CA PHE B 217 12.43 -12.17 -11.68
C PHE B 217 12.63 -13.50 -10.94
N LEU B 218 13.16 -14.53 -11.61
CA LEU B 218 13.41 -15.81 -10.93
C LEU B 218 14.38 -15.63 -9.77
N GLN B 219 15.31 -14.69 -9.89
CA GLN B 219 16.22 -14.43 -8.79
C GLN B 219 15.46 -13.87 -7.60
N LYS B 220 14.49 -13.02 -7.89
CA LYS B 220 13.69 -12.43 -6.82
C LYS B 220 12.74 -13.46 -6.19
N ILE B 221 12.10 -14.23 -7.05
CA ILE B 221 11.17 -15.24 -6.62
C ILE B 221 11.87 -16.32 -5.78
N ALA B 222 13.09 -16.69 -6.15
CA ALA B 222 13.87 -17.64 -5.39
C ALA B 222 14.13 -17.16 -3.97
N ALA B 223 14.35 -15.85 -3.78
CA ALA B 223 14.52 -15.32 -2.45
C ALA B 223 13.26 -15.54 -1.63
N LEU B 224 12.12 -15.30 -2.23
CA LEU B 224 10.84 -15.51 -1.52
C LEU B 224 10.70 -17.00 -1.20
N ALA B 225 10.98 -17.85 -2.18
CA ALA B 225 10.88 -19.28 -1.95
C ALA B 225 11.80 -19.73 -0.82
N ASP B 226 12.97 -19.11 -0.71
CA ASP B 226 13.88 -19.43 0.37
C ASP B 226 13.31 -19.06 1.73
N ALA B 227 12.61 -17.92 1.79
CA ALA B 227 11.98 -17.50 3.04
C ALA B 227 10.84 -18.45 3.44
N PHE B 228 10.17 -19.00 2.43
CA PHE B 228 8.98 -19.83 2.66
C PHE B 228 9.31 -21.28 2.98
N ARG B 229 10.44 -21.76 2.44
CA ARG B 229 10.81 -23.16 2.55
C ARG B 229 10.84 -23.74 3.97
N PRO B 230 11.44 -23.07 4.95
CA PRO B 230 11.47 -23.70 6.29
C PRO B 230 10.10 -23.87 6.90
N TYR B 231 9.11 -23.14 6.40
CA TYR B 231 7.74 -23.24 6.85
C TYR B 231 6.91 -24.23 6.04
N GLY B 232 7.55 -24.99 5.15
CA GLY B 232 6.85 -26.02 4.40
C GLY B 232 6.04 -25.53 3.21
N ILE B 233 6.24 -24.29 2.83
CA ILE B 233 5.45 -23.71 1.74
C ILE B 233 6.19 -23.72 0.45
N LYS B 234 5.65 -24.42 -0.53
CA LYS B 234 6.26 -24.42 -1.86
C LYS B 234 5.79 -23.26 -2.70
N MET B 235 6.65 -22.86 -3.62
CA MET B 235 6.39 -21.73 -4.54
C MET B 235 5.75 -22.25 -5.83
N TYR B 236 4.70 -21.57 -6.27
CA TYR B 236 4.07 -21.80 -7.55
C TYR B 236 3.92 -20.48 -8.27
N LEU B 237 3.84 -20.55 -9.61
CA LEU B 237 3.66 -19.33 -10.42
C LEU B 237 2.55 -19.52 -11.43
N SER B 238 1.75 -18.47 -11.60
CA SER B 238 0.82 -18.42 -12.71
C SER B 238 1.63 -18.16 -13.96
N ILE B 239 1.32 -18.89 -15.01
CA ILE B 239 2.01 -18.70 -16.27
C ILE B 239 1.15 -18.23 -17.41
N ASN B 240 1.81 -17.53 -18.33
CA ASN B 240 1.19 -17.06 -19.55
C ASN B 240 1.50 -18.09 -20.64
N PHE B 241 0.45 -18.66 -21.21
CA PHE B 241 0.63 -19.74 -22.19
C PHE B 241 1.42 -19.28 -23.42
N ASN B 242 1.37 -17.99 -23.73
CA ASN B 242 2.12 -17.48 -24.89
C ASN B 242 3.57 -17.12 -24.58
N SER B 243 4.08 -17.52 -23.41
CA SER B 243 5.45 -17.14 -23.05
C SER B 243 6.54 -17.38 -24.11
N PRO B 244 6.52 -18.49 -24.82
CA PRO B 244 7.57 -18.69 -25.83
C PRO B 244 7.61 -17.56 -26.86
N ARG B 245 6.45 -17.02 -27.18
CA ARG B 245 6.36 -15.86 -28.08
C ARG B 245 6.73 -14.55 -27.39
N ALA B 246 6.31 -14.39 -26.15
CA ALA B 246 6.60 -13.16 -25.42
C ALA B 246 8.11 -13.00 -25.26
N PHE B 247 8.84 -14.09 -25.09
CA PHE B 247 10.30 -14.04 -24.92
C PHE B 247 11.01 -13.90 -26.27
N GLY B 248 10.24 -13.94 -27.35
CA GLY B 248 10.80 -13.79 -28.69
C GLY B 248 11.61 -14.96 -29.10
N ASP B 249 11.34 -16.14 -28.53
CA ASP B 249 12.11 -17.34 -28.81
C ASP B 249 11.45 -18.27 -29.83
N VAL B 250 10.11 -18.24 -29.91
CA VAL B 250 9.36 -19.07 -30.85
C VAL B 250 8.22 -18.26 -31.43
N ASP B 251 7.86 -18.49 -32.70
CA ASP B 251 6.82 -17.73 -33.36
C ASP B 251 5.43 -18.30 -33.18
N THR B 252 5.31 -19.27 -32.26
CA THR B 252 4.02 -19.85 -31.92
C THR B 252 4.12 -20.38 -30.48
N ALA B 253 2.97 -20.72 -29.94
CA ALA B 253 2.90 -21.31 -28.60
C ALA B 253 2.09 -22.61 -28.67
N ASP B 254 1.87 -23.11 -29.88
CA ASP B 254 1.15 -24.36 -30.08
C ASP B 254 1.81 -25.47 -29.28
N PRO B 255 1.07 -26.10 -28.37
CA PRO B 255 1.68 -27.14 -27.54
C PRO B 255 2.11 -28.40 -28.26
N LEU B 256 1.65 -28.58 -29.50
CA LEU B 256 2.08 -29.75 -30.25
C LEU B 256 3.35 -29.47 -31.04
N ASP B 257 3.82 -28.23 -31.07
CA ASP B 257 5.04 -27.92 -31.79
C ASP B 257 6.25 -28.29 -30.94
N PRO B 258 7.14 -29.13 -31.44
CA PRO B 258 8.28 -29.58 -30.66
C PRO B 258 9.14 -28.41 -30.10
N ARG B 259 9.20 -27.27 -30.79
CA ARG B 259 10.01 -26.15 -30.32
C ARG B 259 9.38 -25.58 -29.04
N VAL B 260 8.07 -25.60 -29.02
CA VAL B 260 7.35 -25.10 -27.85
C VAL B 260 7.56 -26.04 -26.69
N GLN B 261 7.45 -27.34 -26.94
CA GLN B 261 7.64 -28.35 -25.90
C GLN B 261 9.02 -28.17 -25.32
N GLN B 262 9.99 -27.96 -26.18
CA GLN B 262 11.34 -27.76 -25.72
C GLN B 262 11.56 -26.47 -24.93
N TRP B 263 10.88 -25.43 -25.38
CA TRP B 263 11.01 -24.12 -24.73
C TRP B 263 10.61 -24.32 -23.27
N TRP B 264 9.49 -25.01 -23.03
CA TRP B 264 9.00 -25.17 -21.64
C TRP B 264 9.87 -26.12 -20.84
N LYS B 265 10.43 -27.12 -21.51
CA LYS B 265 11.32 -28.03 -20.82
C LYS B 265 12.56 -27.28 -20.36
N THR B 266 13.15 -26.45 -21.24
CA THR B 266 14.30 -25.65 -20.88
C THR B 266 13.96 -24.62 -19.79
N ARG B 267 12.76 -24.05 -19.85
CA ARG B 267 12.35 -23.06 -18.85
C ARG B 267 12.19 -23.71 -17.47
N ALA B 268 11.63 -24.92 -17.43
CA ALA B 268 11.50 -25.64 -16.19
C ALA B 268 12.88 -25.91 -15.62
N GLN B 269 13.84 -26.31 -16.45
CA GLN B 269 15.20 -26.56 -15.97
C GLN B 269 15.73 -25.29 -15.29
N LYS B 270 15.47 -24.13 -15.92
CA LYS B 270 15.94 -22.87 -15.36
C LYS B 270 15.25 -22.58 -14.02
N ILE B 271 13.94 -22.80 -13.96
CA ILE B 271 13.24 -22.54 -12.70
C ILE B 271 13.80 -23.40 -11.57
N TYR B 272 13.96 -24.70 -11.84
CA TYR B 272 14.41 -25.62 -10.83
C TYR B 272 15.88 -25.39 -10.43
N SER B 273 16.64 -24.75 -11.30
CA SER B 273 18.01 -24.37 -10.91
C SER B 273 17.99 -23.34 -9.81
N TYR B 274 16.96 -22.49 -9.81
CA TYR B 274 16.81 -21.46 -8.77
C TYR B 274 16.02 -21.93 -7.54
N ILE B 275 15.04 -22.81 -7.76
CA ILE B 275 14.06 -23.23 -6.76
C ILE B 275 13.91 -24.74 -6.91
N PRO B 276 14.78 -25.49 -6.26
CA PRO B 276 14.82 -26.92 -6.55
C PRO B 276 13.59 -27.72 -6.18
N ASP B 277 12.77 -27.15 -5.30
CA ASP B 277 11.54 -27.80 -4.86
C ASP B 277 10.31 -27.04 -5.35
N PHE B 278 10.46 -26.31 -6.43
CA PHE B 278 9.36 -25.53 -7.02
C PHE B 278 8.14 -26.41 -7.18
N GLY B 279 7.00 -25.82 -6.83
CA GLY B 279 5.76 -26.57 -6.87
C GLY B 279 5.18 -26.84 -8.23
N GLY B 280 5.22 -25.83 -9.10
CA GLY B 280 4.58 -25.92 -10.39
C GLY B 280 3.85 -24.69 -10.81
N PHE B 281 2.90 -24.87 -11.72
CA PHE B 281 2.23 -23.76 -12.37
C PHE B 281 0.75 -23.72 -12.15
N LEU B 282 0.21 -22.51 -12.07
CA LEU B 282 -1.23 -22.25 -12.14
C LEU B 282 -1.50 -21.65 -13.51
N VAL B 283 -2.58 -22.06 -14.15
CA VAL B 283 -2.87 -21.63 -15.51
C VAL B 283 -4.29 -21.19 -15.74
N LYS B 284 -4.40 -19.94 -16.17
CA LYS B 284 -5.65 -19.38 -16.72
C LYS B 284 -5.41 -19.22 -18.21
N ALA B 285 -6.15 -20.02 -18.98
CA ALA B 285 -5.99 -20.14 -20.44
C ALA B 285 -7.31 -20.09 -21.17
N ASP B 286 -7.30 -19.38 -22.30
CA ASP B 286 -8.47 -19.28 -23.17
C ASP B 286 -9.70 -18.80 -22.41
N SER B 287 -9.49 -17.79 -21.58
CA SER B 287 -10.54 -17.25 -20.74
C SER B 287 -10.30 -15.77 -20.69
N GLU B 288 -11.35 -14.97 -20.93
CA GLU B 288 -11.30 -13.53 -20.84
C GLU B 288 -10.16 -12.87 -21.61
N GLY B 289 -9.81 -13.46 -22.75
CA GLY B 289 -8.73 -12.96 -23.58
C GLY B 289 -7.34 -13.43 -23.21
N GLN B 290 -7.21 -14.22 -22.15
CA GLN B 290 -5.91 -14.76 -21.86
C GLN B 290 -5.58 -15.87 -22.86
N PRO B 291 -4.32 -15.97 -23.28
CA PRO B 291 -3.95 -16.96 -24.30
C PRO B 291 -4.08 -18.41 -23.83
N GLY B 292 -4.12 -19.32 -24.77
CA GLY B 292 -4.27 -20.71 -24.44
C GLY B 292 -4.15 -21.60 -25.66
N PRO B 293 -4.22 -22.90 -25.44
CA PRO B 293 -4.13 -23.89 -26.53
C PRO B 293 -5.20 -23.69 -27.60
N GLN B 294 -6.39 -23.25 -27.22
CA GLN B 294 -7.46 -23.07 -28.20
C GLN B 294 -7.10 -22.01 -29.22
N GLY B 295 -6.18 -21.10 -28.87
CA GLY B 295 -5.69 -20.10 -29.82
C GLY B 295 -4.87 -20.72 -30.95
N TYR B 296 -4.54 -21.99 -30.80
CA TYR B 296 -3.76 -22.71 -31.78
C TYR B 296 -4.56 -23.94 -32.25
N GLY B 297 -5.87 -23.91 -32.00
CA GLY B 297 -6.75 -25.00 -32.37
C GLY B 297 -6.53 -26.31 -31.61
N ARG B 298 -5.96 -26.22 -30.41
CA ARG B 298 -5.67 -27.40 -29.60
C ARG B 298 -6.58 -27.39 -28.38
N ASP B 299 -6.68 -28.51 -27.69
CA ASP B 299 -7.56 -28.59 -26.55
C ASP B 299 -6.80 -28.41 -25.24
N HIS B 300 -7.56 -28.25 -24.17
CA HIS B 300 -6.95 -28.02 -22.87
C HIS B 300 -6.09 -29.14 -22.37
N ALA B 301 -6.42 -30.38 -22.69
CA ALA B 301 -5.52 -31.47 -22.29
C ALA B 301 -4.20 -31.39 -23.03
N GLU B 302 -4.23 -31.07 -24.30
CA GLU B 302 -2.99 -30.95 -25.08
C GLU B 302 -2.13 -29.84 -24.44
N GLY B 303 -2.75 -28.73 -24.08
CA GLY B 303 -1.97 -27.69 -23.44
C GLY B 303 -1.44 -28.02 -22.05
N ALA B 304 -2.32 -28.54 -21.21
CA ALA B 304 -1.94 -28.87 -19.88
C ALA B 304 -0.89 -29.97 -19.85
N ASN B 305 -1.03 -30.96 -20.71
CA ASN B 305 -0.10 -32.04 -20.72
C ASN B 305 1.29 -31.64 -21.20
N MET B 306 1.34 -30.65 -22.07
CA MET B 306 2.64 -30.17 -22.55
C MET B 306 3.41 -29.55 -21.38
N LEU B 307 2.72 -28.70 -20.61
CA LEU B 307 3.37 -28.10 -19.44
C LEU B 307 3.72 -29.16 -18.41
N ALA B 308 2.80 -30.09 -18.21
CA ALA B 308 3.00 -31.14 -17.25
C ALA B 308 4.23 -31.99 -17.59
N ALA B 309 4.46 -32.21 -18.86
CA ALA B 309 5.62 -33.00 -19.28
C ALA B 309 6.93 -32.27 -18.97
N ALA B 310 6.92 -30.95 -19.09
CA ALA B 310 8.08 -30.14 -18.72
C ALA B 310 8.37 -30.22 -17.24
N LEU B 311 7.33 -30.28 -16.41
CA LEU B 311 7.50 -30.28 -14.95
C LEU B 311 7.72 -31.68 -14.36
N LYS B 312 7.27 -32.72 -15.03
CA LYS B 312 7.31 -34.05 -14.46
C LYS B 312 8.67 -34.50 -13.95
N PRO B 313 9.73 -34.30 -14.71
CA PRO B 313 11.05 -34.77 -14.23
C PRO B 313 11.47 -34.16 -12.93
N PHE B 314 10.92 -33.01 -12.61
CA PHE B 314 11.29 -32.28 -11.41
C PHE B 314 10.27 -32.39 -10.29
N GLY B 315 9.18 -33.11 -10.51
CA GLY B 315 8.20 -33.28 -9.48
C GLY B 315 7.14 -32.20 -9.40
N GLY B 316 7.05 -31.41 -10.43
CA GLY B 316 6.08 -30.32 -10.44
C GLY B 316 4.71 -30.72 -10.96
N VAL B 317 3.72 -29.92 -10.61
CA VAL B 317 2.34 -30.17 -11.01
C VAL B 317 1.80 -28.91 -11.72
N VAL B 318 0.75 -29.15 -12.48
CA VAL B 318 0.04 -28.11 -13.16
C VAL B 318 -1.37 -28.00 -12.61
N PHE B 319 -1.70 -26.85 -12.05
CA PHE B 319 -3.06 -26.53 -11.63
C PHE B 319 -3.70 -25.83 -12.82
N TRP B 320 -4.55 -26.50 -13.56
CA TRP B 320 -5.12 -25.92 -14.78
C TRP B 320 -6.52 -25.46 -14.45
N ARG B 321 -6.79 -24.15 -14.54
CA ARG B 321 -8.11 -23.63 -14.19
C ARG B 321 -9.19 -23.97 -15.21
N ALA B 322 -10.34 -24.41 -14.70
CA ALA B 322 -11.51 -24.78 -15.50
C ALA B 322 -12.45 -23.61 -15.68
N PHE B 323 -12.04 -22.40 -15.25
CA PHE B 323 -12.83 -21.16 -15.35
C PHE B 323 -12.75 -20.63 -16.78
N VAL B 324 -13.58 -21.21 -17.60
CA VAL B 324 -13.59 -20.94 -19.02
C VAL B 324 -15.03 -20.90 -19.50
N TYR B 325 -15.35 -19.93 -20.34
CA TYR B 325 -16.70 -19.81 -20.87
C TYR B 325 -16.67 -18.90 -22.09
N HIS B 326 -17.20 -19.37 -23.20
CA HIS B 326 -17.18 -18.59 -24.42
C HIS B 326 -18.45 -17.78 -24.63
N PRO B 327 -18.33 -16.64 -25.30
CA PRO B 327 -19.49 -15.74 -25.48
C PRO B 327 -20.65 -16.27 -26.29
N ASP B 328 -20.43 -17.23 -27.20
CA ASP B 328 -21.50 -17.67 -28.08
C ASP B 328 -22.28 -18.88 -27.62
N ILE B 329 -22.17 -19.30 -26.37
CA ILE B 329 -22.99 -20.43 -25.96
C ILE B 329 -24.31 -19.96 -25.41
N GLU B 330 -25.28 -20.87 -25.37
CA GLU B 330 -26.61 -20.49 -24.91
C GLU B 330 -26.68 -20.04 -23.44
N ASP B 331 -25.96 -20.75 -22.57
CA ASP B 331 -26.11 -20.50 -21.14
C ASP B 331 -24.74 -20.66 -20.51
N ARG B 332 -24.17 -19.57 -20.04
CA ARG B 332 -22.86 -19.57 -19.39
C ARG B 332 -22.77 -20.59 -18.29
N PHE B 333 -23.86 -20.84 -17.59
CA PHE B 333 -23.90 -21.80 -16.52
C PHE B 333 -23.35 -23.15 -16.96
N ARG B 334 -23.62 -23.52 -18.21
CA ARG B 334 -23.24 -24.82 -18.73
C ARG B 334 -21.81 -24.90 -19.20
N GLY B 335 -21.14 -23.77 -19.27
CA GLY B 335 -19.87 -23.67 -19.96
C GLY B 335 -18.75 -24.62 -19.56
N ALA B 336 -18.35 -24.57 -18.31
CA ALA B 336 -17.18 -25.37 -17.91
C ALA B 336 -17.42 -26.87 -18.07
N TYR B 337 -18.60 -27.34 -17.68
CA TYR B 337 -18.91 -28.74 -17.79
C TYR B 337 -18.85 -29.23 -19.24
N ASP B 338 -19.46 -28.47 -20.13
CA ASP B 338 -19.50 -28.90 -21.53
C ASP B 338 -18.09 -28.83 -22.17
N GLU B 339 -17.23 -27.92 -21.67
CA GLU B 339 -15.85 -27.81 -22.15
C GLU B 339 -14.95 -28.96 -21.67
N PHE B 340 -15.08 -29.35 -20.41
CA PHE B 340 -14.14 -30.29 -19.81
C PHE B 340 -14.61 -31.74 -19.75
N MET B 341 -15.90 -31.99 -19.69
CA MET B 341 -16.36 -33.36 -19.63
C MET B 341 -15.81 -34.27 -20.75
N PRO B 342 -15.75 -33.80 -22.00
CA PRO B 342 -15.15 -34.63 -23.06
C PRO B 342 -13.67 -34.98 -22.86
N LEU B 343 -12.99 -34.24 -22.00
CA LEU B 343 -11.59 -34.43 -21.74
C LEU B 343 -11.29 -35.26 -20.48
N ASP B 344 -12.32 -35.77 -19.84
CA ASP B 344 -12.11 -36.57 -18.62
C ASP B 344 -11.22 -37.76 -19.00
N GLY B 345 -10.18 -37.97 -18.23
CA GLY B 345 -9.24 -39.03 -18.48
C GLY B 345 -8.11 -38.71 -19.43
N LYS B 346 -8.15 -37.54 -20.06
CA LYS B 346 -7.16 -37.16 -21.03
C LYS B 346 -5.98 -36.37 -20.44
N PHE B 347 -6.11 -35.96 -19.19
CA PHE B 347 -5.07 -35.16 -18.53
C PHE B 347 -4.04 -36.08 -17.89
N ALA B 348 -2.78 -35.66 -17.94
CA ALA B 348 -1.69 -36.36 -17.27
C ALA B 348 -1.88 -36.37 -15.76
N ASP B 349 -1.21 -37.33 -15.12
CA ASP B 349 -1.39 -37.52 -13.68
C ASP B 349 -0.91 -36.39 -12.81
N ASN B 350 -0.01 -35.54 -13.32
CA ASN B 350 0.48 -34.38 -12.63
C ASN B 350 -0.24 -33.11 -13.06
N VAL B 351 -1.41 -33.26 -13.66
CA VAL B 351 -2.33 -32.15 -13.92
C VAL B 351 -3.51 -32.28 -12.97
N ILE B 352 -3.89 -31.16 -12.38
CA ILE B 352 -5.07 -31.07 -11.54
C ILE B 352 -5.95 -29.96 -12.07
N LEU B 353 -7.22 -30.26 -12.29
CA LEU B 353 -8.14 -29.21 -12.76
C LEU B 353 -8.62 -28.41 -11.55
N GLN B 354 -8.40 -27.10 -11.59
CA GLN B 354 -8.79 -26.21 -10.52
C GLN B 354 -10.09 -25.53 -10.86
N ILE B 355 -11.12 -25.88 -10.09
CA ILE B 355 -12.51 -25.55 -10.39
C ILE B 355 -13.10 -24.70 -9.29
N LYS B 356 -13.70 -23.58 -9.65
CA LYS B 356 -14.36 -22.75 -8.67
C LYS B 356 -15.55 -23.46 -8.02
N ASN B 357 -15.98 -23.00 -6.84
CA ASN B 357 -17.04 -23.69 -6.14
C ASN B 357 -18.35 -23.79 -6.95
N GLY B 358 -18.63 -22.80 -7.76
CA GLY B 358 -19.82 -22.77 -8.60
C GLY B 358 -19.45 -22.45 -10.04
N PRO B 359 -20.43 -22.61 -10.93
CA PRO B 359 -20.18 -22.49 -12.38
C PRO B 359 -20.15 -21.08 -12.94
N ILE B 360 -20.46 -20.06 -12.15
CA ILE B 360 -20.43 -18.69 -12.68
C ILE B 360 -19.13 -18.00 -12.21
N ASP B 361 -19.15 -17.36 -11.04
CA ASP B 361 -17.97 -16.58 -10.60
C ASP B 361 -18.08 -16.09 -9.17
N PHE B 362 -17.93 -16.99 -8.20
CA PHE B 362 -17.85 -16.62 -6.80
C PHE B 362 -19.02 -15.74 -6.30
N GLN B 363 -20.21 -15.95 -6.86
CA GLN B 363 -21.36 -15.14 -6.46
C GLN B 363 -21.82 -15.51 -5.05
N PRO B 364 -22.53 -14.62 -4.34
CA PRO B 364 -22.81 -14.91 -2.91
C PRO B 364 -23.41 -16.25 -2.60
N ARG B 365 -24.22 -16.77 -3.49
CA ARG B 365 -24.55 -18.20 -3.45
C ARG B 365 -24.64 -18.73 -4.86
N GLU B 366 -24.00 -19.86 -5.08
CA GLU B 366 -24.10 -20.57 -6.35
C GLU B 366 -24.31 -22.06 -6.04
N PRO B 367 -25.02 -22.76 -6.93
CA PRO B 367 -25.06 -24.22 -6.81
C PRO B 367 -23.65 -24.79 -7.13
N PHE B 368 -23.39 -26.01 -6.68
CA PHE B 368 -22.06 -26.59 -6.88
C PHE B 368 -21.72 -26.77 -8.34
N SER B 369 -20.44 -26.62 -8.67
CA SER B 369 -19.98 -26.89 -10.03
C SER B 369 -20.19 -28.35 -10.44
N ALA B 370 -21.00 -28.53 -11.48
CA ALA B 370 -21.31 -29.88 -11.96
C ALA B 370 -20.08 -30.72 -12.30
N LEU B 371 -19.00 -30.07 -12.71
CA LEU B 371 -17.78 -30.83 -13.00
C LEU B 371 -17.36 -31.70 -11.82
N PHE B 372 -17.54 -31.23 -10.59
CA PHE B 372 -17.10 -32.02 -9.42
C PHE B 372 -17.76 -33.39 -9.35
N ALA B 373 -18.99 -33.52 -9.85
CA ALA B 373 -19.71 -34.80 -9.82
C ALA B 373 -19.60 -35.56 -11.13
N GLY B 374 -19.03 -34.94 -12.16
CA GLY B 374 -18.95 -35.58 -13.46
C GLY B 374 -17.63 -36.11 -13.89
N MET B 375 -16.54 -35.47 -13.46
CA MET B 375 -15.21 -35.92 -13.86
C MET B 375 -14.74 -37.02 -12.92
N SER B 376 -14.65 -38.23 -13.43
CA SER B 376 -14.26 -39.36 -12.61
C SER B 376 -12.86 -39.94 -12.89
N ARG B 377 -12.14 -39.37 -13.84
CA ARG B 377 -10.84 -39.89 -14.23
C ARG B 377 -9.83 -38.77 -14.36
N THR B 378 -10.07 -37.69 -13.62
CA THR B 378 -9.21 -36.50 -13.65
C THR B 378 -9.03 -35.98 -12.25
N ASN B 379 -7.82 -35.58 -11.90
CA ASN B 379 -7.59 -34.91 -10.63
C ASN B 379 -8.30 -33.57 -10.60
N MET B 380 -8.87 -33.22 -9.46
CA MET B 380 -9.59 -31.98 -9.32
C MET B 380 -9.17 -31.32 -8.00
N MET B 381 -9.33 -30.00 -7.93
CA MET B 381 -9.11 -29.24 -6.71
C MET B 381 -10.11 -28.10 -6.74
N MET B 382 -10.49 -27.61 -5.56
CA MET B 382 -11.42 -26.53 -5.42
C MET B 382 -10.72 -25.18 -5.38
N GLU B 383 -11.37 -24.16 -5.92
CA GLU B 383 -10.93 -22.77 -5.83
C GLU B 383 -12.04 -21.98 -5.14
N PHE B 384 -11.71 -21.44 -3.96
CA PHE B 384 -12.51 -20.57 -3.09
C PHE B 384 -12.05 -19.12 -3.19
N GLN B 385 -12.94 -18.14 -3.04
CA GLN B 385 -12.52 -16.73 -2.94
C GLN B 385 -12.66 -16.23 -1.51
N ILE B 386 -11.57 -15.69 -0.96
CA ILE B 386 -11.55 -15.09 0.36
C ILE B 386 -11.69 -13.57 0.22
N THR B 387 -10.85 -12.98 -0.64
CA THR B 387 -10.95 -11.56 -0.95
C THR B 387 -12.38 -11.26 -1.37
N GLN B 388 -12.91 -10.13 -0.94
CA GLN B 388 -14.35 -9.85 -1.06
C GLN B 388 -14.72 -9.12 -2.33
N GLU B 389 -14.38 -9.72 -3.46
CA GLU B 389 -14.76 -9.14 -4.74
C GLU B 389 -16.26 -8.92 -4.81
N TYR B 390 -17.02 -9.88 -4.28
CA TYR B 390 -18.48 -9.85 -4.38
C TYR B 390 -19.17 -9.68 -3.02
N PHE B 391 -18.40 -9.50 -1.95
CA PHE B 391 -18.93 -9.34 -0.61
C PHE B 391 -18.52 -8.01 0.00
N GLY B 392 -18.14 -7.04 -0.83
CA GLY B 392 -17.97 -5.69 -0.32
C GLY B 392 -16.57 -5.22 -0.01
N PHE B 393 -15.59 -5.74 -0.71
CA PHE B 393 -14.25 -5.17 -0.66
C PHE B 393 -13.70 -5.19 0.76
N ALA B 394 -13.20 -4.07 1.26
CA ALA B 394 -12.72 -4.02 2.65
C ALA B 394 -13.65 -3.23 3.55
N THR B 395 -14.87 -2.97 3.11
CA THR B 395 -15.78 -2.22 3.93
C THR B 395 -16.93 -3.02 4.51
N HIS B 396 -17.27 -4.18 3.98
CA HIS B 396 -18.34 -5.02 4.52
C HIS B 396 -17.75 -6.19 5.33
N LEU B 397 -18.41 -6.54 6.43
CA LEU B 397 -18.05 -7.67 7.28
C LEU B 397 -18.79 -8.90 6.71
N ALA B 398 -18.03 -9.90 6.25
CA ALA B 398 -18.60 -11.05 5.58
C ALA B 398 -17.71 -12.28 5.78
N TYR B 399 -17.85 -12.92 6.93
CA TYR B 399 -17.12 -14.16 7.20
C TYR B 399 -17.51 -15.21 6.19
N GLN B 400 -16.54 -15.76 5.48
CA GLN B 400 -16.84 -16.70 4.41
C GLN B 400 -16.91 -18.18 4.84
N GLY B 401 -16.57 -18.45 6.10
CA GLY B 401 -16.68 -19.80 6.59
C GLY B 401 -17.95 -20.53 6.20
N PRO B 402 -19.12 -19.92 6.38
CA PRO B 402 -20.37 -20.61 6.04
C PRO B 402 -20.51 -20.93 4.56
N LEU B 403 -19.92 -20.11 3.70
CA LEU B 403 -19.95 -20.36 2.27
C LEU B 403 -19.10 -21.57 1.95
N PHE B 404 -17.91 -21.59 2.53
CA PHE B 404 -17.01 -22.73 2.29
C PHE B 404 -17.61 -24.04 2.83
N GLU B 405 -18.12 -23.99 4.06
CA GLU B 405 -18.75 -25.19 4.67
C GLU B 405 -19.94 -25.67 3.88
N GLU B 406 -20.77 -24.74 3.46
CA GLU B 406 -21.95 -25.11 2.67
C GLU B 406 -21.51 -25.87 1.42
N SER B 407 -20.50 -25.35 0.71
CA SER B 407 -19.95 -26.04 -0.43
C SER B 407 -19.42 -27.43 -0.11
N LEU B 408 -18.54 -27.52 0.89
CA LEU B 408 -17.81 -28.75 1.16
C LEU B 408 -18.80 -29.81 1.64
N LYS B 409 -19.85 -29.45 2.35
CA LYS B 409 -20.80 -30.45 2.83
C LYS B 409 -21.98 -30.68 1.90
N THR B 410 -21.94 -30.11 0.72
CA THR B 410 -22.99 -30.34 -0.25
C THR B 410 -22.97 -31.75 -0.77
N GLU B 411 -24.10 -32.42 -0.65
CA GLU B 411 -24.26 -33.76 -1.23
C GLU B 411 -24.49 -33.67 -2.73
N THR B 412 -23.70 -34.38 -3.53
CA THR B 412 -23.86 -34.37 -4.97
C THR B 412 -24.51 -35.61 -5.52
N HIS B 413 -24.59 -36.69 -4.73
CA HIS B 413 -25.09 -37.99 -5.20
C HIS B 413 -24.31 -38.49 -6.41
N ALA B 414 -23.05 -38.11 -6.55
CA ALA B 414 -22.24 -38.56 -7.69
C ALA B 414 -22.10 -40.09 -7.73
N ARG B 415 -21.84 -40.68 -6.56
CA ARG B 415 -21.66 -42.13 -6.45
C ARG B 415 -22.16 -42.57 -5.10
N GLY B 416 -23.49 -42.59 -4.95
CA GLY B 416 -24.12 -42.90 -3.71
C GLY B 416 -24.17 -41.74 -2.72
N GLU B 417 -24.88 -41.93 -1.63
CA GLU B 417 -24.93 -40.99 -0.53
C GLU B 417 -23.54 -40.82 0.03
N GLY B 418 -23.22 -39.63 0.53
CA GLY B 418 -21.92 -39.40 1.04
C GLY B 418 -20.96 -38.84 -0.01
N SER B 419 -21.49 -38.58 -1.19
CA SER B 419 -20.70 -38.02 -2.24
C SER B 419 -20.66 -36.49 -2.10
N THR B 420 -20.23 -36.06 -0.95
CA THR B 420 -20.12 -34.61 -0.70
C THR B 420 -18.97 -34.02 -1.48
N ILE B 421 -19.03 -32.72 -1.69
CA ILE B 421 -17.94 -32.05 -2.37
C ILE B 421 -16.63 -32.33 -1.63
N GLY B 422 -16.63 -32.22 -0.30
CA GLY B 422 -15.45 -32.50 0.49
C GLY B 422 -14.91 -33.92 0.24
N ASN B 423 -15.81 -34.93 0.21
CA ASN B 423 -15.36 -36.29 -0.03
C ASN B 423 -14.84 -36.48 -1.45
N ILE B 424 -15.41 -35.77 -2.40
CA ILE B 424 -14.91 -35.79 -3.75
C ILE B 424 -13.49 -35.18 -3.79
N LEU B 425 -13.33 -34.02 -3.17
CA LEU B 425 -12.03 -33.38 -3.13
C LEU B 425 -10.97 -34.31 -2.49
N GLU B 426 -11.36 -34.99 -1.41
CA GLU B 426 -10.43 -35.89 -0.73
C GLU B 426 -9.92 -37.04 -1.61
N GLY B 427 -10.66 -37.37 -2.67
CA GLY B 427 -10.25 -38.36 -3.66
C GLY B 427 -10.94 -39.67 -3.49
N LYS B 428 -11.77 -39.79 -2.46
CA LYS B 428 -12.38 -41.09 -2.11
C LYS B 428 -13.51 -41.50 -2.99
N VAL B 429 -14.14 -40.55 -3.66
CA VAL B 429 -15.30 -40.88 -4.46
C VAL B 429 -14.87 -41.46 -5.79
N PHE B 430 -13.98 -40.79 -6.48
CA PHE B 430 -13.55 -41.16 -7.80
C PHE B 430 -12.16 -41.80 -7.88
N LYS B 431 -11.47 -41.82 -6.75
CA LYS B 431 -10.17 -42.48 -6.55
C LYS B 431 -9.08 -41.80 -7.36
N THR B 432 -8.79 -40.53 -7.01
CA THR B 432 -7.78 -39.80 -7.74
C THR B 432 -6.50 -39.60 -6.90
N ARG B 433 -5.44 -39.16 -7.59
CA ARG B 433 -4.11 -39.25 -6.98
C ARG B 433 -3.59 -37.91 -6.43
N HIS B 434 -4.07 -36.79 -7.02
CA HIS B 434 -3.64 -35.48 -6.55
C HIS B 434 -4.81 -34.66 -5.99
N THR B 435 -4.85 -34.11 -4.78
CA THR B 435 -6.03 -33.43 -4.26
C THR B 435 -5.67 -32.07 -3.67
N GLY B 436 -6.63 -31.20 -3.54
CA GLY B 436 -6.32 -29.88 -2.98
C GLY B 436 -7.45 -28.87 -2.98
N MET B 437 -7.14 -27.72 -2.39
CA MET B 437 -8.00 -26.55 -2.35
C MET B 437 -7.08 -25.33 -2.45
N ALA B 438 -7.53 -24.35 -3.21
CA ALA B 438 -6.85 -23.07 -3.38
C ALA B 438 -7.79 -21.97 -2.91
N GLY B 439 -7.22 -20.98 -2.23
CA GLY B 439 -7.99 -19.86 -1.74
C GLY B 439 -7.42 -18.56 -2.22
N VAL B 440 -8.26 -17.77 -2.89
CA VAL B 440 -7.83 -16.50 -3.46
C VAL B 440 -7.92 -15.47 -2.34
N ILE B 441 -6.79 -15.15 -1.70
CA ILE B 441 -6.76 -14.33 -0.47
C ILE B 441 -6.47 -12.86 -0.72
N ASN B 442 -5.66 -12.56 -1.73
CA ASN B 442 -5.29 -11.19 -2.11
C ASN B 442 -5.02 -10.19 -0.95
N PRO B 443 -4.18 -10.57 0.00
CA PRO B 443 -3.77 -9.64 1.05
C PRO B 443 -2.82 -8.60 0.46
N GLY B 444 -2.44 -7.66 1.28
CA GLY B 444 -1.59 -6.58 0.82
C GLY B 444 -0.83 -5.94 1.96
N THR B 445 -0.17 -4.81 1.66
CA THR B 445 0.69 -4.17 2.62
C THR B 445 0.02 -3.45 3.78
N ASP B 446 -1.30 -3.37 3.77
CA ASP B 446 -1.99 -2.80 4.92
C ASP B 446 -1.47 -3.50 6.17
N ARG B 447 -1.42 -2.74 7.26
CA ARG B 447 -0.86 -3.26 8.51
C ARG B 447 -1.49 -4.55 8.98
N ASN B 448 -2.80 -4.69 8.80
CA ASN B 448 -3.54 -5.88 9.21
C ASN B 448 -3.73 -6.93 8.11
N TRP B 449 -2.96 -6.81 7.02
CA TRP B 449 -2.90 -7.75 5.89
C TRP B 449 -4.12 -7.82 5.01
N THR B 450 -5.30 -7.61 5.58
CA THR B 450 -6.54 -7.89 4.88
C THR B 450 -7.46 -6.68 4.72
N GLY B 451 -7.11 -5.53 5.31
CA GLY B 451 -7.95 -4.35 5.19
C GLY B 451 -9.02 -4.37 6.23
N HIS B 452 -10.08 -5.12 5.97
CA HIS B 452 -11.14 -5.30 6.96
C HIS B 452 -10.65 -6.39 7.92
N PRO B 453 -10.65 -6.13 9.22
CA PRO B 453 -10.18 -7.15 10.16
C PRO B 453 -10.85 -8.51 9.99
N PHE B 454 -12.14 -8.52 9.66
CA PHE B 454 -12.84 -9.80 9.59
C PHE B 454 -12.50 -10.60 8.36
N VAL B 455 -11.84 -10.03 7.36
CA VAL B 455 -11.36 -10.87 6.26
C VAL B 455 -10.33 -11.90 6.77
N GLN B 456 -9.64 -11.55 7.84
CA GLN B 456 -8.70 -12.49 8.45
C GLN B 456 -9.43 -13.78 8.82
N SER B 457 -10.69 -13.68 9.27
CA SER B 457 -11.43 -14.88 9.68
C SER B 457 -11.71 -15.81 8.52
N SER B 458 -11.91 -15.23 7.35
CA SER B 458 -12.16 -16.01 6.13
C SER B 458 -10.89 -16.75 5.68
N TRP B 459 -9.75 -16.07 5.76
CA TRP B 459 -8.45 -16.71 5.46
C TRP B 459 -8.22 -17.89 6.44
N TYR B 460 -8.51 -17.63 7.72
CA TYR B 460 -8.38 -18.62 8.77
C TYR B 460 -9.23 -19.89 8.46
N ALA B 461 -10.51 -19.65 8.21
CA ALA B 461 -11.43 -20.75 7.93
C ALA B 461 -10.96 -21.52 6.70
N PHE B 462 -10.55 -20.82 5.64
CA PHE B 462 -10.08 -21.50 4.46
C PHE B 462 -8.97 -22.48 4.79
N GLY B 463 -7.96 -22.02 5.53
CA GLY B 463 -6.85 -22.89 5.83
C GLY B 463 -7.26 -24.07 6.71
N ARG B 464 -8.11 -23.80 7.71
CA ARG B 464 -8.58 -24.89 8.58
C ARG B 464 -9.31 -25.94 7.73
N MET B 465 -10.18 -25.48 6.86
CA MET B 465 -10.98 -26.41 6.05
C MET B 465 -10.17 -27.13 4.98
N ALA B 466 -9.08 -26.52 4.52
CA ALA B 466 -8.15 -27.18 3.61
C ALA B 466 -7.45 -28.35 4.33
N TRP B 467 -7.21 -28.18 5.63
CA TRP B 467 -6.65 -29.25 6.45
C TRP B 467 -7.69 -30.34 6.74
N ASP B 468 -8.91 -29.93 7.13
CA ASP B 468 -10.01 -30.88 7.38
C ASP B 468 -11.31 -30.28 6.88
N HIS B 469 -11.76 -30.79 5.74
CA HIS B 469 -12.90 -30.24 5.04
C HIS B 469 -14.21 -30.42 5.75
N GLN B 470 -14.25 -31.17 6.86
CA GLN B 470 -15.44 -31.27 7.66
C GLN B 470 -15.48 -30.29 8.82
N ILE B 471 -14.44 -29.50 9.03
CA ILE B 471 -14.50 -28.49 10.09
C ILE B 471 -15.59 -27.50 9.76
N SER B 472 -16.39 -27.12 10.76
CA SER B 472 -17.51 -26.26 10.54
C SER B 472 -17.09 -24.80 10.61
N ALA B 473 -17.89 -23.94 9.99
CA ALA B 473 -17.66 -22.49 10.08
C ALA B 473 -17.72 -22.01 11.55
N ALA B 474 -18.57 -22.64 12.35
CA ALA B 474 -18.71 -22.25 13.75
C ALA B 474 -17.44 -22.60 14.52
N THR B 475 -16.91 -23.79 14.32
CA THR B 475 -15.67 -24.20 15.00
C THR B 475 -14.53 -23.25 14.63
N ALA B 476 -14.37 -22.98 13.35
CA ALA B 476 -13.27 -22.11 12.94
C ALA B 476 -13.47 -20.70 13.50
N ALA B 477 -14.71 -20.19 13.53
CA ALA B 477 -14.94 -18.87 14.07
C ALA B 477 -14.62 -18.83 15.57
N ASP B 478 -14.99 -19.86 16.32
CA ASP B 478 -14.72 -19.94 17.74
C ASP B 478 -13.21 -19.85 17.97
N GLU B 479 -12.45 -20.61 17.21
CA GLU B 479 -11.00 -20.58 17.35
C GLU B 479 -10.47 -19.20 17.04
N TRP B 480 -10.88 -18.67 15.91
CA TRP B 480 -10.34 -17.41 15.45
C TRP B 480 -10.64 -16.29 16.40
N LEU B 481 -11.85 -16.26 16.91
CA LEU B 481 -12.25 -15.19 17.85
C LEU B 481 -11.39 -15.23 19.14
N ARG B 482 -11.18 -16.44 19.65
CA ARG B 482 -10.35 -16.64 20.83
C ARG B 482 -8.92 -16.19 20.59
N MET B 483 -8.38 -16.54 19.42
CA MET B 483 -7.02 -16.23 19.09
C MET B 483 -6.82 -14.75 18.77
N THR B 484 -7.82 -14.13 18.18
CA THR B 484 -7.69 -12.77 17.67
C THR B 484 -8.14 -11.70 18.64
N PHE B 485 -9.18 -11.98 19.40
CA PHE B 485 -9.82 -10.99 20.25
C PHE B 485 -9.92 -11.32 21.73
N SER B 486 -10.56 -12.42 22.09
CA SER B 486 -10.91 -12.66 23.46
C SER B 486 -11.41 -14.07 23.71
N ASN B 487 -11.11 -14.60 24.89
CA ASN B 487 -11.68 -15.86 25.32
C ASN B 487 -12.91 -15.72 26.23
N GLN B 488 -13.40 -14.51 26.42
CA GLN B 488 -14.58 -14.30 27.28
C GLN B 488 -15.82 -14.89 26.65
N PRO B 489 -16.49 -15.82 27.34
CA PRO B 489 -17.67 -16.43 26.76
C PRO B 489 -18.77 -15.47 26.35
N ALA B 490 -18.99 -14.39 27.08
CA ALA B 490 -20.04 -13.47 26.73
C ALA B 490 -19.76 -12.70 25.44
N PHE B 491 -18.48 -12.64 25.07
CA PHE B 491 -18.07 -12.04 23.79
C PHE B 491 -18.18 -13.05 22.68
N ILE B 492 -17.67 -14.25 22.92
CA ILE B 492 -17.58 -15.23 21.83
C ILE B 492 -18.93 -15.59 21.24
N GLU B 493 -19.92 -15.86 22.06
CA GLU B 493 -21.17 -16.34 21.54
C GLU B 493 -21.83 -15.33 20.59
N PRO B 494 -22.08 -14.09 21.01
CA PRO B 494 -22.75 -13.17 20.11
C PRO B 494 -21.92 -12.81 18.91
N VAL B 495 -20.63 -12.67 19.07
CA VAL B 495 -19.80 -12.31 17.89
C VAL B 495 -19.68 -13.48 16.92
N LYS B 496 -19.62 -14.71 17.42
CA LYS B 496 -19.60 -15.89 16.56
C LYS B 496 -20.92 -15.89 15.72
N GLN B 497 -22.05 -15.65 16.37
CA GLN B 497 -23.31 -15.68 15.64
C GLN B 497 -23.39 -14.55 14.65
N MET B 498 -22.85 -13.39 14.97
CA MET B 498 -22.79 -12.24 14.06
C MET B 498 -21.97 -12.68 12.84
N MET B 499 -20.81 -13.30 13.06
CA MET B 499 -20.01 -13.81 11.96
C MET B 499 -20.78 -14.78 11.11
N LEU B 500 -21.46 -15.73 11.75
CA LEU B 500 -22.16 -16.75 11.03
C LEU B 500 -23.32 -16.27 10.18
N VAL B 501 -23.94 -15.15 10.54
CA VAL B 501 -25.06 -14.63 9.75
C VAL B 501 -24.56 -13.68 8.68
N SER B 502 -23.29 -13.26 8.78
CA SER B 502 -22.86 -12.16 7.89
C SER B 502 -22.88 -12.54 6.42
N ARG B 503 -22.50 -13.78 6.09
CA ARG B 503 -22.56 -14.21 4.70
C ARG B 503 -23.98 -14.14 4.17
N GLU B 504 -24.93 -14.66 4.95
CA GLU B 504 -26.32 -14.65 4.48
C GLU B 504 -26.85 -13.23 4.34
N ALA B 505 -26.45 -12.33 5.22
CA ALA B 505 -26.86 -10.94 5.10
C ALA B 505 -26.43 -10.42 3.76
N GLY B 506 -25.18 -10.73 3.38
CA GLY B 506 -24.64 -10.30 2.10
C GLY B 506 -25.30 -10.87 0.89
N VAL B 507 -25.86 -12.07 1.02
CA VAL B 507 -26.72 -12.64 -0.01
C VAL B 507 -28.02 -11.85 -0.05
N ASN B 508 -28.61 -11.64 1.11
CA ASN B 508 -29.93 -11.03 1.19
C ASN B 508 -30.05 -9.62 0.65
N TYR B 509 -29.11 -8.75 0.97
CA TYR B 509 -29.20 -7.40 0.42
C TYR B 509 -28.68 -7.23 -0.99
N ARG B 510 -28.13 -8.29 -1.59
CA ARG B 510 -27.64 -8.24 -2.95
C ARG B 510 -28.45 -9.02 -3.96
N SER B 511 -28.73 -10.29 -3.67
CA SER B 511 -29.29 -11.18 -4.68
C SER B 511 -29.74 -12.47 -4.04
N PRO B 512 -30.88 -12.40 -3.36
CA PRO B 512 -31.43 -13.60 -2.72
C PRO B 512 -32.20 -14.48 -3.70
N LEU B 513 -32.65 -15.64 -3.20
CA LEU B 513 -33.60 -16.53 -3.91
C LEU B 513 -33.03 -17.15 -5.18
N GLY B 514 -31.70 -17.17 -5.35
CA GLY B 514 -31.14 -17.70 -6.59
C GLY B 514 -30.81 -16.63 -7.63
N LEU B 515 -31.11 -15.36 -7.32
CA LEU B 515 -30.65 -14.27 -8.13
C LEU B 515 -29.14 -14.26 -8.04
N THR B 516 -28.54 -13.62 -9.02
CA THR B 516 -27.10 -13.64 -9.11
C THR B 516 -26.64 -12.56 -10.09
N HIS B 517 -25.37 -12.16 -9.95
CA HIS B 517 -24.72 -11.30 -10.95
C HIS B 517 -25.40 -9.95 -11.17
N LEU B 518 -25.77 -9.30 -10.07
CA LEU B 518 -26.50 -8.02 -10.12
C LEU B 518 -25.59 -6.83 -9.86
N TYR B 519 -24.29 -7.08 -9.89
CA TYR B 519 -23.26 -6.07 -9.60
C TYR B 519 -23.01 -5.05 -10.70
N SER B 520 -22.52 -3.89 -10.25
CA SER B 520 -21.92 -2.91 -11.15
C SER B 520 -20.79 -3.59 -11.89
N GLN B 521 -20.72 -3.45 -13.21
CA GLN B 521 -19.63 -4.06 -13.99
C GLN B 521 -18.63 -3.05 -14.46
N GLY B 522 -17.33 -3.33 -14.46
CA GLY B 522 -16.74 -4.52 -13.93
C GLY B 522 -16.17 -4.41 -12.51
N ASP B 523 -16.45 -3.31 -11.84
CA ASP B 523 -15.82 -3.06 -10.55
C ASP B 523 -16.37 -3.91 -9.42
N HIS B 524 -17.64 -4.26 -9.48
CA HIS B 524 -18.31 -5.15 -8.52
C HIS B 524 -18.54 -4.63 -7.13
N TYR B 525 -18.43 -3.34 -6.90
CA TYR B 525 -18.70 -2.82 -5.56
C TYR B 525 -20.17 -2.71 -5.21
N GLY B 526 -20.91 -2.02 -6.05
CA GLY B 526 -22.29 -1.67 -5.78
C GLY B 526 -23.29 -2.34 -6.71
N PRO B 527 -24.56 -2.03 -6.47
CA PRO B 527 -25.65 -2.62 -7.29
C PRO B 527 -25.75 -2.07 -8.68
N ALA B 528 -26.10 -2.93 -9.61
CA ALA B 528 -26.47 -2.50 -10.96
C ALA B 528 -27.31 -3.58 -11.66
N PRO B 529 -28.47 -3.91 -11.09
CA PRO B 529 -29.29 -4.98 -11.67
C PRO B 529 -29.90 -4.67 -13.04
N TRP B 530 -29.87 -3.40 -13.41
CA TRP B 530 -30.31 -2.99 -14.71
C TRP B 530 -29.27 -3.19 -15.81
N THR B 531 -28.07 -3.61 -15.45
CA THR B 531 -26.98 -3.68 -16.41
C THR B 531 -27.36 -4.52 -17.61
N ASP B 532 -27.25 -3.91 -18.78
CA ASP B 532 -27.36 -4.60 -20.05
C ASP B 532 -26.48 -3.93 -21.10
N ASP B 533 -26.60 -4.30 -22.36
CA ASP B 533 -25.73 -3.71 -23.40
C ASP B 533 -24.23 -3.62 -23.08
N LEU B 534 -23.58 -4.76 -22.84
CA LEU B 534 -22.13 -4.81 -22.68
C LEU B 534 -21.67 -5.64 -23.89
N PRO B 535 -20.39 -5.63 -24.21
CA PRO B 535 -19.97 -6.37 -25.39
C PRO B 535 -20.29 -7.86 -25.29
N ARG B 536 -20.41 -8.41 -24.09
CA ARG B 536 -20.89 -9.78 -24.00
C ARG B 536 -22.10 -9.84 -23.06
N ALA B 537 -23.19 -10.43 -23.55
CA ALA B 537 -24.43 -10.55 -22.77
C ALA B 537 -24.24 -11.24 -21.42
N ASP B 538 -23.32 -12.19 -21.36
CA ASP B 538 -23.07 -12.94 -20.14
C ASP B 538 -22.30 -12.14 -19.11
N TRP B 539 -21.95 -10.91 -19.45
CA TRP B 539 -21.39 -9.99 -18.46
C TRP B 539 -22.43 -9.07 -17.85
N THR B 540 -23.66 -9.12 -18.35
CA THR B 540 -24.73 -8.25 -17.86
C THR B 540 -25.50 -8.86 -16.71
N ALA B 541 -26.40 -8.08 -16.11
CA ALA B 541 -27.28 -8.58 -15.07
C ALA B 541 -28.57 -9.16 -15.64
N VAL B 542 -29.13 -8.47 -16.62
CA VAL B 542 -30.41 -8.88 -17.17
C VAL B 542 -30.36 -10.30 -17.75
N TYR B 543 -29.20 -10.70 -18.24
CA TYR B 543 -28.99 -12.05 -18.80
C TYR B 543 -29.34 -13.11 -17.78
N TYR B 544 -29.02 -12.83 -16.51
CA TYR B 544 -29.20 -13.81 -15.45
C TYR B 544 -30.59 -13.81 -14.81
N HIS B 545 -31.18 -12.64 -14.60
CA HIS B 545 -32.46 -12.57 -13.91
C HIS B 545 -33.68 -12.66 -14.79
N ARG B 546 -33.54 -12.19 -16.02
CA ARG B 546 -34.64 -12.26 -16.99
C ARG B 546 -35.97 -11.68 -16.45
N ALA B 547 -35.89 -10.66 -15.59
CA ALA B 547 -37.10 -10.12 -15.01
C ALA B 547 -37.99 -9.43 -16.04
N SER B 548 -39.30 -9.64 -15.86
CA SER B 548 -40.29 -9.04 -16.76
C SER B 548 -41.52 -8.71 -15.96
N LYS B 549 -42.53 -8.16 -16.61
CA LYS B 549 -43.75 -7.84 -15.91
C LYS B 549 -44.39 -9.09 -15.38
N THR B 550 -44.13 -10.24 -16.00
CA THR B 550 -44.78 -11.47 -15.58
C THR B 550 -44.00 -12.33 -14.58
N GLY B 551 -42.67 -12.26 -14.58
CA GLY B 551 -41.92 -13.17 -13.73
C GLY B 551 -40.45 -12.89 -13.72
N ILE B 552 -39.70 -13.82 -13.11
CA ILE B 552 -38.25 -13.66 -12.94
C ILE B 552 -37.63 -15.03 -12.80
N GLY B 553 -36.34 -15.13 -13.12
CA GLY B 553 -35.63 -16.38 -13.01
C GLY B 553 -35.18 -16.91 -14.35
N PHE B 554 -34.32 -17.91 -14.31
CA PHE B 554 -33.67 -18.49 -15.51
C PHE B 554 -34.00 -19.97 -15.56
N ASN B 555 -34.71 -20.38 -16.61
CA ASN B 555 -35.11 -21.76 -16.79
C ASN B 555 -33.95 -22.63 -17.24
N ARG B 556 -33.47 -23.47 -16.32
CA ARG B 556 -32.39 -24.41 -16.57
C ARG B 556 -32.87 -25.84 -16.44
N THR B 557 -34.19 -26.01 -16.45
CA THR B 557 -34.77 -27.35 -16.50
C THR B 557 -34.79 -27.88 -17.94
N LYS B 558 -35.34 -29.07 -18.09
CA LYS B 558 -35.46 -29.70 -19.40
C LYS B 558 -36.21 -28.85 -20.42
N THR B 559 -37.06 -27.95 -19.96
CA THR B 559 -37.77 -27.05 -20.87
C THR B 559 -37.05 -25.74 -21.17
N GLY B 560 -35.88 -25.55 -20.55
CA GLY B 560 -35.05 -24.38 -20.80
C GLY B 560 -33.69 -24.86 -21.30
N SER B 561 -32.62 -24.42 -20.64
CA SER B 561 -31.28 -24.80 -21.07
C SER B 561 -30.85 -26.21 -20.69
N ASN B 562 -31.59 -26.83 -19.81
CA ASN B 562 -31.34 -28.16 -19.34
C ASN B 562 -29.96 -28.36 -18.71
N ALA B 563 -29.48 -27.31 -18.06
CA ALA B 563 -28.24 -27.44 -17.31
C ALA B 563 -28.42 -28.45 -16.18
N LEU B 564 -29.65 -28.67 -15.72
CA LEU B 564 -29.89 -29.64 -14.67
C LEU B 564 -29.42 -31.03 -15.09
N ALA B 565 -29.43 -31.34 -16.40
CA ALA B 565 -29.01 -32.66 -16.90
C ALA B 565 -27.51 -32.86 -16.79
N GLN B 566 -26.80 -31.79 -16.45
CA GLN B 566 -25.37 -31.91 -16.20
C GLN B 566 -25.06 -32.46 -14.83
N TYR B 567 -26.08 -32.55 -13.98
CA TYR B 567 -25.96 -33.03 -12.62
C TYR B 567 -26.37 -34.46 -12.47
N PRO B 568 -25.93 -35.16 -11.42
CA PRO B 568 -26.46 -36.50 -11.18
C PRO B 568 -27.99 -36.49 -11.07
N GLU B 569 -28.61 -37.60 -11.44
CA GLU B 569 -30.06 -37.68 -11.50
C GLU B 569 -30.76 -37.22 -10.24
N PRO B 570 -30.34 -37.65 -9.05
CA PRO B 570 -31.06 -37.18 -7.85
C PRO B 570 -31.05 -35.68 -7.64
N ILE B 571 -29.99 -35.03 -8.07
CA ILE B 571 -29.89 -33.57 -7.99
C ILE B 571 -30.81 -32.94 -9.05
N ALA B 572 -30.72 -33.42 -10.28
CA ALA B 572 -31.60 -32.92 -11.34
C ALA B 572 -33.07 -33.06 -10.94
N LYS B 573 -33.40 -34.18 -10.32
CA LYS B 573 -34.77 -34.41 -9.90
C LYS B 573 -35.18 -33.45 -8.82
N ALA B 574 -34.36 -33.31 -7.78
CA ALA B 574 -34.73 -32.45 -6.67
C ALA B 574 -34.83 -30.99 -7.08
N TRP B 575 -33.93 -30.52 -7.91
CA TRP B 575 -33.93 -29.10 -8.25
C TRP B 575 -34.88 -28.77 -9.39
N GLY B 576 -35.31 -29.77 -10.14
CA GLY B 576 -36.20 -29.55 -11.26
C GLY B 576 -37.66 -29.54 -10.87
N ASP B 577 -37.97 -30.03 -9.70
CA ASP B 577 -39.35 -30.06 -9.19
C ASP B 577 -39.58 -28.91 -8.25
N LEU B 578 -40.59 -28.08 -8.49
CA LEU B 578 -40.85 -26.93 -7.62
C LEU B 578 -41.17 -27.30 -6.22
N ASN B 579 -41.65 -28.52 -6.06
CA ASN B 579 -41.98 -28.97 -4.76
C ASN B 579 -40.77 -29.25 -3.85
N SER B 580 -39.60 -29.51 -4.44
CA SER B 580 -38.39 -29.90 -3.70
C SER B 580 -37.20 -28.96 -3.87
N VAL B 581 -37.20 -28.10 -4.87
CA VAL B 581 -36.04 -27.22 -5.10
C VAL B 581 -35.88 -26.27 -3.91
N PRO B 582 -34.67 -26.10 -3.40
CA PRO B 582 -34.48 -25.17 -2.30
C PRO B 582 -34.75 -23.75 -2.75
N GLU B 583 -35.47 -23.00 -1.95
CA GLU B 583 -35.79 -21.62 -2.25
C GLU B 583 -34.54 -20.78 -2.38
N ASP B 584 -33.49 -21.16 -1.66
CA ASP B 584 -32.29 -20.35 -1.77
C ASP B 584 -31.53 -20.52 -3.09
N LEU B 585 -31.99 -21.43 -3.94
CA LEU B 585 -31.42 -21.65 -5.26
C LEU B 585 -32.45 -21.48 -6.38
N ILE B 586 -33.70 -21.15 -6.04
CA ILE B 586 -34.76 -21.43 -6.99
C ILE B 586 -34.65 -20.71 -8.32
N LEU B 587 -34.29 -19.43 -8.30
CA LEU B 587 -34.23 -18.64 -9.53
C LEU B 587 -33.01 -18.97 -10.42
N TRP B 588 -32.13 -19.83 -9.93
CA TRP B 588 -31.09 -20.37 -10.78
C TRP B 588 -31.66 -21.31 -11.83
N PHE B 589 -32.80 -21.95 -11.53
CA PHE B 589 -33.26 -23.01 -12.38
C PHE B 589 -34.66 -22.82 -12.94
N HIS B 590 -35.43 -21.94 -12.31
CA HIS B 590 -36.82 -21.72 -12.74
C HIS B 590 -37.10 -20.28 -13.00
N HIS B 591 -37.86 -20.03 -14.05
CA HIS B 591 -38.45 -18.73 -14.31
C HIS B 591 -39.90 -18.85 -13.81
N LEU B 592 -40.20 -18.07 -12.81
CA LEU B 592 -41.44 -18.14 -12.06
C LEU B 592 -42.26 -16.86 -12.14
N SER B 593 -43.57 -17.00 -12.17
CA SER B 593 -44.44 -15.86 -12.15
C SER B 593 -44.34 -15.17 -10.79
N TRP B 594 -44.56 -13.85 -10.77
CA TRP B 594 -44.48 -13.13 -9.53
C TRP B 594 -45.49 -13.57 -8.51
N ASP B 595 -46.58 -14.21 -8.96
CA ASP B 595 -47.60 -14.74 -8.04
C ASP B 595 -47.34 -16.10 -7.44
N HIS B 596 -46.24 -16.75 -7.81
CA HIS B 596 -45.88 -18.01 -7.18
C HIS B 596 -45.76 -17.82 -5.68
N ARG B 597 -46.40 -18.67 -4.89
CA ARG B 597 -46.30 -18.57 -3.44
C ARG B 597 -45.20 -19.40 -2.88
N MET B 598 -44.40 -18.76 -2.04
CA MET B 598 -43.24 -19.36 -1.40
C MET B 598 -43.64 -20.02 -0.10
N GLN B 599 -42.73 -20.75 0.54
CA GLN B 599 -43.02 -21.48 1.76
C GLN B 599 -43.57 -20.54 2.86
N SER B 600 -43.09 -19.32 2.90
CA SER B 600 -43.58 -18.35 3.88
C SER B 600 -45.04 -17.90 3.70
N GLY B 601 -45.62 -18.17 2.54
CA GLY B 601 -46.95 -17.68 2.21
C GLY B 601 -46.95 -16.43 1.36
N ARG B 602 -45.82 -15.71 1.33
CA ARG B 602 -45.67 -14.59 0.48
C ARG B 602 -45.58 -15.02 -0.98
N ASN B 603 -46.05 -14.15 -1.89
CA ASN B 603 -45.77 -14.39 -3.30
C ASN B 603 -44.30 -14.03 -3.55
N LEU B 604 -43.80 -14.36 -4.73
CA LEU B 604 -42.39 -14.22 -5.04
C LEU B 604 -41.98 -12.77 -5.00
N TRP B 605 -42.79 -11.88 -5.53
CA TRP B 605 -42.47 -10.45 -5.41
C TRP B 605 -42.32 -10.05 -3.94
N GLN B 606 -43.29 -10.43 -3.12
CA GLN B 606 -43.25 -10.08 -1.73
C GLN B 606 -42.03 -10.68 -1.03
N GLU B 607 -41.71 -11.90 -1.38
CA GLU B 607 -40.56 -12.63 -0.81
C GLU B 607 -39.25 -11.94 -1.20
N LEU B 608 -39.13 -11.55 -2.47
CA LEU B 608 -37.96 -10.80 -2.92
C LEU B 608 -37.78 -9.53 -2.09
N VAL B 609 -38.83 -8.76 -1.92
CA VAL B 609 -38.73 -7.53 -1.15
C VAL B 609 -38.35 -7.85 0.30
N HIS B 610 -39.00 -8.86 0.88
CA HIS B 610 -38.71 -9.30 2.24
C HIS B 610 -37.24 -9.62 2.47
N LYS B 611 -36.65 -10.34 1.54
CA LYS B 611 -35.23 -10.75 1.69
C LYS B 611 -34.32 -9.53 1.60
N TYR B 612 -34.53 -8.64 0.64
CA TYR B 612 -33.69 -7.46 0.51
C TYR B 612 -33.75 -6.63 1.78
N TYR B 613 -34.94 -6.42 2.33
CA TYR B 613 -35.09 -5.67 3.57
C TYR B 613 -34.48 -6.43 4.73
N GLN B 614 -34.61 -7.75 4.74
CA GLN B 614 -34.03 -8.57 5.80
C GLN B 614 -32.50 -8.41 5.85
N GLY B 615 -31.85 -8.33 4.70
CA GLY B 615 -30.39 -8.19 4.68
C GLY B 615 -29.95 -6.92 5.37
N VAL B 616 -30.66 -5.82 5.13
CA VAL B 616 -30.33 -4.57 5.78
C VAL B 616 -30.57 -4.69 7.28
N GLU B 617 -31.67 -5.31 7.67
CA GLU B 617 -31.94 -5.52 9.08
C GLU B 617 -30.84 -6.36 9.75
N GLN B 618 -30.32 -7.36 9.03
CA GLN B 618 -29.28 -8.21 9.58
C GLN B 618 -28.00 -7.37 9.83
N VAL B 619 -27.68 -6.48 8.90
CA VAL B 619 -26.53 -5.58 9.11
C VAL B 619 -26.78 -4.68 10.32
N ARG B 620 -27.98 -4.10 10.44
CA ARG B 620 -28.28 -3.25 11.61
C ARG B 620 -28.15 -4.03 12.91
N ALA B 621 -28.54 -5.29 12.90
CA ALA B 621 -28.42 -6.13 14.07
C ALA B 621 -26.94 -6.39 14.38
N MET B 622 -26.12 -6.59 13.34
CA MET B 622 -24.66 -6.79 13.53
C MET B 622 -24.08 -5.54 14.17
N GLN B 623 -24.52 -4.34 13.76
CA GLN B 623 -24.06 -3.11 14.40
C GLN B 623 -24.35 -3.12 15.89
N ARG B 624 -25.57 -3.46 16.26
CA ARG B 624 -25.96 -3.49 17.66
C ARG B 624 -25.15 -4.51 18.45
N THR B 625 -24.97 -5.70 17.87
CA THR B 625 -24.15 -6.73 18.50
C THR B 625 -22.74 -6.19 18.74
N TRP B 626 -22.11 -5.63 17.70
CA TRP B 626 -20.73 -5.19 17.86
C TRP B 626 -20.64 -4.12 18.97
N ASP B 627 -21.57 -3.18 19.00
CA ASP B 627 -21.56 -2.14 20.02
C ASP B 627 -21.55 -2.72 21.43
N GLN B 628 -22.20 -3.87 21.61
CA GLN B 628 -22.27 -4.51 22.93
C GLN B 628 -20.95 -5.12 23.38
N GLN B 629 -19.95 -5.13 22.50
CA GLN B 629 -18.68 -5.80 22.80
C GLN B 629 -17.54 -4.87 23.20
N GLU B 630 -17.85 -3.59 23.42
CA GLU B 630 -16.83 -2.60 23.67
C GLU B 630 -15.91 -2.94 24.84
N ALA B 631 -16.44 -3.64 25.86
CA ALA B 631 -15.62 -3.96 27.02
C ALA B 631 -14.59 -5.06 26.78
N TYR B 632 -14.76 -5.79 25.71
CA TYR B 632 -13.94 -6.97 25.45
C TYR B 632 -12.89 -6.83 24.37
N VAL B 633 -12.96 -5.74 23.62
CA VAL B 633 -12.10 -5.48 22.47
C VAL B 633 -11.24 -4.25 22.70
N ASP B 634 -10.00 -4.23 22.22
CA ASP B 634 -9.19 -3.03 22.31
C ASP B 634 -9.87 -1.89 21.59
N ALA B 635 -9.61 -0.68 22.04
CA ALA B 635 -10.32 0.47 21.53
C ALA B 635 -10.12 0.69 20.03
N ALA B 636 -8.90 0.45 19.53
CA ALA B 636 -8.61 0.72 18.15
C ALA B 636 -9.35 -0.20 17.19
N ARG B 637 -9.25 -1.50 17.36
CA ARG B 637 -10.02 -2.38 16.50
C ARG B 637 -11.51 -2.22 16.75
N PHE B 638 -11.93 -1.92 17.98
CA PHE B 638 -13.34 -1.72 18.21
C PHE B 638 -13.88 -0.58 17.34
N ALA B 639 -13.19 0.54 17.36
CA ALA B 639 -13.57 1.69 16.62
C ALA B 639 -13.56 1.44 15.11
N GLN B 640 -12.55 0.72 14.63
CA GLN B 640 -12.44 0.47 13.22
C GLN B 640 -13.62 -0.37 12.72
N VAL B 641 -13.91 -1.46 13.41
CA VAL B 641 -15.00 -2.33 13.01
C VAL B 641 -16.35 -1.60 13.11
N LYS B 642 -16.52 -0.83 14.17
CA LYS B 642 -17.72 -0.03 14.33
C LYS B 642 -17.94 0.89 13.12
N ALA B 643 -16.89 1.60 12.72
CA ALA B 643 -17.00 2.49 11.58
C ALA B 643 -17.27 1.76 10.28
N LEU B 644 -16.55 0.67 10.07
CA LEU B 644 -16.77 -0.13 8.87
C LEU B 644 -18.21 -0.62 8.78
N LEU B 645 -18.75 -1.04 9.92
CA LEU B 645 -20.14 -1.51 9.94
C LEU B 645 -21.09 -0.37 9.56
N GLN B 646 -20.77 0.88 9.91
CA GLN B 646 -21.56 1.99 9.44
C GLN B 646 -21.55 2.14 7.94
N VAL B 647 -20.37 2.02 7.34
CA VAL B 647 -20.24 2.07 5.88
C VAL B 647 -21.05 0.95 5.25
N GLN B 648 -20.95 -0.23 5.84
CA GLN B 648 -21.67 -1.40 5.33
C GLN B 648 -23.17 -1.18 5.39
N GLU B 649 -23.67 -0.61 6.46
CA GLU B 649 -25.12 -0.40 6.57
C GLU B 649 -25.55 0.58 5.49
N ARG B 650 -24.79 1.65 5.30
CA ARG B 650 -25.14 2.64 4.27
C ARG B 650 -25.16 1.99 2.89
N GLU B 651 -24.16 1.17 2.62
CA GLU B 651 -24.11 0.51 1.32
C GLU B 651 -25.19 -0.55 1.15
N ALA B 652 -25.51 -1.25 2.24
CA ALA B 652 -26.58 -2.24 2.22
C ALA B 652 -27.95 -1.58 1.90
N VAL B 653 -28.19 -0.41 2.48
CA VAL B 653 -29.40 0.32 2.16
C VAL B 653 -29.40 0.70 0.69
N ARG B 654 -28.24 1.12 0.17
CA ARG B 654 -28.15 1.48 -1.24
C ARG B 654 -28.44 0.27 -2.13
N TRP B 655 -27.89 -0.87 -1.76
CA TRP B 655 -28.14 -2.13 -2.48
C TRP B 655 -29.64 -2.46 -2.46
N ARG B 656 -30.21 -2.45 -1.25
CA ARG B 656 -31.62 -2.75 -1.09
C ARG B 656 -32.50 -1.83 -1.94
N ASN B 657 -32.31 -0.53 -1.78
CA ASN B 657 -33.15 0.42 -2.48
C ASN B 657 -32.98 0.27 -3.98
N SER B 658 -31.75 0.14 -4.42
CA SER B 658 -31.48 0.06 -5.85
C SER B 658 -32.14 -1.15 -6.48
N CYS B 659 -32.00 -2.28 -5.83
CA CYS B 659 -32.53 -3.54 -6.35
C CYS B 659 -34.03 -3.60 -6.24
N VAL B 660 -34.58 -3.20 -5.09
CA VAL B 660 -36.06 -3.22 -4.93
C VAL B 660 -36.71 -2.25 -5.90
N LEU B 661 -36.19 -1.05 -6.04
CA LEU B 661 -36.77 -0.10 -7.00
C LEU B 661 -36.57 -0.56 -8.43
N TYR B 662 -35.45 -1.20 -8.71
CA TYR B 662 -35.28 -1.70 -10.07
C TYR B 662 -36.32 -2.79 -10.37
N PHE B 663 -36.37 -3.83 -9.55
CA PHE B 663 -37.30 -4.89 -9.82
C PHE B 663 -38.75 -4.41 -9.81
N GLN B 664 -39.05 -3.40 -8.98
CA GLN B 664 -40.38 -2.83 -8.98
C GLN B 664 -40.66 -2.23 -10.33
N SER B 665 -39.68 -1.55 -10.91
CA SER B 665 -39.89 -0.87 -12.19
C SER B 665 -40.24 -1.82 -13.31
N VAL B 666 -39.77 -3.06 -13.16
CA VAL B 666 -40.00 -4.08 -14.17
C VAL B 666 -41.30 -4.81 -13.84
N ALA B 667 -41.52 -5.16 -12.58
CA ALA B 667 -42.73 -5.91 -12.17
C ALA B 667 -44.00 -5.07 -12.08
N GLY B 668 -43.84 -3.80 -11.79
CA GLY B 668 -44.97 -2.90 -11.60
C GLY B 668 -45.86 -3.29 -10.43
N ARG B 669 -45.26 -3.60 -9.28
CA ARG B 669 -45.99 -4.00 -8.10
C ARG B 669 -45.51 -3.14 -6.96
N PRO B 670 -46.37 -2.85 -6.01
CA PRO B 670 -45.98 -1.99 -4.89
C PRO B 670 -45.12 -2.66 -3.86
N ILE B 671 -44.25 -1.88 -3.22
CA ILE B 671 -43.53 -2.35 -2.06
C ILE B 671 -44.56 -2.38 -0.94
N PRO B 672 -44.73 -3.50 -0.28
CA PRO B 672 -45.71 -3.55 0.81
C PRO B 672 -45.54 -2.41 1.79
N ALA B 673 -46.68 -1.88 2.22
CA ALA B 673 -46.71 -0.66 3.02
C ALA B 673 -45.98 -0.68 4.33
N ASN B 674 -45.81 -1.86 4.94
CA ASN B 674 -45.08 -1.99 6.21
C ASN B 674 -43.58 -1.64 6.13
N TYR B 675 -43.00 -1.73 4.92
CA TYR B 675 -41.57 -1.47 4.74
C TYR B 675 -41.34 0.03 4.59
N GLU B 676 -40.18 0.49 5.01
CA GLU B 676 -39.85 1.89 4.78
C GLU B 676 -39.70 2.10 3.28
N GLN B 677 -40.44 3.01 2.69
CA GLN B 677 -40.31 3.25 1.25
C GLN B 677 -39.16 4.17 0.92
N PRO B 678 -38.36 3.84 -0.08
CA PRO B 678 -37.36 4.80 -0.52
C PRO B 678 -38.03 6.10 -0.84
N GLU B 679 -37.25 7.13 -0.76
CA GLU B 679 -37.81 8.43 -0.96
C GLU B 679 -37.42 8.93 -2.33
N HIS B 680 -36.34 8.40 -2.86
CA HIS B 680 -35.93 8.79 -4.19
C HIS B 680 -36.35 7.74 -5.17
N ASP B 681 -36.20 8.05 -6.44
CA ASP B 681 -36.61 7.17 -7.47
C ASP B 681 -35.44 6.33 -7.97
N LEU B 682 -35.75 5.46 -8.92
CA LEU B 682 -34.75 4.58 -9.50
C LEU B 682 -33.63 5.38 -10.18
N GLU B 683 -33.96 6.46 -10.89
CA GLU B 683 -32.93 7.26 -11.52
C GLU B 683 -31.88 7.76 -10.53
N TYR B 684 -32.30 8.11 -9.33
CA TYR B 684 -31.40 8.58 -8.30
C TYR B 684 -30.37 7.49 -7.99
N TYR B 685 -30.84 6.24 -7.91
CA TYR B 685 -29.85 5.23 -7.56
C TYR B 685 -29.04 4.80 -8.79
N LYS B 686 -29.50 5.01 -10.02
CA LYS B 686 -28.62 4.87 -11.17
C LYS B 686 -27.51 5.95 -11.11
N MET B 687 -27.87 7.15 -10.68
CA MET B 687 -26.91 8.23 -10.53
C MET B 687 -25.91 7.87 -9.40
N LEU B 688 -26.40 7.30 -8.32
CA LEU B 688 -25.47 6.90 -7.25
C LEU B 688 -24.53 5.80 -7.77
N ALA B 689 -25.03 4.90 -8.61
CA ALA B 689 -24.17 3.85 -9.14
C ALA B 689 -23.04 4.44 -9.99
N ARG B 690 -23.33 5.51 -10.72
CA ARG B 690 -22.32 6.14 -11.53
C ARG B 690 -21.36 7.00 -10.73
N THR B 691 -21.76 7.47 -9.55
CA THR B 691 -20.97 8.45 -8.82
C THR B 691 -20.39 8.01 -7.49
N THR B 692 -20.80 6.86 -6.93
CA THR B 692 -20.33 6.45 -5.64
C THR B 692 -18.94 5.88 -5.72
N TYR B 693 -18.04 6.42 -4.93
CA TYR B 693 -16.65 5.98 -4.96
C TYR B 693 -16.47 4.48 -4.83
N VAL B 694 -15.67 3.94 -5.73
CA VAL B 694 -15.33 2.51 -5.74
C VAL B 694 -14.00 2.29 -5.05
N PRO B 695 -13.98 1.71 -3.84
CA PRO B 695 -12.74 1.67 -3.06
C PRO B 695 -11.79 0.51 -3.36
N GLU B 696 -11.16 0.58 -4.52
CA GLU B 696 -10.13 -0.37 -4.90
C GLU B 696 -9.17 0.30 -5.87
N PRO B 697 -7.87 0.26 -5.58
CA PRO B 697 -6.90 0.85 -6.49
C PRO B 697 -6.92 0.26 -7.88
N TRP B 698 -7.06 -1.04 -8.00
CA TRP B 698 -6.93 -1.68 -9.30
C TRP B 698 -7.97 -1.35 -10.37
N HIS B 699 -9.26 -1.40 -10.02
CA HIS B 699 -10.20 -1.31 -11.10
C HIS B 699 -10.36 0.13 -11.55
N PRO B 700 -10.42 0.38 -12.84
CA PRO B 700 -10.52 1.75 -13.35
C PRO B 700 -11.68 2.58 -12.80
N ALA B 701 -12.74 1.97 -12.32
CA ALA B 701 -13.86 2.73 -11.81
C ALA B 701 -13.45 3.64 -10.65
N SER B 702 -12.43 3.26 -9.90
CA SER B 702 -12.01 4.10 -8.80
C SER B 702 -11.43 5.45 -9.29
N SER B 703 -11.07 5.51 -10.57
CA SER B 703 -10.58 6.76 -11.19
C SER B 703 -11.63 7.49 -11.98
N SER B 704 -12.86 6.98 -12.01
CA SER B 704 -13.92 7.61 -12.82
C SER B 704 -14.27 8.96 -12.28
N ARG B 705 -14.30 9.96 -13.16
CA ARG B 705 -14.62 11.34 -12.78
C ARG B 705 -16.07 11.71 -13.04
N VAL B 706 -16.90 10.70 -13.31
CA VAL B 706 -18.32 10.93 -13.58
C VAL B 706 -18.98 11.55 -12.35
N LEU B 707 -19.77 12.60 -12.55
CA LEU B 707 -20.36 13.39 -11.47
C LEU B 707 -21.87 13.55 -11.58
N LYS B 708 -22.46 12.90 -12.57
CA LYS B 708 -23.92 12.94 -12.77
C LYS B 708 -24.50 11.61 -13.17
#